data_2DOA
#
_entry.id   2DOA
#
_entity_poly.entity_id   1
_entity_poly.type   'polypeptide(L)'
_entity_poly.pdbx_seq_one_letter_code
;GSSGSSGVSQRPFRDRVLHLLALRPYRKAELLLRLQKDGLTQADKDALDGLLQQVANMSAKDGTCTLQDCMYKDVQKDWP
GYSEGDQQLLKRVLVRKLSGPSSG
;
_entity_poly.pdbx_strand_id   A
#
# COMPACT_ATOMS: atom_id res chain seq x y z
N GLY A 1 15.32 -7.30 -4.38
CA GLY A 1 16.67 -7.81 -4.03
C GLY A 1 16.69 -9.31 -3.82
N SER A 2 16.45 -10.06 -4.89
CA SER A 2 16.45 -11.52 -4.82
C SER A 2 17.26 -12.13 -5.95
N SER A 3 17.03 -11.65 -7.16
CA SER A 3 17.74 -12.13 -8.33
C SER A 3 18.08 -10.99 -9.28
N GLY A 4 19.38 -10.70 -9.41
CA GLY A 4 19.81 -9.63 -10.28
C GLY A 4 19.30 -8.27 -9.85
N SER A 5 18.35 -7.73 -10.60
CA SER A 5 17.76 -6.43 -10.28
C SER A 5 16.53 -6.59 -9.41
N SER A 6 15.90 -5.46 -9.07
CA SER A 6 14.70 -5.47 -8.25
C SER A 6 13.47 -5.09 -9.06
N GLY A 7 12.38 -5.82 -8.85
CA GLY A 7 11.15 -5.54 -9.56
C GLY A 7 9.93 -5.67 -8.68
N VAL A 8 8.90 -4.87 -8.98
CA VAL A 8 7.66 -4.90 -8.22
C VAL A 8 6.69 -5.92 -8.79
N SER A 9 6.76 -6.14 -10.09
CA SER A 9 5.88 -7.10 -10.76
C SER A 9 6.06 -8.50 -10.18
N GLN A 10 7.30 -8.84 -9.86
CA GLN A 10 7.61 -10.15 -9.30
C GLN A 10 6.85 -10.37 -7.98
N ARG A 11 6.63 -9.27 -7.25
CA ARG A 11 5.92 -9.34 -5.98
C ARG A 11 4.43 -9.58 -6.19
N PRO A 12 3.75 -10.18 -5.20
CA PRO A 12 2.31 -10.46 -5.29
C PRO A 12 1.49 -9.19 -5.49
N PHE A 13 0.17 -9.34 -5.48
CA PHE A 13 -0.73 -8.20 -5.65
C PHE A 13 -1.09 -7.58 -4.32
N ARG A 14 -1.30 -8.41 -3.30
CA ARG A 14 -1.64 -7.93 -1.97
C ARG A 14 -0.55 -7.02 -1.42
N ASP A 15 0.70 -7.32 -1.77
CA ASP A 15 1.83 -6.53 -1.31
C ASP A 15 1.95 -5.24 -2.09
N ARG A 16 1.58 -5.28 -3.37
CA ARG A 16 1.65 -4.10 -4.23
C ARG A 16 0.74 -2.99 -3.70
N VAL A 17 -0.41 -3.38 -3.14
CA VAL A 17 -1.35 -2.42 -2.60
C VAL A 17 -1.12 -2.19 -1.11
N LEU A 18 -0.63 -3.22 -0.43
CA LEU A 18 -0.37 -3.14 1.01
C LEU A 18 0.72 -2.11 1.30
N HIS A 19 1.64 -1.94 0.35
CA HIS A 19 2.73 -0.99 0.50
C HIS A 19 2.30 0.42 0.07
N LEU A 20 1.47 0.48 -0.96
CA LEU A 20 0.98 1.77 -1.47
C LEU A 20 0.22 2.52 -0.39
N LEU A 21 -0.76 1.86 0.20
CA LEU A 21 -1.57 2.47 1.26
C LEU A 21 -0.75 2.66 2.53
N ALA A 22 0.29 1.85 2.71
CA ALA A 22 1.14 1.94 3.88
C ALA A 22 1.72 3.35 4.04
N LEU A 23 2.08 3.96 2.92
CA LEU A 23 2.64 5.30 2.94
C LEU A 23 1.59 6.33 3.34
N ARG A 24 0.65 6.58 2.43
CA ARG A 24 -0.42 7.54 2.68
C ARG A 24 -1.73 7.06 2.08
N PRO A 25 -2.87 7.60 2.57
CA PRO A 25 -4.20 7.22 2.07
C PRO A 25 -4.31 7.31 0.55
N TYR A 26 -4.64 6.19 -0.07
CA TYR A 26 -4.78 6.14 -1.53
C TYR A 26 -6.22 5.82 -1.93
N ARG A 27 -6.75 6.61 -2.87
CA ARG A 27 -8.11 6.41 -3.34
C ARG A 27 -8.17 5.25 -4.34
N LYS A 28 -9.39 4.87 -4.72
CA LYS A 28 -9.59 3.78 -5.67
C LYS A 28 -9.04 4.15 -7.05
N ALA A 29 -9.37 5.36 -7.51
CA ALA A 29 -8.92 5.83 -8.80
C ALA A 29 -7.42 6.13 -8.79
N GLU A 30 -6.96 6.78 -7.72
CA GLU A 30 -5.55 7.12 -7.58
C GLU A 30 -4.69 5.86 -7.50
N LEU A 31 -5.14 4.89 -6.70
CA LEU A 31 -4.41 3.64 -6.54
C LEU A 31 -4.48 2.80 -7.81
N LEU A 32 -5.59 2.90 -8.52
CA LEU A 32 -5.77 2.15 -9.77
C LEU A 32 -4.74 2.57 -10.81
N LEU A 33 -4.60 3.88 -11.00
CA LEU A 33 -3.65 4.40 -11.96
C LEU A 33 -2.21 4.06 -11.57
N ARG A 34 -1.97 4.02 -10.27
CA ARG A 34 -0.63 3.70 -9.76
C ARG A 34 -0.25 2.26 -10.11
N LEU A 35 -1.16 1.34 -9.87
CA LEU A 35 -0.92 -0.08 -10.16
C LEU A 35 -0.89 -0.32 -11.66
N GLN A 36 -1.74 0.40 -12.38
CA GLN A 36 -1.83 0.25 -13.83
C GLN A 36 -0.48 0.59 -14.48
N LYS A 37 0.28 1.46 -13.85
CA LYS A 37 1.59 1.86 -14.38
C LYS A 37 2.51 0.65 -14.51
N ASP A 38 2.46 -0.24 -13.53
CA ASP A 38 3.29 -1.44 -13.55
C ASP A 38 2.57 -2.59 -14.24
N GLY A 39 1.25 -2.65 -14.07
CA GLY A 39 0.47 -3.70 -14.69
C GLY A 39 -0.82 -3.98 -13.94
N LEU A 40 -1.95 -3.72 -14.57
CA LEU A 40 -3.25 -3.95 -13.95
C LEU A 40 -4.25 -4.50 -14.97
N THR A 41 -4.89 -5.61 -14.63
CA THR A 41 -5.87 -6.23 -15.51
C THR A 41 -7.27 -6.15 -14.90
N GLN A 42 -8.24 -6.73 -15.60
CA GLN A 42 -9.62 -6.72 -15.14
C GLN A 42 -9.76 -7.51 -13.84
N ALA A 43 -8.98 -8.57 -13.70
CA ALA A 43 -9.01 -9.40 -12.51
C ALA A 43 -8.44 -8.67 -11.31
N ASP A 44 -7.49 -7.77 -11.56
CA ASP A 44 -6.86 -6.99 -10.51
C ASP A 44 -7.70 -5.77 -10.15
N LYS A 45 -8.37 -5.22 -11.16
CA LYS A 45 -9.21 -4.04 -10.96
C LYS A 45 -10.35 -4.35 -9.99
N ASP A 46 -11.18 -5.33 -10.35
CA ASP A 46 -12.31 -5.71 -9.51
C ASP A 46 -11.82 -6.25 -8.16
N ALA A 47 -10.81 -7.10 -8.20
CA ALA A 47 -10.27 -7.68 -6.98
C ALA A 47 -9.73 -6.61 -6.04
N LEU A 48 -9.26 -5.51 -6.62
CA LEU A 48 -8.72 -4.40 -5.84
C LEU A 48 -9.81 -3.79 -4.96
N ASP A 49 -11.00 -3.63 -5.51
CA ASP A 49 -12.12 -3.05 -4.79
C ASP A 49 -12.44 -3.87 -3.54
N GLY A 50 -12.35 -5.19 -3.66
CA GLY A 50 -12.62 -6.06 -2.53
C GLY A 50 -11.45 -6.18 -1.59
N LEU A 51 -10.25 -5.99 -2.12
CA LEU A 51 -9.04 -6.08 -1.31
C LEU A 51 -8.86 -4.82 -0.46
N LEU A 52 -9.16 -3.67 -1.05
CA LEU A 52 -9.03 -2.39 -0.34
C LEU A 52 -9.93 -2.37 0.89
N GLN A 53 -11.18 -2.77 0.72
CA GLN A 53 -12.13 -2.81 1.82
C GLN A 53 -11.67 -3.75 2.92
N GLN A 54 -10.85 -4.73 2.55
CA GLN A 54 -10.33 -5.70 3.52
C GLN A 54 -9.04 -5.20 4.16
N VAL A 55 -8.06 -4.85 3.34
CA VAL A 55 -6.78 -4.37 3.83
C VAL A 55 -6.73 -2.84 3.84
N ALA A 56 -7.89 -2.21 3.99
CA ALA A 56 -7.98 -0.76 4.01
C ALA A 56 -9.40 -0.31 4.36
N ASN A 57 -9.53 0.95 4.76
CA ASN A 57 -10.83 1.51 5.11
C ASN A 57 -11.19 2.67 4.19
N MET A 58 -12.37 2.61 3.60
CA MET A 58 -12.84 3.65 2.70
C MET A 58 -13.86 4.56 3.39
N SER A 59 -13.82 5.85 3.07
CA SER A 59 -14.74 6.81 3.65
C SER A 59 -15.94 7.03 2.76
N ALA A 60 -17.08 7.36 3.37
CA ALA A 60 -18.31 7.60 2.63
C ALA A 60 -18.55 9.08 2.40
N LYS A 61 -17.45 9.83 2.29
CA LYS A 61 -17.54 11.28 2.08
C LYS A 61 -16.33 11.77 1.29
N ASP A 62 -15.14 11.35 1.70
CA ASP A 62 -13.91 11.75 1.02
C ASP A 62 -13.67 10.91 -0.23
N GLY A 63 -13.70 9.60 -0.07
CA GLY A 63 -13.48 8.71 -1.20
C GLY A 63 -12.07 8.20 -1.28
N THR A 64 -11.43 8.03 -0.12
CA THR A 64 -10.05 7.56 -0.07
C THR A 64 -9.94 6.34 0.84
N CYS A 65 -9.00 5.45 0.51
CA CYS A 65 -8.79 4.25 1.30
C CYS A 65 -7.55 4.39 2.18
N THR A 66 -7.67 4.01 3.45
CA THR A 66 -6.57 4.10 4.39
C THR A 66 -6.22 2.72 4.96
N LEU A 67 -4.94 2.40 4.98
CA LEU A 67 -4.47 1.12 5.50
C LEU A 67 -4.78 0.99 6.99
N GLN A 68 -5.11 -0.22 7.42
CA GLN A 68 -5.42 -0.48 8.82
C GLN A 68 -4.17 -0.31 9.69
N ASP A 69 -4.33 -0.57 10.98
CA ASP A 69 -3.21 -0.44 11.93
C ASP A 69 -2.47 -1.77 12.06
N CYS A 70 -3.21 -2.87 12.05
CA CYS A 70 -2.61 -4.20 12.17
C CYS A 70 -1.99 -4.63 10.84
N MET A 71 -2.57 -4.17 9.74
CA MET A 71 -2.07 -4.51 8.41
C MET A 71 -0.64 -4.04 8.24
N TYR A 72 -0.28 -2.96 8.93
CA TYR A 72 1.07 -2.40 8.84
C TYR A 72 2.11 -3.45 9.24
N LYS A 73 1.72 -4.36 10.13
CA LYS A 73 2.63 -5.41 10.59
C LYS A 73 3.13 -6.24 9.42
N ASP A 74 2.37 -6.28 8.33
CA ASP A 74 2.76 -7.04 7.16
C ASP A 74 3.43 -6.15 6.12
N VAL A 75 4.17 -5.15 6.61
CA VAL A 75 4.87 -4.23 5.71
C VAL A 75 6.38 -4.33 5.91
N GLN A 76 7.11 -4.37 4.80
CA GLN A 76 8.56 -4.48 4.84
C GLN A 76 9.21 -3.14 4.53
N LYS A 77 10.52 -3.05 4.76
CA LYS A 77 11.26 -1.82 4.50
C LYS A 77 12.10 -1.94 3.23
N ASP A 78 12.31 -3.16 2.77
CA ASP A 78 13.10 -3.40 1.57
C ASP A 78 12.21 -3.55 0.35
N TRP A 79 11.12 -2.77 0.32
CA TRP A 79 10.18 -2.82 -0.79
C TRP A 79 10.73 -2.05 -2.00
N PRO A 80 10.89 -2.73 -3.15
CA PRO A 80 11.41 -2.09 -4.37
C PRO A 80 10.68 -0.81 -4.71
N GLY A 81 9.42 -0.71 -4.29
CA GLY A 81 8.63 0.47 -4.56
C GLY A 81 9.25 1.73 -3.98
N TYR A 82 9.65 1.66 -2.71
CA TYR A 82 10.26 2.81 -2.05
C TYR A 82 11.70 3.00 -2.52
N SER A 83 12.32 4.09 -2.07
CA SER A 83 13.69 4.40 -2.45
C SER A 83 14.41 5.14 -1.33
N GLU A 84 13.94 6.35 -1.03
CA GLU A 84 14.55 7.16 0.03
C GLU A 84 13.49 8.03 0.71
N GLY A 85 12.94 8.98 -0.02
CA GLY A 85 11.93 9.85 0.54
C GLY A 85 10.70 9.11 1.01
N ASP A 86 10.40 7.99 0.34
CA ASP A 86 9.25 7.17 0.71
C ASP A 86 9.56 6.30 1.91
N GLN A 87 10.78 5.79 1.96
CA GLN A 87 11.20 4.93 3.07
C GLN A 87 11.14 5.68 4.40
N GLN A 88 11.78 6.84 4.44
CA GLN A 88 11.81 7.66 5.65
C GLN A 88 10.40 8.06 6.05
N LEU A 89 9.53 8.28 5.07
CA LEU A 89 8.15 8.67 5.33
C LEU A 89 7.38 7.53 5.99
N LEU A 90 7.71 6.30 5.61
CA LEU A 90 7.05 5.12 6.16
C LEU A 90 7.48 4.88 7.60
N LYS A 91 8.71 5.30 7.92
CA LYS A 91 9.25 5.12 9.27
C LYS A 91 8.35 5.80 10.30
N ARG A 92 8.17 7.11 10.16
CA ARG A 92 7.35 7.88 11.08
C ARG A 92 5.93 7.33 11.13
N VAL A 93 5.48 6.75 10.02
CA VAL A 93 4.14 6.19 9.93
C VAL A 93 4.05 4.89 10.74
N LEU A 94 5.06 4.05 10.62
CA LEU A 94 5.09 2.78 11.33
C LEU A 94 5.07 3.00 12.84
N VAL A 95 5.69 4.08 13.29
CA VAL A 95 5.76 4.41 14.71
C VAL A 95 4.38 4.80 15.24
N ARG A 96 3.69 5.66 14.49
CA ARG A 96 2.37 6.12 14.90
C ARG A 96 1.36 4.97 14.89
N LYS A 97 1.56 4.02 13.98
CA LYS A 97 0.68 2.86 13.88
C LYS A 97 1.15 1.74 14.80
N LEU A 98 2.31 1.17 14.49
CA LEU A 98 2.86 0.08 15.28
C LEU A 98 3.49 0.61 16.56
N SER A 99 3.20 -0.05 17.68
CA SER A 99 3.74 0.36 18.97
C SER A 99 3.30 1.78 19.33
N GLY A 100 2.28 1.88 20.17
CA GLY A 100 1.77 3.17 20.58
C GLY A 100 1.28 3.18 22.01
N PRO A 101 0.28 4.03 22.32
CA PRO A 101 -0.29 4.13 23.68
C PRO A 101 -0.70 2.76 24.22
N SER A 102 -1.28 2.76 25.42
CA SER A 102 -1.72 1.52 26.06
C SER A 102 -2.82 0.86 25.25
N SER A 103 -3.97 1.50 25.18
CA SER A 103 -5.11 0.97 24.43
C SER A 103 -5.73 2.04 23.54
N GLY A 104 -5.46 1.95 22.25
CA GLY A 104 -6.00 2.92 21.31
C GLY A 104 -5.12 3.11 20.09
N GLY A 1 15.97 10.47 -12.21
CA GLY A 1 16.59 9.88 -13.43
C GLY A 1 16.71 8.38 -13.36
N SER A 2 15.84 7.68 -14.11
CA SER A 2 15.84 6.23 -14.13
C SER A 2 15.62 5.66 -12.73
N SER A 3 15.75 4.34 -12.60
CA SER A 3 15.58 3.68 -11.32
C SER A 3 14.16 3.90 -10.78
N GLY A 4 13.37 2.84 -10.77
CA GLY A 4 12.01 2.94 -10.27
C GLY A 4 11.14 1.78 -10.74
N SER A 5 10.34 1.25 -9.83
CA SER A 5 9.45 0.12 -10.15
C SER A 5 10.25 -1.09 -10.61
N SER A 6 11.43 -1.28 -10.02
CA SER A 6 12.29 -2.40 -10.36
C SER A 6 12.25 -3.48 -9.28
N GLY A 7 11.35 -4.44 -9.43
CA GLY A 7 11.22 -5.50 -8.46
C GLY A 7 9.98 -5.38 -7.60
N VAL A 8 8.88 -4.93 -8.21
CA VAL A 8 7.63 -4.75 -7.49
C VAL A 8 6.55 -5.68 -8.04
N SER A 9 6.54 -5.84 -9.36
CA SER A 9 5.56 -6.69 -10.01
C SER A 9 5.71 -8.15 -9.57
N GLN A 10 6.96 -8.54 -9.31
CA GLN A 10 7.25 -9.90 -8.88
C GLN A 10 6.58 -10.20 -7.53
N ARG A 11 6.65 -9.24 -6.61
CA ARG A 11 6.05 -9.39 -5.29
C ARG A 11 4.54 -9.58 -5.41
N PRO A 12 3.91 -10.17 -4.36
CA PRO A 12 2.47 -10.40 -4.35
C PRO A 12 1.67 -9.15 -4.67
N PHE A 13 0.37 -9.32 -4.90
CA PHE A 13 -0.50 -8.20 -5.23
C PHE A 13 -0.95 -7.47 -3.97
N ARG A 14 -1.15 -8.23 -2.89
CA ARG A 14 -1.58 -7.65 -1.62
C ARG A 14 -0.46 -6.81 -1.00
N ASP A 15 0.78 -7.20 -1.26
CA ASP A 15 1.94 -6.48 -0.72
C ASP A 15 2.11 -5.14 -1.44
N ARG A 16 1.75 -5.11 -2.71
CA ARG A 16 1.88 -3.90 -3.51
C ARG A 16 0.95 -2.80 -3.00
N VAL A 17 -0.33 -3.14 -2.85
CA VAL A 17 -1.32 -2.18 -2.36
C VAL A 17 -1.15 -1.92 -0.87
N LEU A 18 -0.76 -2.97 -0.14
CA LEU A 18 -0.56 -2.85 1.31
C LEU A 18 0.52 -1.83 1.62
N HIS A 19 1.56 -1.79 0.81
CA HIS A 19 2.66 -0.86 1.00
C HIS A 19 2.27 0.54 0.51
N LEU A 20 1.45 0.60 -0.52
CA LEU A 20 1.00 1.87 -1.08
C LEU A 20 0.18 2.65 -0.05
N LEU A 21 -0.83 1.99 0.52
CA LEU A 21 -1.68 2.62 1.50
C LEU A 21 -0.90 3.01 2.75
N ALA A 22 0.16 2.25 3.03
CA ALA A 22 1.00 2.51 4.19
C ALA A 22 1.59 3.92 4.13
N LEU A 23 2.11 4.29 2.97
CA LEU A 23 2.71 5.60 2.77
C LEU A 23 1.69 6.71 3.04
N ARG A 24 0.53 6.59 2.42
CA ARG A 24 -0.54 7.57 2.59
C ARG A 24 -1.83 7.11 1.93
N PRO A 25 -2.98 7.67 2.36
CA PRO A 25 -4.28 7.29 1.81
C PRO A 25 -4.32 7.38 0.28
N TYR A 26 -4.71 6.28 -0.35
CA TYR A 26 -4.79 6.24 -1.81
C TYR A 26 -6.22 5.99 -2.27
N ARG A 27 -6.83 6.99 -2.90
CA ARG A 27 -8.19 6.88 -3.38
C ARG A 27 -8.32 5.73 -4.39
N LYS A 28 -9.56 5.41 -4.74
CA LYS A 28 -9.82 4.34 -5.70
C LYS A 28 -9.26 4.68 -7.07
N ALA A 29 -9.55 5.90 -7.53
CA ALA A 29 -9.07 6.36 -8.83
C ALA A 29 -7.57 6.58 -8.82
N GLU A 30 -7.04 7.03 -7.69
CA GLU A 30 -5.61 7.29 -7.55
C GLU A 30 -4.84 5.99 -7.44
N LEU A 31 -5.45 4.98 -6.80
CA LEU A 31 -4.81 3.69 -6.64
C LEU A 31 -4.95 2.84 -7.89
N LEU A 32 -6.06 3.04 -8.61
CA LEU A 32 -6.32 2.29 -9.83
C LEU A 32 -5.31 2.65 -10.92
N LEU A 33 -5.10 3.94 -11.13
CA LEU A 33 -4.16 4.42 -12.13
C LEU A 33 -2.72 4.12 -11.71
N ARG A 34 -2.47 4.16 -10.40
CA ARG A 34 -1.14 3.89 -9.88
C ARG A 34 -0.67 2.49 -10.25
N LEU A 35 -1.44 1.49 -9.84
CA LEU A 35 -1.11 0.10 -10.14
C LEU A 35 -1.03 -0.14 -11.64
N GLN A 36 -1.83 0.61 -12.40
CA GLN A 36 -1.85 0.49 -13.85
C GLN A 36 -0.48 0.80 -14.44
N LYS A 37 0.26 1.69 -13.79
CA LYS A 37 1.59 2.07 -14.24
C LYS A 37 2.56 0.90 -14.14
N ASP A 38 2.33 0.04 -13.15
CA ASP A 38 3.19 -1.13 -12.93
C ASP A 38 2.71 -2.32 -13.76
N GLY A 39 1.39 -2.51 -13.79
CA GLY A 39 0.83 -3.61 -14.55
C GLY A 39 -0.48 -4.10 -13.97
N LEU A 40 -1.54 -3.31 -14.17
CA LEU A 40 -2.87 -3.68 -13.67
C LEU A 40 -3.80 -4.06 -14.81
N THR A 41 -4.57 -5.12 -14.62
CA THR A 41 -5.50 -5.59 -15.63
C THR A 41 -6.92 -5.66 -15.06
N GLN A 42 -7.90 -5.85 -15.94
CA GLN A 42 -9.30 -5.94 -15.52
C GLN A 42 -9.48 -7.00 -14.44
N ALA A 43 -8.64 -8.04 -14.49
CA ALA A 43 -8.70 -9.12 -13.52
C ALA A 43 -8.25 -8.65 -12.14
N ASP A 44 -7.29 -7.73 -12.13
CA ASP A 44 -6.76 -7.19 -10.88
C ASP A 44 -7.68 -6.11 -10.33
N LYS A 45 -8.34 -5.39 -11.22
CA LYS A 45 -9.25 -4.32 -10.82
C LYS A 45 -10.37 -4.86 -9.93
N ASP A 46 -11.06 -5.89 -10.41
CA ASP A 46 -12.15 -6.50 -9.66
C ASP A 46 -11.67 -7.02 -8.32
N ALA A 47 -10.42 -7.49 -8.29
CA ALA A 47 -9.83 -8.03 -7.06
C ALA A 47 -9.40 -6.91 -6.13
N LEU A 48 -9.06 -5.76 -6.71
CA LEU A 48 -8.62 -4.60 -5.92
C LEU A 48 -9.77 -4.05 -5.09
N ASP A 49 -10.96 -4.00 -5.69
CA ASP A 49 -12.13 -3.48 -5.00
C ASP A 49 -12.43 -4.29 -3.75
N GLY A 50 -12.24 -5.60 -3.84
CA GLY A 50 -12.50 -6.47 -2.71
C GLY A 50 -11.34 -6.50 -1.73
N LEU A 51 -10.14 -6.26 -2.23
CA LEU A 51 -8.94 -6.27 -1.40
C LEU A 51 -8.88 -5.01 -0.53
N LEU A 52 -9.24 -3.88 -1.11
CA LEU A 52 -9.23 -2.61 -0.39
C LEU A 52 -10.16 -2.67 0.83
N GLN A 53 -11.28 -3.36 0.68
CA GLN A 53 -12.24 -3.50 1.77
C GLN A 53 -11.72 -4.43 2.86
N GLN A 54 -10.78 -5.30 2.49
CA GLN A 54 -10.20 -6.24 3.45
C GLN A 54 -8.94 -5.66 4.09
N VAL A 55 -8.03 -5.16 3.26
CA VAL A 55 -6.78 -4.59 3.75
C VAL A 55 -6.81 -3.07 3.70
N ALA A 56 -8.00 -2.49 3.89
CA ALA A 56 -8.15 -1.04 3.86
C ALA A 56 -9.58 -0.64 4.18
N ASN A 57 -9.83 0.66 4.27
CA ASN A 57 -11.16 1.17 4.57
C ASN A 57 -11.49 2.39 3.69
N MET A 58 -12.74 2.48 3.28
CA MET A 58 -13.18 3.58 2.43
C MET A 58 -13.95 4.63 3.25
N SER A 59 -13.84 5.89 2.83
CA SER A 59 -14.52 6.97 3.53
C SER A 59 -15.91 7.20 2.96
N ALA A 60 -16.84 7.63 3.81
CA ALA A 60 -18.21 7.88 3.38
C ALA A 60 -18.44 9.37 3.11
N LYS A 61 -17.43 10.00 2.50
CA LYS A 61 -17.52 11.43 2.17
C LYS A 61 -16.76 11.73 0.89
N ASP A 62 -15.52 11.27 0.82
CA ASP A 62 -14.69 11.51 -0.35
C ASP A 62 -14.46 10.22 -1.13
N GLY A 63 -13.94 9.21 -0.45
CA GLY A 63 -13.69 7.93 -1.09
C GLY A 63 -12.21 7.57 -1.12
N THR A 64 -11.51 7.84 -0.03
CA THR A 64 -10.09 7.55 0.07
C THR A 64 -9.85 6.24 0.81
N CYS A 65 -9.01 5.38 0.23
CA CYS A 65 -8.70 4.09 0.84
C CYS A 65 -7.58 4.23 1.85
N THR A 66 -7.92 4.12 3.13
CA THR A 66 -6.93 4.23 4.20
C THR A 66 -6.55 2.85 4.74
N LEU A 67 -5.30 2.72 5.15
CA LEU A 67 -4.81 1.45 5.69
C LEU A 67 -5.19 1.29 7.16
N GLN A 68 -5.32 0.04 7.59
CA GLN A 68 -5.68 -0.24 8.98
C GLN A 68 -4.47 -0.12 9.89
N ASP A 69 -4.67 -0.36 11.18
CA ASP A 69 -3.60 -0.29 12.16
C ASP A 69 -2.92 -1.64 12.33
N CYS A 70 -3.70 -2.71 12.19
CA CYS A 70 -3.18 -4.06 12.33
C CYS A 70 -2.48 -4.51 11.05
N MET A 71 -2.97 -4.02 9.91
CA MET A 71 -2.39 -4.37 8.62
C MET A 71 -0.95 -3.87 8.51
N TYR A 72 -0.65 -2.80 9.23
CA TYR A 72 0.70 -2.22 9.22
C TYR A 72 1.75 -3.26 9.60
N LYS A 73 1.35 -4.21 10.44
CA LYS A 73 2.26 -5.26 10.89
C LYS A 73 2.74 -6.10 9.70
N ASP A 74 1.89 -6.22 8.69
CA ASP A 74 2.22 -7.00 7.50
C ASP A 74 3.26 -6.28 6.65
N VAL A 75 3.22 -4.95 6.69
CA VAL A 75 4.16 -4.14 5.92
C VAL A 75 5.60 -4.44 6.30
N GLN A 76 6.49 -4.42 5.32
CA GLN A 76 7.91 -4.70 5.56
C GLN A 76 8.71 -3.40 5.55
N LYS A 77 10.00 -3.52 5.89
CA LYS A 77 10.88 -2.36 5.91
C LYS A 77 11.99 -2.50 4.86
N ASP A 78 11.67 -3.16 3.76
CA ASP A 78 12.63 -3.36 2.69
C ASP A 78 11.92 -3.51 1.34
N TRP A 79 10.78 -2.85 1.21
CA TRP A 79 10.01 -2.92 -0.03
C TRP A 79 10.77 -2.28 -1.20
N PRO A 80 11.03 -3.05 -2.27
CA PRO A 80 11.76 -2.54 -3.44
C PRO A 80 11.13 -1.28 -4.01
N GLY A 81 9.84 -1.09 -3.76
CA GLY A 81 9.15 0.09 -4.25
C GLY A 81 9.78 1.37 -3.78
N TYR A 82 10.09 1.44 -2.49
CA TYR A 82 10.72 2.63 -1.91
C TYR A 82 12.14 2.81 -2.43
N SER A 83 12.74 3.95 -2.11
CA SER A 83 14.09 4.25 -2.54
C SER A 83 14.84 5.06 -1.48
N GLU A 84 14.20 6.13 -1.02
CA GLU A 84 14.80 6.99 -0.01
C GLU A 84 13.74 7.87 0.65
N GLY A 85 13.10 8.72 -0.14
CA GLY A 85 12.07 9.60 0.38
C GLY A 85 10.91 8.83 1.00
N ASP A 86 10.57 7.70 0.40
CA ASP A 86 9.47 6.87 0.88
C ASP A 86 9.91 6.01 2.07
N GLN A 87 11.18 5.61 2.06
CA GLN A 87 11.73 4.80 3.14
C GLN A 87 11.67 5.52 4.47
N GLN A 88 12.12 6.77 4.48
CA GLN A 88 12.11 7.58 5.70
C GLN A 88 10.69 7.85 6.15
N LEU A 89 9.80 8.11 5.20
CA LEU A 89 8.41 8.40 5.50
C LEU A 89 7.74 7.20 6.18
N LEU A 90 7.87 6.03 5.57
CA LEU A 90 7.29 4.81 6.12
C LEU A 90 7.85 4.51 7.51
N LYS A 91 9.09 4.91 7.74
CA LYS A 91 9.74 4.68 9.03
C LYS A 91 8.97 5.37 10.15
N ARG A 92 8.51 6.60 9.88
CA ARG A 92 7.76 7.35 10.87
C ARG A 92 6.29 6.93 10.91
N VAL A 93 5.79 6.50 9.75
CA VAL A 93 4.40 6.07 9.65
C VAL A 93 4.19 4.74 10.37
N LEU A 94 5.22 3.91 10.40
CA LEU A 94 5.15 2.61 11.05
C LEU A 94 5.26 2.76 12.57
N VAL A 95 6.12 3.66 13.01
CA VAL A 95 6.31 3.89 14.44
C VAL A 95 5.11 4.60 15.05
N ARG A 96 4.58 5.58 14.32
CA ARG A 96 3.41 6.33 14.79
C ARG A 96 2.21 5.42 14.97
N LYS A 97 2.11 4.41 14.12
CA LYS A 97 1.00 3.46 14.19
C LYS A 97 1.35 2.25 15.05
N LEU A 98 2.40 1.54 14.67
CA LEU A 98 2.84 0.37 15.40
C LEU A 98 3.61 0.77 16.66
N SER A 99 2.88 1.25 17.66
CA SER A 99 3.50 1.67 18.92
C SER A 99 2.97 0.84 20.09
N GLY A 100 3.53 1.08 21.27
CA GLY A 100 3.11 0.34 22.44
C GLY A 100 2.76 1.26 23.61
N PRO A 101 1.64 1.99 23.51
CA PRO A 101 1.20 2.90 24.58
C PRO A 101 0.74 2.16 25.83
N SER A 102 -0.06 1.12 25.63
CA SER A 102 -0.58 0.33 26.75
C SER A 102 -0.79 -1.12 26.34
N SER A 103 -1.85 -1.36 25.56
CA SER A 103 -2.16 -2.70 25.09
C SER A 103 -1.46 -3.00 23.77
N GLY A 104 -1.77 -2.19 22.76
CA GLY A 104 -1.15 -2.39 21.45
C GLY A 104 -1.74 -3.57 20.71
N GLY A 1 17.54 8.34 -17.64
CA GLY A 1 17.79 6.89 -17.40
C GLY A 1 16.67 6.01 -17.91
N SER A 2 16.49 4.86 -17.27
CA SER A 2 15.44 3.93 -17.68
C SER A 2 14.81 3.26 -16.45
N SER A 3 13.89 2.32 -16.69
CA SER A 3 13.23 1.61 -15.62
C SER A 3 12.88 0.18 -16.04
N GLY A 4 13.85 -0.51 -16.63
CA GLY A 4 13.63 -1.87 -17.07
C GLY A 4 14.07 -2.90 -16.04
N SER A 5 13.67 -2.69 -14.79
CA SER A 5 14.02 -3.60 -13.72
C SER A 5 12.77 -4.15 -13.02
N SER A 6 12.98 -5.05 -12.07
CA SER A 6 11.87 -5.66 -11.34
C SER A 6 11.93 -5.29 -9.86
N GLY A 7 10.91 -5.69 -9.11
CA GLY A 7 10.85 -5.39 -7.70
C GLY A 7 9.46 -5.06 -7.23
N VAL A 8 8.73 -4.28 -8.01
CA VAL A 8 7.37 -3.89 -7.65
C VAL A 8 6.35 -4.72 -8.44
N SER A 9 6.72 -5.12 -9.65
CA SER A 9 5.84 -5.90 -10.49
C SER A 9 5.95 -7.39 -10.16
N GLN A 10 7.15 -7.80 -9.74
CA GLN A 10 7.39 -9.20 -9.40
C GLN A 10 6.62 -9.59 -8.14
N ARG A 11 6.42 -8.63 -7.25
CA ARG A 11 5.70 -8.87 -6.00
C ARG A 11 4.21 -9.03 -6.27
N PRO A 12 3.50 -9.81 -5.42
CA PRO A 12 2.07 -10.04 -5.56
C PRO A 12 1.28 -8.74 -5.72
N PHE A 13 -0.04 -8.86 -5.83
CA PHE A 13 -0.90 -7.70 -5.97
C PHE A 13 -1.18 -7.06 -4.62
N ARG A 14 -1.58 -7.89 -3.66
CA ARG A 14 -1.89 -7.39 -2.31
C ARG A 14 -0.66 -6.73 -1.69
N ASP A 15 0.52 -7.22 -2.05
CA ASP A 15 1.77 -6.67 -1.53
C ASP A 15 1.99 -5.24 -2.02
N ARG A 16 1.61 -4.99 -3.27
CA ARG A 16 1.76 -3.66 -3.85
C ARG A 16 0.84 -2.66 -3.18
N VAL A 17 -0.39 -3.09 -2.91
CA VAL A 17 -1.38 -2.23 -2.27
C VAL A 17 -1.13 -2.14 -0.76
N LEU A 18 -0.72 -3.26 -0.17
CA LEU A 18 -0.44 -3.30 1.26
C LEU A 18 0.66 -2.32 1.63
N HIS A 19 1.58 -2.08 0.71
CA HIS A 19 2.68 -1.16 0.94
C HIS A 19 2.29 0.26 0.54
N LEU A 20 1.44 0.38 -0.47
CA LEU A 20 0.98 1.68 -0.95
C LEU A 20 0.13 2.37 0.11
N LEU A 21 -0.90 1.68 0.58
CA LEU A 21 -1.79 2.22 1.60
C LEU A 21 -1.03 2.58 2.87
N ALA A 22 0.01 1.79 3.16
CA ALA A 22 0.82 2.02 4.36
C ALA A 22 1.51 3.38 4.28
N LEU A 23 2.05 3.71 3.12
CA LEU A 23 2.74 4.98 2.92
C LEU A 23 1.78 6.15 3.09
N ARG A 24 0.58 6.01 2.54
CA ARG A 24 -0.43 7.07 2.63
C ARG A 24 -1.76 6.60 2.03
N PRO A 25 -2.88 7.21 2.45
CA PRO A 25 -4.21 6.85 1.95
C PRO A 25 -4.28 6.88 0.43
N TYR A 26 -4.84 5.82 -0.15
CA TYR A 26 -4.98 5.72 -1.59
C TYR A 26 -6.41 5.40 -1.99
N ARG A 27 -7.03 6.34 -2.69
CA ARG A 27 -8.42 6.17 -3.13
C ARG A 27 -8.54 5.03 -4.14
N LYS A 28 -9.74 4.81 -4.64
CA LYS A 28 -9.99 3.75 -5.61
C LYS A 28 -9.47 4.14 -6.99
N ALA A 29 -9.68 5.40 -7.36
CA ALA A 29 -9.23 5.90 -8.65
C ALA A 29 -7.74 6.22 -8.63
N GLU A 30 -7.29 6.83 -7.55
CA GLU A 30 -5.88 7.20 -7.39
C GLU A 30 -5.00 5.96 -7.31
N LEU A 31 -5.55 4.88 -6.74
CA LEU A 31 -4.82 3.63 -6.60
C LEU A 31 -4.82 2.86 -7.91
N LEU A 32 -5.92 2.93 -8.65
CA LEU A 32 -6.04 2.23 -9.92
C LEU A 32 -5.00 2.73 -10.92
N LEU A 33 -4.77 4.04 -10.92
CA LEU A 33 -3.80 4.64 -11.82
C LEU A 33 -2.37 4.26 -11.43
N ARG A 34 -2.10 4.26 -10.13
CA ARG A 34 -0.78 3.91 -9.62
C ARG A 34 -0.41 2.49 -10.02
N LEU A 35 -1.35 1.57 -9.82
CA LEU A 35 -1.11 0.16 -10.16
C LEU A 35 -1.01 -0.03 -11.66
N GLN A 36 -1.72 0.81 -12.41
CA GLN A 36 -1.72 0.73 -13.87
C GLN A 36 -0.33 1.04 -14.42
N LYS A 37 0.35 2.01 -13.81
CA LYS A 37 1.68 2.40 -14.25
C LYS A 37 2.65 1.23 -14.13
N ASP A 38 2.42 0.36 -13.15
CA ASP A 38 3.27 -0.79 -12.93
C ASP A 38 2.71 -2.03 -13.64
N GLY A 39 1.39 -2.13 -13.68
CA GLY A 39 0.75 -3.27 -14.33
C GLY A 39 -0.57 -3.64 -13.68
N LEU A 40 -1.66 -3.15 -14.24
CA LEU A 40 -2.99 -3.44 -13.72
C LEU A 40 -3.93 -3.89 -14.84
N THR A 41 -4.57 -5.04 -14.63
CA THR A 41 -5.49 -5.59 -15.62
C THR A 41 -6.91 -5.62 -15.06
N GLN A 42 -7.84 -6.15 -15.86
CA GLN A 42 -9.23 -6.25 -15.44
C GLN A 42 -9.38 -7.12 -14.20
N ALA A 43 -8.51 -8.12 -14.08
CA ALA A 43 -8.54 -9.03 -12.94
C ALA A 43 -8.15 -8.30 -11.66
N ASP A 44 -7.06 -7.56 -11.71
CA ASP A 44 -6.58 -6.81 -10.55
C ASP A 44 -7.55 -5.68 -10.20
N LYS A 45 -8.21 -5.13 -11.22
CA LYS A 45 -9.15 -4.04 -11.01
C LYS A 45 -10.29 -4.46 -10.09
N ASP A 46 -11.08 -5.44 -10.54
CA ASP A 46 -12.20 -5.95 -9.76
C ASP A 46 -11.72 -6.51 -8.42
N ALA A 47 -10.58 -7.19 -8.45
CA ALA A 47 -10.02 -7.79 -7.24
C ALA A 47 -9.58 -6.70 -6.25
N LEU A 48 -9.12 -5.58 -6.79
CA LEU A 48 -8.66 -4.46 -5.96
C LEU A 48 -9.80 -3.93 -5.09
N ASP A 49 -11.01 -3.96 -5.65
CA ASP A 49 -12.18 -3.47 -4.91
C ASP A 49 -12.39 -4.25 -3.63
N GLY A 50 -12.49 -5.57 -3.75
CA GLY A 50 -12.69 -6.41 -2.58
C GLY A 50 -11.48 -6.44 -1.66
N LEU A 51 -10.31 -6.20 -2.24
CA LEU A 51 -9.06 -6.22 -1.47
C LEU A 51 -8.96 -4.97 -0.59
N LEU A 52 -9.24 -3.81 -1.17
CA LEU A 52 -9.19 -2.55 -0.44
C LEU A 52 -10.13 -2.57 0.76
N GLN A 53 -11.36 -2.98 0.52
CA GLN A 53 -12.36 -3.05 1.59
C GLN A 53 -11.91 -3.98 2.71
N GLN A 54 -11.02 -4.92 2.38
CA GLN A 54 -10.51 -5.86 3.36
C GLN A 54 -9.24 -5.35 4.01
N VAL A 55 -8.26 -5.00 3.18
CA VAL A 55 -6.98 -4.49 3.67
C VAL A 55 -6.95 -2.97 3.66
N ALA A 56 -8.10 -2.35 3.88
CA ALA A 56 -8.19 -0.90 3.89
C ALA A 56 -9.61 -0.44 4.25
N ASN A 57 -9.71 0.76 4.83
CA ASN A 57 -11.01 1.30 5.22
C ASN A 57 -11.41 2.44 4.29
N MET A 58 -12.28 2.14 3.33
CA MET A 58 -12.75 3.15 2.39
C MET A 58 -13.50 4.26 3.10
N SER A 59 -13.37 5.49 2.59
CA SER A 59 -14.03 6.64 3.19
C SER A 59 -15.42 6.84 2.59
N ALA A 60 -16.34 7.34 3.40
CA ALA A 60 -17.70 7.57 2.96
C ALA A 60 -17.91 9.02 2.54
N LYS A 61 -16.91 9.58 1.87
CA LYS A 61 -16.98 10.97 1.41
C LYS A 61 -16.33 11.12 0.04
N ASP A 62 -15.00 11.02 0.00
CA ASP A 62 -14.26 11.15 -1.25
C ASP A 62 -13.96 9.77 -1.84
N GLY A 63 -13.65 8.82 -0.97
CA GLY A 63 -13.34 7.47 -1.43
C GLY A 63 -11.89 7.10 -1.19
N THR A 64 -11.29 7.68 -0.15
CA THR A 64 -9.90 7.39 0.18
C THR A 64 -9.79 6.14 1.04
N CYS A 65 -9.03 5.16 0.56
CA CYS A 65 -8.85 3.91 1.28
C CYS A 65 -7.55 3.93 2.08
N THR A 66 -7.67 3.91 3.40
CA THR A 66 -6.50 3.92 4.27
C THR A 66 -6.22 2.53 4.84
N LEU A 67 -4.95 2.24 5.09
CA LEU A 67 -4.56 0.95 5.63
C LEU A 67 -4.91 0.84 7.11
N GLN A 68 -5.29 -0.36 7.53
CA GLN A 68 -5.65 -0.59 8.93
C GLN A 68 -4.42 -0.52 9.83
N ASP A 69 -4.65 -0.54 11.14
CA ASP A 69 -3.56 -0.48 12.11
C ASP A 69 -2.71 -1.75 12.04
N CYS A 70 -3.32 -2.89 12.36
CA CYS A 70 -2.62 -4.16 12.34
C CYS A 70 -2.06 -4.47 10.95
N MET A 71 -2.69 -3.89 9.93
CA MET A 71 -2.25 -4.10 8.55
C MET A 71 -0.80 -3.69 8.38
N TYR A 72 -0.39 -2.65 9.11
CA TYR A 72 0.99 -2.16 9.03
C TYR A 72 1.98 -3.26 9.38
N LYS A 73 1.56 -4.19 10.23
CA LYS A 73 2.42 -5.30 10.64
C LYS A 73 2.77 -6.19 9.46
N ASP A 74 1.84 -6.27 8.49
CA ASP A 74 2.05 -7.09 7.31
C ASP A 74 3.08 -6.46 6.38
N VAL A 75 3.15 -5.14 6.39
CA VAL A 75 4.10 -4.41 5.55
C VAL A 75 5.54 -4.83 5.85
N GLN A 76 6.30 -5.11 4.80
CA GLN A 76 7.69 -5.52 4.94
C GLN A 76 8.58 -4.32 5.19
N LYS A 77 9.88 -4.58 5.36
CA LYS A 77 10.85 -3.51 5.61
C LYS A 77 11.78 -3.34 4.42
N ASP A 78 11.94 -4.41 3.62
CA ASP A 78 12.81 -4.36 2.45
C ASP A 78 11.99 -4.35 1.16
N TRP A 79 10.90 -3.59 1.16
CA TRP A 79 10.04 -3.49 -0.01
C TRP A 79 10.80 -2.88 -1.19
N PRO A 80 10.92 -3.63 -2.30
CA PRO A 80 11.64 -3.16 -3.49
C PRO A 80 11.15 -1.78 -3.95
N GLY A 81 9.89 -1.48 -3.67
CA GLY A 81 9.33 -0.20 -4.05
C GLY A 81 10.09 0.97 -3.46
N TYR A 82 10.33 0.91 -2.16
CA TYR A 82 11.04 1.98 -1.47
C TYR A 82 12.53 1.95 -1.80
N SER A 83 13.24 3.01 -1.46
CA SER A 83 14.67 3.10 -1.72
C SER A 83 15.36 4.02 -0.72
N GLU A 84 14.79 5.22 -0.54
CA GLU A 84 15.35 6.19 0.40
C GLU A 84 14.26 7.11 0.93
N GLY A 85 13.60 7.83 0.02
CA GLY A 85 12.55 8.75 0.42
C GLY A 85 11.37 8.02 1.05
N ASP A 86 10.95 6.93 0.43
CA ASP A 86 9.82 6.15 0.92
C ASP A 86 10.19 5.43 2.22
N GLN A 87 11.44 5.00 2.32
CA GLN A 87 11.92 4.29 3.50
C GLN A 87 11.80 5.17 4.74
N GLN A 88 12.34 6.38 4.66
CA GLN A 88 12.30 7.33 5.78
C GLN A 88 10.85 7.73 6.08
N LEU A 89 10.06 7.90 5.03
CA LEU A 89 8.66 8.29 5.20
C LEU A 89 7.85 7.15 5.80
N LEU A 90 8.21 5.92 5.47
CA LEU A 90 7.52 4.75 5.98
C LEU A 90 7.81 4.55 7.46
N LYS A 91 9.02 4.93 7.88
CA LYS A 91 9.42 4.80 9.27
C LYS A 91 8.51 5.62 10.19
N ARG A 92 8.41 6.92 9.90
CA ARG A 92 7.58 7.81 10.70
C ARG A 92 6.13 7.32 10.75
N VAL A 93 5.64 6.85 9.61
CA VAL A 93 4.27 6.35 9.52
C VAL A 93 4.05 5.17 10.48
N LEU A 94 5.01 4.25 10.50
CA LEU A 94 4.93 3.09 11.37
C LEU A 94 4.95 3.49 12.85
N VAL A 95 5.78 4.47 13.17
CA VAL A 95 5.90 4.95 14.54
C VAL A 95 4.66 5.75 14.94
N ARG A 96 4.09 6.48 13.99
CA ARG A 96 2.91 7.29 14.24
C ARG A 96 1.68 6.41 14.45
N LYS A 97 1.64 5.29 13.75
CA LYS A 97 0.53 4.35 13.85
C LYS A 97 0.73 3.38 15.01
N LEU A 98 1.82 2.61 14.94
CA LEU A 98 2.13 1.64 15.99
C LEU A 98 2.53 2.34 17.28
N SER A 99 1.53 2.71 18.08
CA SER A 99 1.78 3.39 19.35
C SER A 99 0.88 2.83 20.45
N GLY A 100 1.11 1.57 20.80
CA GLY A 100 0.30 0.95 21.84
C GLY A 100 0.85 1.20 23.24
N PRO A 101 0.66 0.26 24.17
CA PRO A 101 1.15 0.41 25.55
C PRO A 101 2.62 0.78 25.61
N SER A 102 2.89 2.07 25.84
CA SER A 102 4.25 2.56 25.91
C SER A 102 4.30 3.96 26.51
N SER A 103 3.76 4.93 25.78
CA SER A 103 3.73 6.32 26.23
C SER A 103 2.29 6.80 26.43
N GLY A 104 1.77 6.59 27.64
CA GLY A 104 0.41 7.01 27.93
C GLY A 104 -0.25 6.15 28.99
N GLY A 1 22.14 -13.23 -16.25
CA GLY A 1 22.19 -12.29 -15.09
C GLY A 1 20.85 -12.14 -14.40
N SER A 2 20.69 -11.06 -13.64
CA SER A 2 19.44 -10.81 -12.94
C SER A 2 19.42 -9.39 -12.38
N SER A 3 20.54 -8.97 -11.79
CA SER A 3 20.64 -7.63 -11.22
C SER A 3 19.62 -7.44 -10.10
N GLY A 4 19.59 -6.23 -9.54
CA GLY A 4 18.66 -5.93 -8.48
C GLY A 4 17.28 -5.56 -9.00
N SER A 5 17.12 -4.28 -9.36
CA SER A 5 15.84 -3.80 -9.87
C SER A 5 14.73 -3.97 -8.84
N SER A 6 13.51 -3.65 -9.23
CA SER A 6 12.36 -3.77 -8.33
C SER A 6 11.38 -4.81 -8.85
N GLY A 7 11.19 -5.88 -8.07
CA GLY A 7 10.27 -6.93 -8.47
C GLY A 7 8.87 -6.71 -7.93
N VAL A 8 8.32 -5.53 -8.18
CA VAL A 8 6.97 -5.19 -7.72
C VAL A 8 5.94 -6.17 -8.29
N SER A 9 6.13 -6.56 -9.55
CA SER A 9 5.21 -7.49 -10.20
C SER A 9 5.40 -8.90 -9.67
N GLN A 10 6.64 -9.23 -9.30
CA GLN A 10 6.96 -10.55 -8.78
C GLN A 10 6.26 -10.80 -7.45
N ARG A 11 6.17 -9.77 -6.63
CA ARG A 11 5.51 -9.87 -5.33
C ARG A 11 4.00 -9.90 -5.48
N PRO A 12 3.29 -10.50 -4.51
CA PRO A 12 1.83 -10.59 -4.54
C PRO A 12 1.16 -9.23 -4.78
N PHE A 13 -0.01 -9.25 -5.40
CA PHE A 13 -0.74 -8.02 -5.68
C PHE A 13 -1.18 -7.34 -4.38
N ARG A 14 -1.47 -8.14 -3.37
CA ARG A 14 -1.90 -7.61 -2.08
C ARG A 14 -0.78 -6.79 -1.43
N ASP A 15 0.45 -7.26 -1.57
CA ASP A 15 1.61 -6.56 -1.01
C ASP A 15 1.76 -5.17 -1.62
N ARG A 16 1.52 -5.08 -2.92
CA ARG A 16 1.64 -3.81 -3.63
C ARG A 16 0.68 -2.78 -3.06
N VAL A 17 -0.55 -3.20 -2.82
CA VAL A 17 -1.58 -2.32 -2.28
C VAL A 17 -1.38 -2.11 -0.78
N LEU A 18 -0.98 -3.18 -0.09
CA LEU A 18 -0.75 -3.12 1.36
C LEU A 18 0.36 -2.13 1.69
N HIS A 19 1.32 -2.00 0.77
CA HIS A 19 2.45 -1.09 0.98
C HIS A 19 2.07 0.33 0.59
N LEU A 20 1.33 0.48 -0.51
CA LEU A 20 0.91 1.78 -0.98
C LEU A 20 0.08 2.51 0.08
N LEU A 21 -0.98 1.84 0.54
CA LEU A 21 -1.85 2.42 1.56
C LEU A 21 -1.07 2.74 2.83
N ALA A 22 -0.05 1.94 3.11
CA ALA A 22 0.77 2.15 4.29
C ALA A 22 1.42 3.52 4.29
N LEU A 23 1.84 3.97 3.11
CA LEU A 23 2.48 5.27 2.97
C LEU A 23 1.48 6.39 3.16
N ARG A 24 0.58 6.55 2.20
CA ARG A 24 -0.44 7.59 2.26
C ARG A 24 -1.79 7.07 1.74
N PRO A 25 -2.90 7.59 2.28
CA PRO A 25 -4.24 7.18 1.86
C PRO A 25 -4.44 7.29 0.35
N TYR A 26 -4.63 6.14 -0.30
CA TYR A 26 -4.83 6.11 -1.74
C TYR A 26 -6.28 5.77 -2.08
N ARG A 27 -6.95 6.71 -2.74
CA ARG A 27 -8.35 6.51 -3.13
C ARG A 27 -8.48 5.34 -4.09
N LYS A 28 -9.71 5.11 -4.57
CA LYS A 28 -9.96 4.02 -5.50
C LYS A 28 -9.37 4.33 -6.88
N ALA A 29 -9.45 5.61 -7.27
CA ALA A 29 -8.92 6.03 -8.56
C ALA A 29 -7.43 6.34 -8.47
N GLU A 30 -7.04 7.03 -7.40
CA GLU A 30 -5.64 7.38 -7.19
C GLU A 30 -4.77 6.14 -7.08
N LEU A 31 -5.34 5.08 -6.54
CA LEU A 31 -4.62 3.82 -6.36
C LEU A 31 -4.54 3.06 -7.69
N LEU A 32 -5.57 3.22 -8.52
CA LEU A 32 -5.61 2.54 -9.82
C LEU A 32 -4.48 3.04 -10.72
N LEU A 33 -4.24 4.35 -10.71
CA LEU A 33 -3.20 4.94 -11.53
C LEU A 33 -1.84 4.36 -11.17
N ARG A 34 -1.55 4.28 -9.88
CA ARG A 34 -0.28 3.74 -9.41
C ARG A 34 -0.11 2.29 -9.83
N LEU A 35 -1.11 1.46 -9.54
CA LEU A 35 -1.06 0.05 -9.89
C LEU A 35 -0.95 -0.12 -11.40
N GLN A 36 -1.53 0.82 -12.15
CA GLN A 36 -1.50 0.77 -13.61
C GLN A 36 -0.11 1.13 -14.14
N LYS A 37 0.58 2.00 -13.40
CA LYS A 37 1.91 2.43 -13.81
C LYS A 37 2.88 1.25 -13.90
N ASP A 38 2.63 0.24 -13.07
CA ASP A 38 3.47 -0.95 -13.06
C ASP A 38 2.83 -2.08 -13.86
N GLY A 39 1.50 -2.13 -13.84
CA GLY A 39 0.79 -3.16 -14.57
C GLY A 39 -0.48 -3.60 -13.86
N LEU A 40 -1.63 -3.24 -14.43
CA LEU A 40 -2.91 -3.59 -13.84
C LEU A 40 -3.94 -3.91 -14.93
N THR A 41 -4.66 -5.02 -14.75
CA THR A 41 -5.67 -5.43 -15.72
C THR A 41 -7.03 -5.62 -15.05
N GLN A 42 -8.00 -6.08 -15.81
CA GLN A 42 -9.34 -6.30 -15.29
C GLN A 42 -9.32 -7.34 -14.15
N ALA A 43 -8.49 -8.37 -14.32
CA ALA A 43 -8.38 -9.41 -13.32
C ALA A 43 -7.92 -8.83 -11.98
N ASP A 44 -7.06 -7.83 -12.04
CA ASP A 44 -6.54 -7.19 -10.83
C ASP A 44 -7.46 -6.05 -10.38
N LYS A 45 -8.14 -5.45 -11.33
CA LYS A 45 -9.06 -4.34 -11.03
C LYS A 45 -10.13 -4.78 -10.04
N ASP A 46 -10.85 -5.84 -10.39
CA ASP A 46 -11.92 -6.36 -9.53
C ASP A 46 -11.36 -6.77 -8.17
N ALA A 47 -10.12 -7.22 -8.15
CA ALA A 47 -9.47 -7.65 -6.92
C ALA A 47 -9.10 -6.45 -6.06
N LEU A 48 -8.79 -5.33 -6.70
CA LEU A 48 -8.42 -4.12 -5.98
C LEU A 48 -9.54 -3.66 -5.07
N ASP A 49 -10.75 -3.58 -5.62
CA ASP A 49 -11.91 -3.15 -4.84
C ASP A 49 -12.17 -4.10 -3.67
N GLY A 50 -12.10 -5.41 -3.94
CA GLY A 50 -12.33 -6.38 -2.90
C GLY A 50 -11.20 -6.43 -1.88
N LEU A 51 -9.98 -6.17 -2.34
CA LEU A 51 -8.82 -6.18 -1.46
C LEU A 51 -8.81 -4.96 -0.55
N LEU A 52 -9.03 -3.79 -1.14
CA LEU A 52 -9.04 -2.54 -0.38
C LEU A 52 -10.04 -2.62 0.79
N GLN A 53 -11.24 -3.11 0.50
CA GLN A 53 -12.27 -3.24 1.53
C GLN A 53 -11.80 -4.14 2.67
N GLN A 54 -10.85 -5.03 2.38
CA GLN A 54 -10.33 -5.95 3.37
C GLN A 54 -9.09 -5.36 4.05
N VAL A 55 -8.09 -5.01 3.25
CA VAL A 55 -6.86 -4.43 3.78
C VAL A 55 -6.87 -2.91 3.71
N ALA A 56 -8.04 -2.33 3.92
CA ALA A 56 -8.20 -0.88 3.90
C ALA A 56 -9.61 -0.46 4.27
N ASN A 57 -9.76 0.79 4.70
CA ASN A 57 -11.06 1.32 5.10
C ASN A 57 -11.44 2.52 4.26
N MET A 58 -12.71 2.60 3.88
CA MET A 58 -13.20 3.71 3.06
C MET A 58 -13.54 4.92 3.93
N SER A 59 -13.26 6.11 3.43
CA SER A 59 -13.53 7.34 4.16
C SER A 59 -15.02 7.67 4.14
N ALA A 60 -15.41 8.65 4.94
CA ALA A 60 -16.82 9.06 5.01
C ALA A 60 -16.99 10.50 4.52
N LYS A 61 -16.16 10.91 3.58
CA LYS A 61 -16.21 12.26 3.03
C LYS A 61 -16.13 12.24 1.51
N ASP A 62 -15.15 11.50 0.99
CA ASP A 62 -14.96 11.40 -0.46
C ASP A 62 -14.91 9.94 -0.89
N GLY A 63 -13.92 9.20 -0.37
CA GLY A 63 -13.77 7.81 -0.71
C GLY A 63 -12.32 7.36 -0.72
N THR A 64 -11.59 7.75 0.31
CA THR A 64 -10.19 7.38 0.43
C THR A 64 -10.02 6.05 1.15
N CYS A 65 -9.04 5.26 0.72
CA CYS A 65 -8.79 3.96 1.34
C CYS A 65 -7.56 4.02 2.24
N THR A 66 -7.78 3.91 3.54
CA THR A 66 -6.69 3.94 4.51
C THR A 66 -6.36 2.54 5.02
N LEU A 67 -5.08 2.28 5.25
CA LEU A 67 -4.63 0.99 5.74
C LEU A 67 -5.02 0.79 7.20
N GLN A 68 -5.23 -0.47 7.59
CA GLN A 68 -5.60 -0.79 8.95
C GLN A 68 -4.40 -0.67 9.89
N ASP A 69 -4.68 -0.59 11.19
CA ASP A 69 -3.62 -0.48 12.18
C ASP A 69 -2.90 -1.80 12.37
N CYS A 70 -3.61 -2.90 12.18
CA CYS A 70 -3.04 -4.23 12.33
C CYS A 70 -2.36 -4.68 11.04
N MET A 71 -2.88 -4.22 9.91
CA MET A 71 -2.31 -4.58 8.62
C MET A 71 -0.94 -3.94 8.42
N TYR A 72 -0.70 -2.82 9.11
CA TYR A 72 0.57 -2.12 9.00
C TYR A 72 1.74 -3.05 9.35
N LYS A 73 1.48 -4.02 10.22
CA LYS A 73 2.50 -4.96 10.64
C LYS A 73 2.94 -5.84 9.47
N ASP A 74 2.01 -6.10 8.55
CA ASP A 74 2.29 -6.92 7.38
C ASP A 74 3.23 -6.19 6.42
N VAL A 75 3.13 -4.87 6.39
CA VAL A 75 3.97 -4.06 5.51
C VAL A 75 5.44 -4.27 5.81
N GLN A 76 6.17 -4.81 4.84
CA GLN A 76 7.60 -5.06 5.00
C GLN A 76 8.40 -3.78 4.83
N LYS A 77 9.60 -3.76 5.41
CA LYS A 77 10.47 -2.59 5.32
C LYS A 77 11.56 -2.81 4.26
N ASP A 78 11.24 -3.59 3.25
CA ASP A 78 12.18 -3.88 2.18
C ASP A 78 11.48 -3.98 0.83
N TRP A 79 10.37 -3.27 0.70
CA TRP A 79 9.59 -3.28 -0.54
C TRP A 79 10.42 -2.74 -1.70
N PRO A 80 10.49 -3.49 -2.82
CA PRO A 80 11.26 -3.07 -4.00
C PRO A 80 10.68 -1.82 -4.65
N GLY A 81 9.39 -1.60 -4.45
CA GLY A 81 8.74 -0.44 -5.02
C GLY A 81 9.38 0.86 -4.59
N TYR A 82 9.68 0.97 -3.29
CA TYR A 82 10.30 2.17 -2.76
C TYR A 82 11.65 2.44 -3.42
N SER A 83 12.38 3.44 -2.92
CA SER A 83 13.68 3.78 -3.47
C SER A 83 14.53 4.49 -2.42
N GLU A 84 13.97 5.55 -1.83
CA GLU A 84 14.69 6.32 -0.82
C GLU A 84 13.72 7.19 -0.02
N GLY A 85 13.01 8.07 -0.71
CA GLY A 85 12.06 8.95 -0.05
C GLY A 85 10.89 8.20 0.53
N ASP A 86 10.39 7.21 -0.21
CA ASP A 86 9.26 6.40 0.24
C ASP A 86 9.64 5.57 1.46
N GLN A 87 10.90 5.16 1.52
CA GLN A 87 11.38 4.35 2.64
C GLN A 87 11.34 5.15 3.94
N GLN A 88 11.73 6.41 3.87
CA GLN A 88 11.74 7.27 5.05
C GLN A 88 10.32 7.66 5.45
N LEU A 89 9.44 7.77 4.46
CA LEU A 89 8.05 8.14 4.70
C LEU A 89 7.29 6.99 5.35
N LEU A 90 7.70 5.76 5.03
CA LEU A 90 7.05 4.58 5.59
C LEU A 90 7.43 4.37 7.05
N LYS A 91 8.65 4.79 7.40
CA LYS A 91 9.13 4.66 8.77
C LYS A 91 8.34 5.55 9.72
N ARG A 92 8.22 6.82 9.38
CA ARG A 92 7.49 7.78 10.21
C ARG A 92 6.05 7.32 10.43
N VAL A 93 5.50 6.60 9.44
CA VAL A 93 4.14 6.11 9.52
C VAL A 93 4.05 4.89 10.46
N LEU A 94 5.01 3.98 10.32
CA LEU A 94 5.04 2.78 11.16
C LEU A 94 5.15 3.14 12.63
N VAL A 95 5.96 4.16 12.93
CA VAL A 95 6.16 4.59 14.30
C VAL A 95 4.93 5.31 14.83
N ARG A 96 4.33 6.15 13.98
CA ARG A 96 3.14 6.90 14.37
C ARG A 96 1.96 5.97 14.60
N LYS A 97 1.90 4.89 13.85
CA LYS A 97 0.82 3.92 13.98
C LYS A 97 1.11 2.93 15.10
N LEU A 98 2.29 2.32 15.07
CA LEU A 98 2.69 1.36 16.08
C LEU A 98 3.48 2.04 17.20
N SER A 99 2.76 2.63 18.14
CA SER A 99 3.38 3.31 19.27
C SER A 99 3.43 2.41 20.50
N GLY A 100 4.38 2.68 21.40
CA GLY A 100 4.51 1.89 22.60
C GLY A 100 3.57 2.33 23.69
N PRO A 101 3.97 2.20 24.97
CA PRO A 101 3.13 2.59 26.11
C PRO A 101 2.95 4.11 26.20
N SER A 102 1.70 4.56 26.19
CA SER A 102 1.41 5.99 26.26
C SER A 102 0.08 6.22 26.97
N SER A 103 -0.10 7.43 27.51
CA SER A 103 -1.32 7.78 28.22
C SER A 103 -2.00 8.97 27.56
N GLY A 104 -1.27 10.08 27.46
CA GLY A 104 -1.82 11.28 26.84
C GLY A 104 -2.45 12.22 27.86
N GLY A 1 21.45 2.41 -15.39
CA GLY A 1 20.89 3.18 -16.54
C GLY A 1 19.45 2.80 -16.85
N SER A 2 19.25 1.54 -17.20
CA SER A 2 17.92 1.04 -17.52
C SER A 2 17.09 0.83 -16.25
N SER A 3 15.81 1.17 -16.32
CA SER A 3 14.91 1.03 -15.19
C SER A 3 14.03 -0.21 -15.34
N GLY A 4 14.60 -1.38 -15.05
CA GLY A 4 13.86 -2.61 -15.16
C GLY A 4 14.33 -3.66 -14.17
N SER A 5 14.86 -3.21 -13.03
CA SER A 5 15.34 -4.11 -12.00
C SER A 5 14.40 -4.13 -10.80
N SER A 6 13.11 -3.94 -11.07
CA SER A 6 12.11 -3.94 -10.01
C SER A 6 11.38 -5.28 -9.95
N GLY A 7 11.48 -5.95 -8.81
CA GLY A 7 10.84 -7.23 -8.63
C GLY A 7 9.49 -7.12 -7.94
N VAL A 8 8.82 -5.98 -8.13
CA VAL A 8 7.53 -5.75 -7.52
C VAL A 8 6.44 -6.59 -8.20
N SER A 9 6.62 -6.84 -9.50
CA SER A 9 5.67 -7.63 -10.26
C SER A 9 5.67 -9.08 -9.81
N GLN A 10 6.83 -9.56 -9.35
CA GLN A 10 6.96 -10.93 -8.88
C GLN A 10 6.23 -11.12 -7.55
N ARG A 11 6.31 -10.11 -6.69
CA ARG A 11 5.65 -10.17 -5.39
C ARG A 11 4.13 -10.20 -5.54
N PRO A 12 3.43 -10.82 -4.57
CA PRO A 12 1.97 -10.92 -4.59
C PRO A 12 1.30 -9.57 -4.81
N PHE A 13 0.07 -9.60 -5.30
CA PHE A 13 -0.68 -8.38 -5.56
C PHE A 13 -1.04 -7.67 -4.26
N ARG A 14 -1.33 -8.47 -3.23
CA ARG A 14 -1.69 -7.92 -1.92
C ARG A 14 -0.53 -7.13 -1.32
N ASP A 15 0.69 -7.57 -1.64
CA ASP A 15 1.89 -6.90 -1.13
C ASP A 15 2.03 -5.50 -1.71
N ARG A 16 1.74 -5.37 -3.00
CA ARG A 16 1.84 -4.08 -3.68
C ARG A 16 0.87 -3.08 -3.08
N VAL A 17 -0.38 -3.49 -2.91
CA VAL A 17 -1.41 -2.62 -2.34
C VAL A 17 -1.18 -2.41 -0.85
N LEU A 18 -0.61 -3.42 -0.19
CA LEU A 18 -0.34 -3.34 1.24
C LEU A 18 0.70 -2.27 1.54
N HIS A 19 1.61 -2.05 0.60
CA HIS A 19 2.66 -1.05 0.77
C HIS A 19 2.17 0.32 0.31
N LEU A 20 1.33 0.33 -0.71
CA LEU A 20 0.80 1.58 -1.26
C LEU A 20 0.02 2.33 -0.19
N LEU A 21 -0.94 1.66 0.44
CA LEU A 21 -1.76 2.27 1.48
C LEU A 21 -0.93 2.58 2.72
N ALA A 22 0.10 1.78 2.95
CA ALA A 22 0.98 1.97 4.11
C ALA A 22 1.62 3.35 4.08
N LEU A 23 2.02 3.79 2.90
CA LEU A 23 2.66 5.10 2.73
C LEU A 23 1.67 6.22 3.03
N ARG A 24 0.56 6.22 2.31
CA ARG A 24 -0.47 7.24 2.49
C ARG A 24 -1.81 6.78 1.91
N PRO A 25 -2.92 7.36 2.40
CA PRO A 25 -4.27 7.00 1.92
C PRO A 25 -4.38 7.11 0.40
N TYR A 26 -4.61 5.97 -0.25
CA TYR A 26 -4.75 5.94 -1.70
C TYR A 26 -6.18 5.64 -2.10
N ARG A 27 -6.78 6.57 -2.84
CA ARG A 27 -8.16 6.40 -3.30
C ARG A 27 -8.25 5.38 -4.41
N LYS A 28 -9.48 5.02 -4.79
CA LYS A 28 -9.69 4.03 -5.85
C LYS A 28 -9.12 4.52 -7.17
N ALA A 29 -9.39 5.78 -7.50
CA ALA A 29 -8.89 6.37 -8.73
C ALA A 29 -7.40 6.66 -8.64
N GLU A 30 -6.96 7.10 -7.47
CA GLU A 30 -5.55 7.41 -7.25
C GLU A 30 -4.70 6.14 -7.20
N LEU A 31 -5.31 5.06 -6.72
CA LEU A 31 -4.61 3.78 -6.61
C LEU A 31 -4.64 3.04 -7.95
N LEU A 32 -5.75 3.13 -8.65
CA LEU A 32 -5.91 2.47 -9.94
C LEU A 32 -4.86 2.96 -10.93
N LEU A 33 -4.69 4.28 -11.01
CA LEU A 33 -3.73 4.87 -11.93
C LEU A 33 -2.30 4.54 -11.49
N ARG A 34 -2.09 4.50 -10.18
CA ARG A 34 -0.76 4.20 -9.64
C ARG A 34 -0.36 2.76 -9.95
N LEU A 35 -1.21 1.81 -9.59
CA LEU A 35 -0.93 0.40 -9.84
C LEU A 35 -0.77 0.13 -11.32
N GLN A 36 -1.45 0.92 -12.14
CA GLN A 36 -1.39 0.77 -13.59
C GLN A 36 0.04 0.89 -14.09
N LYS A 37 0.85 1.69 -13.39
CA LYS A 37 2.24 1.88 -13.76
C LYS A 37 3.01 0.56 -13.74
N ASP A 38 2.92 -0.15 -12.62
CA ASP A 38 3.60 -1.43 -12.48
C ASP A 38 2.89 -2.52 -13.28
N GLY A 39 1.57 -2.56 -13.16
CA GLY A 39 0.79 -3.55 -13.87
C GLY A 39 -0.61 -3.70 -13.31
N LEU A 40 -1.62 -3.50 -14.16
CA LEU A 40 -3.01 -3.62 -13.75
C LEU A 40 -3.91 -3.97 -14.93
N THR A 41 -4.94 -4.77 -14.67
CA THR A 41 -5.87 -5.17 -15.71
C THR A 41 -7.30 -5.19 -15.19
N GLN A 42 -8.23 -5.61 -16.03
CA GLN A 42 -9.64 -5.68 -15.65
C GLN A 42 -9.84 -6.64 -14.49
N ALA A 43 -9.01 -7.67 -14.42
CA ALA A 43 -9.09 -8.65 -13.35
C ALA A 43 -8.74 -8.04 -12.00
N ASP A 44 -7.64 -7.30 -11.96
CA ASP A 44 -7.20 -6.66 -10.73
C ASP A 44 -8.09 -5.46 -10.39
N LYS A 45 -8.64 -4.83 -11.42
CA LYS A 45 -9.52 -3.68 -11.23
C LYS A 45 -10.73 -4.04 -10.39
N ASP A 46 -11.17 -5.29 -10.50
CA ASP A 46 -12.32 -5.77 -9.73
C ASP A 46 -11.88 -6.36 -8.39
N ALA A 47 -10.70 -6.94 -8.37
CA ALA A 47 -10.17 -7.55 -7.16
C ALA A 47 -9.59 -6.49 -6.22
N LEU A 48 -9.15 -5.36 -6.79
CA LEU A 48 -8.58 -4.28 -6.01
C LEU A 48 -9.54 -3.80 -4.93
N ASP A 49 -10.78 -3.54 -5.32
CA ASP A 49 -11.80 -3.07 -4.39
C ASP A 49 -12.00 -4.09 -3.26
N GLY A 50 -11.96 -5.37 -3.61
CA GLY A 50 -12.14 -6.41 -2.62
C GLY A 50 -10.95 -6.55 -1.69
N LEU A 51 -9.77 -6.16 -2.17
CA LEU A 51 -8.56 -6.25 -1.38
C LEU A 51 -8.46 -5.07 -0.40
N LEU A 52 -8.74 -3.87 -0.91
CA LEU A 52 -8.69 -2.67 -0.08
C LEU A 52 -9.62 -2.78 1.12
N GLN A 53 -10.83 -3.28 0.87
CA GLN A 53 -11.83 -3.44 1.92
C GLN A 53 -11.30 -4.35 3.04
N GLN A 54 -10.39 -5.25 2.69
CA GLN A 54 -9.81 -6.17 3.65
C GLN A 54 -8.55 -5.59 4.28
N VAL A 55 -7.60 -5.20 3.44
CA VAL A 55 -6.34 -4.63 3.91
C VAL A 55 -6.38 -3.10 3.88
N ALA A 56 -7.55 -2.54 4.17
CA ALA A 56 -7.72 -1.09 4.18
C ALA A 56 -9.12 -0.71 4.61
N ASN A 57 -9.35 0.60 4.77
CA ASN A 57 -10.66 1.10 5.18
C ASN A 57 -11.16 2.16 4.20
N MET A 58 -12.40 1.99 3.73
CA MET A 58 -12.99 2.93 2.79
C MET A 58 -13.52 4.15 3.52
N SER A 59 -12.99 5.32 3.17
CA SER A 59 -13.41 6.57 3.79
C SER A 59 -14.85 6.93 3.38
N ALA A 60 -15.43 7.90 4.07
CA ALA A 60 -16.79 8.33 3.78
C ALA A 60 -16.82 9.79 3.36
N LYS A 61 -15.76 10.24 2.72
CA LYS A 61 -15.66 11.63 2.25
C LYS A 61 -15.20 11.70 0.81
N ASP A 62 -14.10 10.99 0.51
CA ASP A 62 -13.55 10.97 -0.84
C ASP A 62 -13.20 9.55 -1.27
N GLY A 63 -13.88 8.57 -0.66
CA GLY A 63 -13.62 7.18 -1.00
C GLY A 63 -12.16 6.81 -0.87
N THR A 64 -11.43 7.51 0.00
CA THR A 64 -10.02 7.24 0.20
C THR A 64 -9.81 6.01 1.07
N CYS A 65 -8.89 5.15 0.66
CA CYS A 65 -8.60 3.92 1.39
C CYS A 65 -7.48 4.15 2.40
N THR A 66 -7.66 3.62 3.60
CA THR A 66 -6.66 3.77 4.66
C THR A 66 -6.31 2.41 5.27
N LEU A 67 -5.03 2.08 5.27
CA LEU A 67 -4.56 0.81 5.82
C LEU A 67 -4.91 0.70 7.30
N GLN A 68 -5.15 -0.52 7.77
CA GLN A 68 -5.49 -0.76 9.15
C GLN A 68 -4.26 -0.70 10.04
N ASP A 69 -4.45 -0.30 11.29
CA ASP A 69 -3.35 -0.20 12.25
C ASP A 69 -2.66 -1.55 12.43
N CYS A 70 -3.44 -2.62 12.33
CA CYS A 70 -2.91 -3.98 12.48
C CYS A 70 -2.22 -4.45 11.20
N MET A 71 -2.82 -4.12 10.07
CA MET A 71 -2.27 -4.51 8.77
C MET A 71 -0.87 -3.92 8.58
N TYR A 72 -0.61 -2.79 9.24
CA TYR A 72 0.69 -2.12 9.14
C TYR A 72 1.82 -3.07 9.53
N LYS A 73 1.53 -3.99 10.45
CA LYS A 73 2.52 -4.95 10.91
C LYS A 73 2.99 -5.84 9.76
N ASP A 74 2.11 -6.07 8.81
CA ASP A 74 2.43 -6.91 7.65
C ASP A 74 3.39 -6.19 6.71
N VAL A 75 3.42 -4.86 6.78
CA VAL A 75 4.30 -4.07 5.93
C VAL A 75 5.76 -4.48 6.10
N GLN A 76 6.44 -4.67 4.98
CA GLN A 76 7.85 -5.07 5.00
C GLN A 76 8.76 -3.85 5.02
N LYS A 77 10.06 -4.10 5.12
CA LYS A 77 11.04 -3.01 5.14
C LYS A 77 11.88 -3.02 3.87
N ASP A 78 12.08 -4.20 3.30
CA ASP A 78 12.87 -4.34 2.08
C ASP A 78 11.96 -4.45 0.86
N TRP A 79 11.01 -3.54 0.75
CA TRP A 79 10.08 -3.54 -0.37
C TRP A 79 10.68 -2.80 -1.57
N PRO A 80 10.82 -3.49 -2.72
CA PRO A 80 11.39 -2.90 -3.93
C PRO A 80 10.69 -1.60 -4.33
N GLY A 81 9.43 -1.47 -3.93
CA GLY A 81 8.67 -0.27 -4.25
C GLY A 81 9.34 0.99 -3.73
N TYR A 82 9.87 0.92 -2.52
CA TYR A 82 10.54 2.07 -1.92
C TYR A 82 11.97 2.19 -2.41
N SER A 83 12.56 3.38 -2.24
CA SER A 83 13.93 3.63 -2.68
C SER A 83 14.70 4.40 -1.63
N GLU A 84 14.22 5.61 -1.32
CA GLU A 84 14.87 6.46 -0.32
C GLU A 84 13.87 7.43 0.30
N GLY A 85 13.09 8.10 -0.55
CA GLY A 85 12.11 9.05 -0.07
C GLY A 85 10.86 8.37 0.49
N ASP A 86 10.57 7.18 -0.03
CA ASP A 86 9.41 6.43 0.42
C ASP A 86 9.73 5.59 1.65
N GLN A 87 10.98 5.14 1.73
CA GLN A 87 11.43 4.32 2.86
C GLN A 87 11.32 5.10 4.17
N GLN A 88 11.92 6.29 4.20
CA GLN A 88 11.88 7.13 5.39
C GLN A 88 10.46 7.54 5.73
N LEU A 89 9.66 7.82 4.70
CA LEU A 89 8.27 8.23 4.88
C LEU A 89 7.46 7.12 5.55
N LEU A 90 7.80 5.87 5.24
CA LEU A 90 7.11 4.73 5.81
C LEU A 90 7.40 4.59 7.30
N LYS A 91 8.58 5.03 7.72
CA LYS A 91 8.98 4.95 9.11
C LYS A 91 8.12 5.87 9.98
N ARG A 92 7.94 7.11 9.52
CA ARG A 92 7.14 8.08 10.24
C ARG A 92 5.67 7.65 10.32
N VAL A 93 5.24 6.84 9.36
CA VAL A 93 3.87 6.35 9.33
C VAL A 93 3.67 5.20 10.32
N LEU A 94 4.51 4.18 10.20
CA LEU A 94 4.43 3.02 11.07
C LEU A 94 4.54 3.42 12.54
N VAL A 95 5.54 4.24 12.85
CA VAL A 95 5.75 4.69 14.22
C VAL A 95 4.56 5.50 14.72
N ARG A 96 3.86 6.16 13.81
CA ARG A 96 2.70 6.97 14.16
C ARG A 96 1.50 6.09 14.47
N LYS A 97 1.40 4.97 13.77
CA LYS A 97 0.29 4.04 13.98
C LYS A 97 0.58 3.08 15.12
N LEU A 98 1.75 2.47 15.10
CA LEU A 98 2.15 1.53 16.14
C LEU A 98 2.63 2.26 17.39
N SER A 99 2.31 1.71 18.55
CA SER A 99 2.70 2.31 19.82
C SER A 99 4.22 2.27 19.99
N GLY A 100 4.68 2.58 21.21
CA GLY A 100 6.10 2.57 21.47
C GLY A 100 6.50 3.62 22.49
N PRO A 101 6.71 3.23 23.77
CA PRO A 101 7.10 4.15 24.84
C PRO A 101 8.28 5.03 24.44
N SER A 102 8.07 6.34 24.42
CA SER A 102 9.11 7.27 24.06
C SER A 102 9.26 8.37 25.12
N SER A 103 10.46 8.50 25.67
CA SER A 103 10.73 9.50 26.70
C SER A 103 10.98 10.86 26.07
N GLY A 104 11.16 11.88 26.91
CA GLY A 104 11.41 13.21 26.42
C GLY A 104 10.24 13.78 25.64
N GLY A 1 16.16 -0.24 -28.43
CA GLY A 1 16.32 -1.58 -27.81
C GLY A 1 15.07 -2.03 -27.08
N SER A 2 15.08 -3.27 -26.59
CA SER A 2 13.94 -3.82 -25.86
C SER A 2 14.36 -4.31 -24.48
N SER A 3 13.98 -3.56 -23.46
CA SER A 3 14.32 -3.92 -22.08
C SER A 3 13.41 -3.21 -21.09
N GLY A 4 13.29 -3.78 -19.89
CA GLY A 4 12.44 -3.17 -18.87
C GLY A 4 12.48 -3.93 -17.57
N SER A 5 12.53 -3.20 -16.46
CA SER A 5 12.58 -3.81 -15.13
C SER A 5 11.60 -3.13 -14.19
N SER A 6 11.43 -3.72 -13.00
CA SER A 6 10.51 -3.17 -12.01
C SER A 6 10.67 -3.89 -10.68
N GLY A 7 10.55 -5.21 -10.69
CA GLY A 7 10.68 -5.99 -9.48
C GLY A 7 9.52 -5.80 -8.54
N VAL A 8 8.37 -5.42 -9.08
CA VAL A 8 7.17 -5.20 -8.27
C VAL A 8 6.06 -6.18 -8.66
N SER A 9 5.94 -6.44 -9.95
CA SER A 9 4.92 -7.37 -10.45
C SER A 9 5.11 -8.76 -9.86
N GLN A 10 6.35 -9.12 -9.57
CA GLN A 10 6.66 -10.42 -9.01
C GLN A 10 5.94 -10.63 -7.68
N ARG A 11 5.94 -9.59 -6.85
CA ARG A 11 5.28 -9.66 -5.55
C ARG A 11 3.76 -9.71 -5.70
N PRO A 12 3.06 -10.34 -4.75
CA PRO A 12 1.60 -10.45 -4.78
C PRO A 12 0.92 -9.12 -5.00
N PHE A 13 -0.38 -9.15 -5.34
CA PHE A 13 -1.14 -7.94 -5.58
C PHE A 13 -1.38 -7.18 -4.28
N ARG A 14 -1.73 -7.91 -3.23
CA ARG A 14 -1.99 -7.31 -1.93
C ARG A 14 -0.76 -6.59 -1.41
N ASP A 15 0.41 -7.20 -1.63
CA ASP A 15 1.67 -6.61 -1.18
C ASP A 15 1.89 -5.25 -1.81
N ARG A 16 1.39 -5.08 -3.03
CA ARG A 16 1.53 -3.81 -3.75
C ARG A 16 0.56 -2.77 -3.22
N VAL A 17 -0.63 -3.21 -2.83
CA VAL A 17 -1.65 -2.32 -2.30
C VAL A 17 -1.36 -1.95 -0.85
N LEU A 18 -0.76 -2.88 -0.12
CA LEU A 18 -0.42 -2.66 1.28
C LEU A 18 0.64 -1.58 1.42
N HIS A 19 1.73 -1.72 0.67
CA HIS A 19 2.81 -0.75 0.71
C HIS A 19 2.35 0.61 0.23
N LEU A 20 1.40 0.62 -0.69
CA LEU A 20 0.87 1.87 -1.24
C LEU A 20 0.04 2.60 -0.20
N LEU A 21 -0.97 1.92 0.34
CA LEU A 21 -1.84 2.51 1.35
C LEU A 21 -1.05 2.85 2.62
N ALA A 22 -0.01 2.08 2.89
CA ALA A 22 0.82 2.29 4.06
C ALA A 22 1.44 3.68 4.05
N LEU A 23 1.90 4.10 2.87
CA LEU A 23 2.53 5.42 2.72
C LEU A 23 1.52 6.53 2.98
N ARG A 24 0.34 6.41 2.37
CA ARG A 24 -0.71 7.41 2.54
C ARG A 24 -2.01 6.93 1.92
N PRO A 25 -3.15 7.52 2.33
CA PRO A 25 -4.47 7.16 1.80
C PRO A 25 -4.52 7.21 0.28
N TYR A 26 -5.01 6.14 -0.33
CA TYR A 26 -5.11 6.06 -1.78
C TYR A 26 -6.53 5.70 -2.21
N ARG A 27 -7.19 6.61 -2.92
CA ARG A 27 -8.55 6.38 -3.39
C ARG A 27 -8.59 5.23 -4.40
N LYS A 28 -9.79 4.88 -4.83
CA LYS A 28 -9.97 3.80 -5.80
C LYS A 28 -9.35 4.17 -7.14
N ALA A 29 -9.67 5.35 -7.63
CA ALA A 29 -9.14 5.82 -8.91
C ALA A 29 -7.68 6.24 -8.77
N GLU A 30 -7.35 6.90 -7.68
CA GLU A 30 -5.99 7.35 -7.43
C GLU A 30 -5.04 6.17 -7.31
N LEU A 31 -5.54 5.06 -6.77
CA LEU A 31 -4.73 3.86 -6.60
C LEU A 31 -4.67 3.06 -7.91
N LEU A 32 -5.76 3.10 -8.67
CA LEU A 32 -5.83 2.38 -9.92
C LEU A 32 -4.75 2.85 -10.89
N LEU A 33 -4.62 4.17 -11.03
CA LEU A 33 -3.62 4.75 -11.92
C LEU A 33 -2.21 4.36 -11.49
N ARG A 34 -2.02 4.21 -10.18
CA ARG A 34 -0.72 3.85 -9.63
C ARG A 34 -0.41 2.38 -9.91
N LEU A 35 -1.38 1.51 -9.63
CA LEU A 35 -1.20 0.08 -9.85
C LEU A 35 -1.01 -0.22 -11.33
N GLN A 36 -1.63 0.59 -12.19
CA GLN A 36 -1.52 0.40 -13.63
C GLN A 36 -0.10 0.68 -14.11
N LYS A 37 0.60 1.58 -13.42
CA LYS A 37 1.96 1.93 -13.78
C LYS A 37 2.87 0.70 -13.75
N ASP A 38 2.88 0.02 -12.60
CA ASP A 38 3.69 -1.17 -12.42
C ASP A 38 3.06 -2.37 -13.10
N GLY A 39 1.73 -2.46 -13.03
CA GLY A 39 1.02 -3.57 -13.64
C GLY A 39 -0.39 -3.71 -13.10
N LEU A 40 -1.37 -3.70 -14.01
CA LEU A 40 -2.77 -3.83 -13.62
C LEU A 40 -3.62 -4.26 -14.82
N THR A 41 -4.61 -5.10 -14.55
CA THR A 41 -5.51 -5.58 -15.60
C THR A 41 -6.93 -5.75 -15.07
N GLN A 42 -7.88 -5.97 -15.98
CA GLN A 42 -9.27 -6.15 -15.60
C GLN A 42 -9.42 -7.25 -14.54
N ALA A 43 -8.51 -8.22 -14.57
CA ALA A 43 -8.55 -9.32 -13.61
C ALA A 43 -8.15 -8.85 -12.22
N ASP A 44 -7.29 -7.83 -12.17
CA ASP A 44 -6.82 -7.29 -10.90
C ASP A 44 -7.66 -6.08 -10.49
N LYS A 45 -8.24 -5.39 -11.46
CA LYS A 45 -9.06 -4.22 -11.20
C LYS A 45 -10.19 -4.55 -10.23
N ASP A 46 -11.04 -5.50 -10.61
CA ASP A 46 -12.16 -5.91 -9.77
C ASP A 46 -11.67 -6.43 -8.42
N ALA A 47 -10.53 -7.10 -8.43
CA ALA A 47 -9.95 -7.65 -7.20
C ALA A 47 -9.51 -6.54 -6.26
N LEU A 48 -9.06 -5.44 -6.83
CA LEU A 48 -8.60 -4.30 -6.05
C LEU A 48 -9.71 -3.78 -5.15
N ASP A 49 -10.95 -3.91 -5.60
CA ASP A 49 -12.11 -3.45 -4.83
C ASP A 49 -12.28 -4.29 -3.56
N GLY A 50 -12.29 -5.60 -3.72
CA GLY A 50 -12.46 -6.49 -2.59
C GLY A 50 -11.24 -6.52 -1.69
N LEU A 51 -10.07 -6.26 -2.28
CA LEU A 51 -8.82 -6.26 -1.52
C LEU A 51 -8.76 -5.06 -0.57
N LEU A 52 -9.13 -3.89 -1.08
CA LEU A 52 -9.11 -2.67 -0.28
C LEU A 52 -10.03 -2.81 0.93
N GLN A 53 -11.20 -3.42 0.71
CA GLN A 53 -12.17 -3.60 1.79
C GLN A 53 -11.57 -4.44 2.93
N GLN A 54 -10.59 -5.27 2.60
CA GLN A 54 -9.94 -6.12 3.60
C GLN A 54 -8.69 -5.45 4.15
N VAL A 55 -7.79 -5.05 3.26
CA VAL A 55 -6.55 -4.40 3.67
C VAL A 55 -6.66 -2.89 3.57
N ALA A 56 -7.85 -2.37 3.84
CA ALA A 56 -8.09 -0.92 3.78
C ALA A 56 -9.52 -0.59 4.20
N ASN A 57 -9.77 0.70 4.46
CA ASN A 57 -11.09 1.15 4.87
C ASN A 57 -11.57 2.32 4.01
N MET A 58 -12.75 2.18 3.42
CA MET A 58 -13.30 3.23 2.58
C MET A 58 -13.72 4.44 3.41
N SER A 59 -13.91 5.57 2.74
CA SER A 59 -14.30 6.80 3.42
C SER A 59 -15.57 7.37 2.81
N ALA A 60 -16.41 7.97 3.65
CA ALA A 60 -17.67 8.56 3.18
C ALA A 60 -17.45 9.98 2.68
N LYS A 61 -18.13 10.33 1.60
CA LYS A 61 -18.01 11.66 1.00
C LYS A 61 -16.57 11.94 0.58
N ASP A 62 -15.86 10.89 0.19
CA ASP A 62 -14.47 11.02 -0.24
C ASP A 62 -14.04 9.82 -1.08
N GLY A 63 -14.24 8.63 -0.54
CA GLY A 63 -13.87 7.42 -1.24
C GLY A 63 -12.38 7.14 -1.18
N THR A 64 -11.74 7.58 -0.09
CA THR A 64 -10.31 7.37 0.09
C THR A 64 -10.05 6.15 0.97
N CYS A 65 -9.32 5.18 0.43
CA CYS A 65 -9.00 3.97 1.18
C CYS A 65 -7.77 4.19 2.06
N THR A 66 -7.90 3.88 3.35
CA THR A 66 -6.81 4.05 4.29
C THR A 66 -6.40 2.71 4.88
N LEU A 67 -5.10 2.52 5.08
CA LEU A 67 -4.57 1.28 5.64
C LEU A 67 -4.90 1.16 7.11
N GLN A 68 -5.02 -0.07 7.59
CA GLN A 68 -5.33 -0.32 9.00
C GLN A 68 -4.10 -0.17 9.87
N ASP A 69 -4.30 -0.17 11.19
CA ASP A 69 -3.19 -0.05 12.13
C ASP A 69 -2.45 -1.37 12.28
N CYS A 70 -3.20 -2.47 12.30
CA CYS A 70 -2.62 -3.79 12.45
C CYS A 70 -2.03 -4.27 11.11
N MET A 71 -2.64 -3.85 10.02
CA MET A 71 -2.19 -4.24 8.70
C MET A 71 -0.77 -3.75 8.44
N TYR A 72 -0.39 -2.67 9.13
CA TYR A 72 0.95 -2.10 8.98
C TYR A 72 2.02 -3.13 9.27
N LYS A 73 1.71 -4.07 10.17
CA LYS A 73 2.64 -5.12 10.54
C LYS A 73 3.01 -5.97 9.33
N ASP A 74 2.08 -6.11 8.41
CA ASP A 74 2.30 -6.90 7.20
C ASP A 74 3.31 -6.22 6.29
N VAL A 75 3.43 -4.90 6.41
CA VAL A 75 4.36 -4.13 5.58
C VAL A 75 5.78 -4.66 5.73
N GLN A 76 6.54 -4.60 4.64
CA GLN A 76 7.92 -5.07 4.64
C GLN A 76 8.89 -3.90 4.75
N LYS A 77 10.14 -4.20 5.10
CA LYS A 77 11.17 -3.17 5.24
C LYS A 77 12.20 -3.28 4.12
N ASP A 78 11.74 -3.71 2.94
CA ASP A 78 12.62 -3.85 1.79
C ASP A 78 11.83 -3.90 0.49
N TRP A 79 10.75 -3.13 0.44
CA TRP A 79 9.89 -3.09 -0.75
C TRP A 79 10.60 -2.37 -1.89
N PRO A 80 10.82 -3.07 -3.03
CA PRO A 80 11.48 -2.48 -4.19
C PRO A 80 10.85 -1.15 -4.62
N GLY A 81 9.58 -0.98 -4.31
CA GLY A 81 8.88 0.24 -4.66
C GLY A 81 9.55 1.48 -4.10
N TYR A 82 9.91 1.42 -2.82
CA TYR A 82 10.55 2.55 -2.16
C TYR A 82 11.96 2.75 -2.70
N SER A 83 12.67 3.74 -2.15
CA SER A 83 14.03 4.05 -2.58
C SER A 83 14.78 4.82 -1.50
N GLU A 84 14.15 5.89 -1.00
CA GLU A 84 14.75 6.72 0.03
C GLU A 84 13.71 7.60 0.71
N GLY A 85 13.12 8.51 -0.06
CA GLY A 85 12.11 9.40 0.48
C GLY A 85 10.91 8.65 1.04
N ASP A 86 10.57 7.54 0.39
CA ASP A 86 9.43 6.73 0.82
C ASP A 86 9.82 5.81 1.96
N GLN A 87 11.09 5.38 1.96
CA GLN A 87 11.59 4.49 3.00
C GLN A 87 11.60 5.18 4.35
N GLN A 88 12.18 6.38 4.40
CA GLN A 88 12.26 7.15 5.63
C GLN A 88 10.87 7.50 6.13
N LEU A 89 9.96 7.81 5.21
CA LEU A 89 8.60 8.17 5.56
C LEU A 89 7.87 6.99 6.20
N LEU A 90 7.92 5.85 5.52
CA LEU A 90 7.26 4.63 6.01
C LEU A 90 7.72 4.29 7.42
N LYS A 91 8.96 4.67 7.75
CA LYS A 91 9.52 4.41 9.07
C LYS A 91 8.75 5.17 10.15
N ARG A 92 8.66 6.48 9.99
CA ARG A 92 7.95 7.31 10.96
C ARG A 92 6.45 6.99 10.97
N VAL A 93 5.91 6.68 9.79
CA VAL A 93 4.50 6.35 9.67
C VAL A 93 4.15 5.10 10.49
N LEU A 94 5.12 4.21 10.64
CA LEU A 94 4.90 2.98 11.40
C LEU A 94 5.05 3.23 12.90
N VAL A 95 6.02 4.05 13.27
CA VAL A 95 6.26 4.37 14.66
C VAL A 95 5.06 5.06 15.29
N ARG A 96 4.49 6.02 14.57
CA ARG A 96 3.33 6.76 15.06
C ARG A 96 2.11 5.85 15.15
N LYS A 97 2.01 4.90 14.23
CA LYS A 97 0.89 3.97 14.21
C LYS A 97 1.11 2.85 15.22
N LEU A 98 2.11 2.01 14.95
CA LEU A 98 2.42 0.89 15.84
C LEU A 98 2.94 1.39 17.19
N SER A 99 2.03 1.88 18.02
CA SER A 99 2.39 2.39 19.34
C SER A 99 1.24 2.23 20.32
N GLY A 100 0.44 1.20 20.13
CA GLY A 100 -0.69 0.95 21.00
C GLY A 100 -1.60 -0.16 20.50
N PRO A 101 -1.18 -1.43 20.61
CA PRO A 101 -1.97 -2.57 20.16
C PRO A 101 -3.22 -2.78 21.00
N SER A 102 -3.16 -2.35 22.26
CA SER A 102 -4.28 -2.48 23.16
C SER A 102 -5.50 -1.70 22.65
N SER A 103 -6.60 -1.78 23.39
CA SER A 103 -7.83 -1.08 23.02
C SER A 103 -7.95 0.24 23.77
N GLY A 104 -7.88 0.17 25.09
CA GLY A 104 -7.98 1.37 25.91
C GLY A 104 -7.26 1.25 27.22
N GLY A 1 21.42 -5.14 -20.33
CA GLY A 1 19.97 -5.08 -20.04
C GLY A 1 19.28 -3.91 -20.70
N SER A 2 18.98 -2.88 -19.92
CA SER A 2 18.31 -1.69 -20.44
C SER A 2 18.32 -0.57 -19.41
N SER A 3 17.82 -0.86 -18.22
CA SER A 3 17.78 0.12 -17.15
C SER A 3 18.73 -0.26 -16.02
N GLY A 4 18.51 -1.43 -15.43
CA GLY A 4 19.36 -1.87 -14.35
C GLY A 4 18.70 -2.96 -13.50
N SER A 5 17.56 -2.65 -12.93
CA SER A 5 16.83 -3.60 -12.10
C SER A 5 15.34 -3.25 -12.06
N SER A 6 14.53 -4.08 -12.71
CA SER A 6 13.09 -3.86 -12.74
C SER A 6 12.43 -4.40 -11.49
N GLY A 7 11.20 -3.97 -11.23
CA GLY A 7 10.48 -4.42 -10.06
C GLY A 7 9.13 -3.73 -9.90
N VAL A 8 8.55 -3.84 -8.71
CA VAL A 8 7.25 -3.23 -8.43
C VAL A 8 6.18 -3.74 -9.40
N SER A 9 6.35 -4.97 -9.87
CA SER A 9 5.41 -5.57 -10.80
C SER A 9 5.25 -7.06 -10.53
N GLN A 10 6.38 -7.75 -10.39
CA GLN A 10 6.38 -9.18 -10.11
C GLN A 10 5.86 -9.47 -8.71
N ARG A 11 6.04 -8.52 -7.80
CA ARG A 11 5.58 -8.67 -6.43
C ARG A 11 4.07 -8.90 -6.38
N PRO A 12 3.58 -9.61 -5.33
CA PRO A 12 2.16 -9.89 -5.17
C PRO A 12 1.30 -8.64 -5.28
N PHE A 13 0.04 -8.83 -5.66
CA PHE A 13 -0.88 -7.71 -5.81
C PHE A 13 -1.21 -7.09 -4.45
N ARG A 14 -1.37 -7.93 -3.44
CA ARG A 14 -1.69 -7.47 -2.10
C ARG A 14 -0.53 -6.65 -1.52
N ASP A 15 0.70 -6.97 -1.95
CA ASP A 15 1.88 -6.27 -1.48
C ASP A 15 1.97 -4.88 -2.09
N ARG A 16 1.60 -4.78 -3.36
CA ARG A 16 1.63 -3.50 -4.06
C ARG A 16 0.65 -2.51 -3.44
N VAL A 17 -0.57 -2.99 -3.17
CA VAL A 17 -1.60 -2.15 -2.57
C VAL A 17 -1.35 -1.93 -1.09
N LEU A 18 -0.85 -2.96 -0.42
CA LEU A 18 -0.57 -2.89 1.01
C LEU A 18 0.54 -1.89 1.30
N HIS A 19 1.62 -1.97 0.53
CA HIS A 19 2.76 -1.07 0.69
C HIS A 19 2.40 0.35 0.26
N LEU A 20 1.54 0.45 -0.75
CA LEU A 20 1.11 1.75 -1.26
C LEU A 20 0.32 2.52 -0.21
N LEU A 21 -0.79 1.94 0.25
CA LEU A 21 -1.63 2.56 1.25
C LEU A 21 -0.83 2.85 2.53
N ALA A 22 0.18 2.02 2.79
CA ALA A 22 1.00 2.20 3.98
C ALA A 22 1.65 3.58 4.01
N LEU A 23 2.24 3.97 2.89
CA LEU A 23 2.89 5.27 2.80
C LEU A 23 1.89 6.40 2.99
N ARG A 24 0.85 6.41 2.17
CA ARG A 24 -0.19 7.43 2.25
C ARG A 24 -1.49 6.94 1.63
N PRO A 25 -2.62 7.55 2.01
CA PRO A 25 -3.94 7.17 1.49
C PRO A 25 -3.98 7.14 -0.04
N TYR A 26 -4.88 6.35 -0.60
CA TYR A 26 -5.02 6.23 -2.04
C TYR A 26 -6.43 5.81 -2.43
N ARG A 27 -7.17 6.75 -3.01
CA ARG A 27 -8.55 6.49 -3.43
C ARG A 27 -8.59 5.36 -4.46
N LYS A 28 -9.81 4.94 -4.81
CA LYS A 28 -9.98 3.85 -5.78
C LYS A 28 -9.40 4.24 -7.13
N ALA A 29 -9.83 5.38 -7.66
CA ALA A 29 -9.33 5.86 -8.95
C ALA A 29 -7.86 6.22 -8.87
N GLU A 30 -7.45 6.77 -7.73
CA GLU A 30 -6.05 7.16 -7.53
C GLU A 30 -5.15 5.94 -7.45
N LEU A 31 -5.63 4.90 -6.77
CA LEU A 31 -4.86 3.67 -6.62
C LEU A 31 -4.84 2.87 -7.91
N LEU A 32 -5.93 2.96 -8.68
CA LEU A 32 -6.05 2.24 -9.94
C LEU A 32 -5.00 2.74 -10.93
N LEU A 33 -4.88 4.05 -11.05
CA LEU A 33 -3.91 4.65 -11.98
C LEU A 33 -2.49 4.27 -11.59
N ARG A 34 -2.18 4.37 -10.30
CA ARG A 34 -0.85 4.03 -9.80
C ARG A 34 -0.53 2.55 -10.06
N LEU A 35 -1.52 1.69 -9.84
CA LEU A 35 -1.34 0.25 -10.05
C LEU A 35 -1.20 -0.07 -11.53
N GLN A 36 -2.04 0.55 -12.35
CA GLN A 36 -2.02 0.33 -13.79
C GLN A 36 -0.65 0.72 -14.37
N LYS A 37 0.00 1.70 -13.74
CA LYS A 37 1.30 2.16 -14.19
C LYS A 37 2.32 1.03 -14.18
N ASP A 38 2.15 0.11 -13.24
CA ASP A 38 3.06 -1.03 -13.12
C ASP A 38 2.33 -2.34 -13.38
N GLY A 39 1.32 -2.29 -14.24
CA GLY A 39 0.55 -3.47 -14.56
C GLY A 39 -0.70 -3.61 -13.72
N LEU A 40 -1.83 -3.84 -14.38
CA LEU A 40 -3.10 -3.99 -13.68
C LEU A 40 -4.11 -4.73 -14.56
N THR A 41 -4.10 -6.05 -14.48
CA THR A 41 -5.02 -6.87 -15.26
C THR A 41 -6.43 -6.81 -14.68
N GLN A 42 -7.35 -7.56 -15.29
CA GLN A 42 -8.73 -7.59 -14.83
C GLN A 42 -8.82 -8.13 -13.41
N ALA A 43 -8.10 -9.22 -13.14
CA ALA A 43 -8.09 -9.83 -11.82
C ALA A 43 -7.62 -8.84 -10.75
N ASP A 44 -6.75 -7.92 -11.16
CA ASP A 44 -6.22 -6.92 -10.24
C ASP A 44 -7.20 -5.77 -10.06
N LYS A 45 -7.96 -5.47 -11.12
CA LYS A 45 -8.93 -4.40 -11.07
C LYS A 45 -10.16 -4.80 -10.28
N ASP A 46 -10.60 -6.05 -10.45
CA ASP A 46 -11.77 -6.55 -9.74
C ASP A 46 -11.43 -6.86 -8.28
N ALA A 47 -10.27 -7.45 -8.07
CA ALA A 47 -9.82 -7.80 -6.73
C ALA A 47 -9.49 -6.56 -5.90
N LEU A 48 -9.15 -5.48 -6.59
CA LEU A 48 -8.82 -4.22 -5.92
C LEU A 48 -9.96 -3.76 -5.02
N ASP A 49 -11.16 -3.68 -5.58
CA ASP A 49 -12.34 -3.26 -4.83
C ASP A 49 -12.58 -4.16 -3.64
N GLY A 50 -12.24 -5.44 -3.79
CA GLY A 50 -12.43 -6.40 -2.72
C GLY A 50 -11.29 -6.38 -1.71
N LEU A 51 -10.13 -5.94 -2.14
CA LEU A 51 -8.96 -5.87 -1.27
C LEU A 51 -8.97 -4.59 -0.43
N LEU A 52 -9.41 -3.49 -1.05
CA LEU A 52 -9.47 -2.22 -0.36
C LEU A 52 -10.39 -2.29 0.85
N GLN A 53 -11.39 -3.15 0.78
CA GLN A 53 -12.35 -3.31 1.87
C GLN A 53 -11.81 -4.27 2.92
N GLN A 54 -10.81 -5.07 2.56
CA GLN A 54 -10.22 -6.04 3.49
C GLN A 54 -8.92 -5.50 4.07
N VAL A 55 -7.98 -5.13 3.20
CA VAL A 55 -6.70 -4.62 3.63
C VAL A 55 -6.68 -3.09 3.63
N ALA A 56 -7.84 -2.49 3.87
CA ALA A 56 -7.95 -1.03 3.90
C ALA A 56 -9.35 -0.59 4.30
N ASN A 57 -9.50 0.69 4.62
CA ASN A 57 -10.79 1.24 5.02
C ASN A 57 -11.26 2.27 4.01
N MET A 58 -12.41 2.90 4.31
CA MET A 58 -12.97 3.92 3.42
C MET A 58 -13.67 5.01 4.24
N SER A 59 -14.02 6.10 3.56
CA SER A 59 -14.69 7.21 4.22
C SER A 59 -15.82 7.75 3.34
N ALA A 60 -16.62 8.65 3.91
CA ALA A 60 -17.74 9.24 3.19
C ALA A 60 -17.46 10.70 2.85
N LYS A 61 -16.70 11.37 3.72
CA LYS A 61 -16.36 12.77 3.52
C LYS A 61 -15.54 12.96 2.24
N ASP A 62 -14.66 12.00 1.97
CA ASP A 62 -13.81 12.07 0.79
C ASP A 62 -13.98 10.80 -0.07
N GLY A 63 -13.58 9.67 0.49
CA GLY A 63 -13.69 8.41 -0.23
C GLY A 63 -12.34 7.80 -0.55
N THR A 64 -11.37 8.02 0.32
CA THR A 64 -10.03 7.49 0.12
C THR A 64 -9.85 6.14 0.83
N CYS A 65 -8.82 5.41 0.45
CA CYS A 65 -8.55 4.11 1.05
C CYS A 65 -7.37 4.19 2.01
N THR A 66 -7.66 4.13 3.31
CA THR A 66 -6.61 4.20 4.33
C THR A 66 -6.27 2.80 4.83
N LEU A 67 -4.98 2.52 4.94
CA LEU A 67 -4.51 1.23 5.42
C LEU A 67 -4.95 0.99 6.86
N GLN A 68 -5.01 -0.29 7.25
CA GLN A 68 -5.42 -0.64 8.60
C GLN A 68 -4.26 -0.50 9.58
N ASP A 69 -4.57 -0.54 10.87
CA ASP A 69 -3.56 -0.40 11.91
C ASP A 69 -2.83 -1.73 12.12
N CYS A 70 -3.54 -2.84 11.91
CA CYS A 70 -2.97 -4.16 12.08
C CYS A 70 -2.29 -4.63 10.80
N MET A 71 -2.83 -4.20 9.67
CA MET A 71 -2.28 -4.57 8.37
C MET A 71 -0.85 -4.09 8.22
N TYR A 72 -0.51 -3.01 8.92
CA TYR A 72 0.83 -2.44 8.86
C TYR A 72 1.88 -3.49 9.24
N LYS A 73 1.48 -4.43 10.10
CA LYS A 73 2.39 -5.49 10.54
C LYS A 73 2.90 -6.30 9.35
N ASP A 74 2.16 -6.27 8.24
CA ASP A 74 2.55 -7.01 7.05
C ASP A 74 3.27 -6.10 6.05
N VAL A 75 4.05 -5.16 6.58
CA VAL A 75 4.79 -4.23 5.74
C VAL A 75 6.29 -4.45 5.86
N GLN A 76 6.90 -4.92 4.78
CA GLN A 76 8.33 -5.19 4.77
C GLN A 76 9.13 -3.90 4.57
N LYS A 77 10.35 -3.89 5.09
CA LYS A 77 11.21 -2.72 4.97
C LYS A 77 12.23 -2.90 3.85
N ASP A 78 11.84 -3.65 2.82
CA ASP A 78 12.71 -3.90 1.68
C ASP A 78 11.93 -3.83 0.37
N TRP A 79 10.85 -3.04 0.37
CA TRP A 79 10.02 -2.89 -0.82
C TRP A 79 10.77 -2.12 -1.91
N PRO A 80 10.91 -2.72 -3.11
CA PRO A 80 11.60 -2.07 -4.23
C PRO A 80 11.08 -0.67 -4.50
N GLY A 81 9.81 -0.44 -4.18
CA GLY A 81 9.20 0.85 -4.40
C GLY A 81 9.94 1.97 -3.68
N TYR A 82 10.38 1.70 -2.45
CA TYR A 82 11.10 2.68 -1.66
C TYR A 82 12.57 2.75 -2.08
N SER A 83 13.30 3.69 -1.49
CA SER A 83 14.72 3.86 -1.80
C SER A 83 15.42 4.67 -0.71
N GLU A 84 14.90 5.86 -0.44
CA GLU A 84 15.48 6.73 0.58
C GLU A 84 14.42 7.66 1.16
N GLY A 85 13.69 8.34 0.29
CA GLY A 85 12.66 9.26 0.73
C GLY A 85 11.42 8.54 1.23
N ASP A 86 11.18 7.35 0.70
CA ASP A 86 10.02 6.56 1.09
C ASP A 86 10.33 5.72 2.34
N GLN A 87 11.59 5.31 2.47
CA GLN A 87 12.01 4.51 3.60
C GLN A 87 11.77 5.24 4.92
N GLN A 88 12.35 6.44 5.04
CA GLN A 88 12.20 7.23 6.25
C GLN A 88 10.75 7.67 6.44
N LEU A 89 10.06 7.92 5.33
CA LEU A 89 8.67 8.33 5.38
C LEU A 89 7.77 7.19 5.84
N LEU A 90 8.17 5.96 5.52
CA LEU A 90 7.40 4.79 5.91
C LEU A 90 7.58 4.48 7.40
N LYS A 91 8.77 4.77 7.91
CA LYS A 91 9.07 4.52 9.32
C LYS A 91 8.25 5.43 10.22
N ARG A 92 8.27 6.72 9.92
CA ARG A 92 7.52 7.71 10.71
C ARG A 92 6.04 7.35 10.76
N VAL A 93 5.57 6.65 9.73
CA VAL A 93 4.17 6.25 9.66
C VAL A 93 3.90 5.03 10.54
N LEU A 94 4.75 4.03 10.42
CA LEU A 94 4.61 2.80 11.20
C LEU A 94 4.70 3.09 12.70
N VAL A 95 5.74 3.81 13.09
CA VAL A 95 5.95 4.15 14.50
C VAL A 95 4.75 4.92 15.07
N ARG A 96 4.14 5.75 14.22
CA ARG A 96 2.99 6.55 14.65
C ARG A 96 1.78 5.65 14.89
N LYS A 97 1.66 4.59 14.10
CA LYS A 97 0.54 3.65 14.23
C LYS A 97 0.82 2.63 15.31
N LEU A 98 1.95 1.94 15.20
CA LEU A 98 2.33 0.93 16.16
C LEU A 98 2.72 1.56 17.49
N SER A 99 1.78 1.58 18.44
CA SER A 99 2.03 2.17 19.75
C SER A 99 1.14 1.52 20.81
N GLY A 100 1.76 0.78 21.72
CA GLY A 100 1.02 0.12 22.77
C GLY A 100 1.55 -1.27 23.08
N PRO A 101 0.76 -2.12 23.74
CA PRO A 101 1.16 -3.48 24.09
C PRO A 101 1.28 -4.39 22.87
N SER A 102 2.34 -5.19 22.82
CA SER A 102 2.56 -6.10 21.71
C SER A 102 2.00 -7.48 22.02
N SER A 103 1.42 -8.12 21.00
CA SER A 103 0.85 -9.46 21.16
C SER A 103 1.71 -10.50 20.47
N GLY A 104 2.35 -10.10 19.38
CA GLY A 104 3.20 -11.03 18.64
C GLY A 104 3.50 -10.53 17.24
N GLY A 1 0.18 -2.47 -24.12
CA GLY A 1 -0.01 -1.98 -22.73
C GLY A 1 1.29 -1.56 -22.09
N SER A 2 1.42 -1.83 -20.79
CA SER A 2 2.63 -1.46 -20.05
C SER A 2 3.48 -2.70 -19.76
N SER A 3 4.80 -2.52 -19.77
CA SER A 3 5.72 -3.62 -19.52
C SER A 3 6.90 -3.15 -18.66
N GLY A 4 7.66 -4.10 -18.15
CA GLY A 4 8.80 -3.76 -17.32
C GLY A 4 9.11 -4.84 -16.28
N SER A 5 10.10 -4.58 -15.44
CA SER A 5 10.48 -5.52 -14.40
C SER A 5 11.51 -4.90 -13.45
N SER A 6 11.45 -5.30 -12.19
CA SER A 6 12.38 -4.79 -11.18
C SER A 6 12.30 -5.60 -9.90
N GLY A 7 11.11 -5.63 -9.30
CA GLY A 7 10.92 -6.37 -8.07
C GLY A 7 9.50 -6.30 -7.55
N VAL A 8 8.88 -5.13 -7.71
CA VAL A 8 7.51 -4.92 -7.25
C VAL A 8 6.53 -5.77 -8.06
N SER A 9 6.86 -6.00 -9.33
CA SER A 9 6.01 -6.80 -10.20
C SER A 9 6.07 -8.29 -9.81
N GLN A 10 7.23 -8.71 -9.31
CA GLN A 10 7.41 -10.10 -8.90
C GLN A 10 6.65 -10.39 -7.62
N ARG A 11 6.65 -9.44 -6.69
CA ARG A 11 5.95 -9.61 -5.43
C ARG A 11 4.44 -9.76 -5.65
N PRO A 12 3.74 -10.38 -4.69
CA PRO A 12 2.29 -10.58 -4.78
C PRO A 12 1.54 -9.29 -5.10
N PHE A 13 0.22 -9.38 -5.18
CA PHE A 13 -0.62 -8.22 -5.47
C PHE A 13 -1.02 -7.50 -4.18
N ARG A 14 -1.29 -8.27 -3.14
CA ARG A 14 -1.69 -7.71 -1.86
C ARG A 14 -0.56 -6.88 -1.25
N ASP A 15 0.68 -7.26 -1.55
CA ASP A 15 1.84 -6.54 -1.04
C ASP A 15 1.97 -5.17 -1.69
N ARG A 16 1.74 -5.11 -3.01
CA ARG A 16 1.82 -3.86 -3.74
C ARG A 16 0.80 -2.86 -3.24
N VAL A 17 -0.45 -3.31 -3.07
CA VAL A 17 -1.52 -2.45 -2.60
C VAL A 17 -1.39 -2.17 -1.11
N LEU A 18 -0.88 -3.15 -0.37
CA LEU A 18 -0.70 -3.00 1.07
C LEU A 18 0.42 -2.01 1.39
N HIS A 19 1.40 -1.93 0.50
CA HIS A 19 2.52 -1.02 0.68
C HIS A 19 2.14 0.40 0.26
N LEU A 20 1.25 0.51 -0.72
CA LEU A 20 0.81 1.80 -1.22
C LEU A 20 0.05 2.57 -0.14
N LEU A 21 -0.97 1.94 0.42
CA LEU A 21 -1.78 2.56 1.46
C LEU A 21 -0.95 2.83 2.71
N ALA A 22 0.09 2.02 2.91
CA ALA A 22 0.96 2.18 4.07
C ALA A 22 1.54 3.60 4.14
N LEU A 23 1.71 4.22 2.98
CA LEU A 23 2.26 5.57 2.92
C LEU A 23 1.16 6.61 3.14
N ARG A 24 0.33 6.81 2.13
CA ARG A 24 -0.76 7.78 2.22
C ARG A 24 -2.04 7.20 1.64
N PRO A 25 -3.20 7.79 2.00
CA PRO A 25 -4.50 7.33 1.51
C PRO A 25 -4.58 7.31 -0.01
N TYR A 26 -5.05 6.20 -0.56
CA TYR A 26 -5.17 6.05 -2.01
C TYR A 26 -6.57 5.61 -2.40
N ARG A 27 -7.33 6.52 -2.99
CA ARG A 27 -8.70 6.22 -3.41
C ARG A 27 -8.72 5.09 -4.43
N LYS A 28 -9.91 4.78 -4.93
CA LYS A 28 -10.07 3.70 -5.91
C LYS A 28 -9.37 4.05 -7.22
N ALA A 29 -9.68 5.23 -7.75
CA ALA A 29 -9.09 5.67 -9.01
C ALA A 29 -7.62 6.06 -8.80
N GLU A 30 -7.34 6.72 -7.68
CA GLU A 30 -5.99 7.15 -7.37
C GLU A 30 -5.05 5.95 -7.25
N LEU A 31 -5.60 4.82 -6.81
CA LEU A 31 -4.81 3.60 -6.65
C LEU A 31 -4.78 2.79 -7.95
N LEU A 32 -5.88 2.84 -8.69
CA LEU A 32 -5.98 2.10 -9.94
C LEU A 32 -4.99 2.64 -10.97
N LEU A 33 -5.01 3.96 -11.17
CA LEU A 33 -4.11 4.60 -12.12
C LEU A 33 -2.65 4.42 -11.71
N ARG A 34 -2.41 4.41 -10.41
CA ARG A 34 -1.06 4.24 -9.89
C ARG A 34 -0.57 2.81 -10.09
N LEU A 35 -1.41 1.85 -9.73
CA LEU A 35 -1.07 0.44 -9.88
C LEU A 35 -0.86 0.07 -11.35
N GLN A 36 -1.65 0.70 -12.22
CA GLN A 36 -1.57 0.44 -13.65
C GLN A 36 -0.17 0.76 -14.17
N LYS A 37 0.49 1.74 -13.56
CA LYS A 37 1.83 2.12 -13.96
C LYS A 37 2.84 1.02 -13.67
N ASP A 38 2.60 0.27 -12.61
CA ASP A 38 3.49 -0.83 -12.22
C ASP A 38 3.04 -2.13 -12.87
N GLY A 39 1.75 -2.39 -12.84
CA GLY A 39 1.22 -3.61 -13.42
C GLY A 39 -0.19 -3.93 -12.93
N LEU A 40 -1.19 -3.48 -13.69
CA LEU A 40 -2.59 -3.72 -13.33
C LEU A 40 -3.34 -4.35 -14.49
N THR A 41 -4.15 -5.35 -14.18
CA THR A 41 -4.94 -6.05 -15.20
C THR A 41 -6.41 -6.10 -14.79
N GLN A 42 -7.23 -6.74 -15.64
CA GLN A 42 -8.65 -6.86 -15.37
C GLN A 42 -8.91 -7.68 -14.11
N ALA A 43 -8.05 -8.67 -13.86
CA ALA A 43 -8.17 -9.52 -12.69
C ALA A 43 -7.84 -8.76 -11.41
N ASP A 44 -6.80 -7.92 -11.49
CA ASP A 44 -6.38 -7.13 -10.33
C ASP A 44 -7.29 -5.93 -10.13
N LYS A 45 -7.84 -5.42 -11.22
CA LYS A 45 -8.73 -4.27 -11.18
C LYS A 45 -9.95 -4.55 -10.31
N ASP A 46 -10.75 -5.52 -10.75
CA ASP A 46 -11.96 -5.90 -10.00
C ASP A 46 -11.61 -6.37 -8.59
N ALA A 47 -10.52 -7.11 -8.48
CA ALA A 47 -10.07 -7.62 -7.18
C ALA A 47 -9.65 -6.48 -6.26
N LEU A 48 -9.18 -5.38 -6.85
CA LEU A 48 -8.74 -4.22 -6.07
C LEU A 48 -9.87 -3.72 -5.18
N ASP A 49 -11.10 -3.78 -5.67
CA ASP A 49 -12.26 -3.33 -4.90
C ASP A 49 -12.41 -4.14 -3.62
N GLY A 50 -12.50 -5.46 -3.77
CA GLY A 50 -12.66 -6.33 -2.61
C GLY A 50 -11.44 -6.32 -1.71
N LEU A 51 -10.27 -6.21 -2.32
CA LEU A 51 -9.01 -6.19 -1.57
C LEU A 51 -8.93 -4.98 -0.65
N LEU A 52 -9.25 -3.80 -1.21
CA LEU A 52 -9.21 -2.56 -0.44
C LEU A 52 -10.18 -2.63 0.74
N GLN A 53 -11.39 -3.11 0.48
CA GLN A 53 -12.40 -3.23 1.52
C GLN A 53 -11.91 -4.11 2.67
N GLN A 54 -10.98 -5.00 2.37
CA GLN A 54 -10.42 -5.90 3.38
C GLN A 54 -9.22 -5.28 4.08
N VAL A 55 -8.19 -4.97 3.29
CA VAL A 55 -6.97 -4.36 3.83
C VAL A 55 -6.99 -2.85 3.68
N ALA A 56 -8.16 -2.25 3.84
CA ALA A 56 -8.31 -0.80 3.72
C ALA A 56 -9.74 -0.36 4.04
N ASN A 57 -9.89 0.89 4.42
CA ASN A 57 -11.20 1.43 4.74
C ASN A 57 -11.76 2.25 3.58
N MET A 58 -12.92 2.87 3.80
CA MET A 58 -13.55 3.68 2.77
C MET A 58 -14.54 4.68 3.38
N SER A 59 -14.69 5.82 2.73
CA SER A 59 -15.59 6.85 3.21
C SER A 59 -16.95 6.74 2.53
N ALA A 60 -17.92 7.52 3.00
CA ALA A 60 -19.26 7.50 2.45
C ALA A 60 -19.44 8.60 1.40
N LYS A 61 -18.71 9.70 1.57
CA LYS A 61 -18.79 10.81 0.62
C LYS A 61 -17.70 10.71 -0.43
N ASP A 62 -16.47 11.05 -0.04
CA ASP A 62 -15.33 11.00 -0.95
C ASP A 62 -15.07 9.56 -1.41
N GLY A 63 -14.53 8.75 -0.51
CA GLY A 63 -14.24 7.37 -0.84
C GLY A 63 -12.76 7.06 -0.82
N THR A 64 -12.01 7.76 0.04
CA THR A 64 -10.58 7.56 0.16
C THR A 64 -10.27 6.33 1.01
N CYS A 65 -9.40 5.46 0.49
CA CYS A 65 -9.02 4.24 1.21
C CYS A 65 -7.76 4.47 2.02
N THR A 66 -7.73 3.94 3.23
CA THR A 66 -6.58 4.08 4.12
C THR A 66 -6.18 2.73 4.72
N LEU A 67 -4.91 2.60 5.09
CA LEU A 67 -4.41 1.37 5.67
C LEU A 67 -4.77 1.29 7.15
N GLN A 68 -5.00 0.08 7.64
CA GLN A 68 -5.35 -0.14 9.04
C GLN A 68 -4.11 -0.07 9.93
N ASP A 69 -4.32 -0.17 11.25
CA ASP A 69 -3.23 -0.11 12.19
C ASP A 69 -2.56 -1.48 12.34
N CYS A 70 -3.35 -2.53 12.18
CA CYS A 70 -2.84 -3.90 12.29
C CYS A 70 -2.19 -4.34 10.99
N MET A 71 -2.70 -3.84 9.88
CA MET A 71 -2.16 -4.18 8.56
C MET A 71 -0.75 -3.63 8.39
N TYR A 72 -0.44 -2.56 9.12
CA TYR A 72 0.88 -1.94 9.03
C TYR A 72 1.99 -2.95 9.33
N LYS A 73 1.67 -3.94 10.16
CA LYS A 73 2.65 -4.96 10.53
C LYS A 73 3.08 -5.76 9.30
N ASP A 74 2.13 -6.06 8.42
CA ASP A 74 2.42 -6.81 7.20
C ASP A 74 3.35 -6.02 6.28
N VAL A 75 3.32 -4.70 6.40
CA VAL A 75 4.16 -3.83 5.58
C VAL A 75 5.64 -4.17 5.75
N GLN A 76 6.27 -4.58 4.66
CA GLN A 76 7.68 -4.94 4.68
C GLN A 76 8.56 -3.70 4.64
N LYS A 77 9.80 -3.84 5.10
CA LYS A 77 10.74 -2.71 5.12
C LYS A 77 11.65 -2.76 3.89
N ASP A 78 11.88 -3.95 3.36
CA ASP A 78 12.74 -4.13 2.20
C ASP A 78 11.91 -4.16 0.92
N TRP A 79 10.93 -3.26 0.83
CA TRP A 79 10.06 -3.20 -0.34
C TRP A 79 10.76 -2.45 -1.48
N PRO A 80 10.78 -3.04 -2.69
CA PRO A 80 11.41 -2.42 -3.85
C PRO A 80 10.65 -1.20 -4.35
N GLY A 81 9.37 -1.12 -4.01
CA GLY A 81 8.56 0.00 -4.43
C GLY A 81 9.13 1.34 -4.00
N TYR A 82 9.49 1.44 -2.72
CA TYR A 82 10.06 2.66 -2.19
C TYR A 82 11.46 2.91 -2.75
N SER A 83 12.05 4.04 -2.37
CA SER A 83 13.38 4.40 -2.84
C SER A 83 14.17 5.10 -1.75
N GLU A 84 13.70 6.29 -1.36
CA GLU A 84 14.36 7.07 -0.32
C GLU A 84 13.35 7.90 0.46
N GLY A 85 12.68 8.82 -0.22
CA GLY A 85 11.70 9.66 0.42
C GLY A 85 10.56 8.87 1.04
N ASP A 86 10.28 7.70 0.46
CA ASP A 86 9.21 6.85 0.95
C ASP A 86 9.70 5.94 2.07
N GLN A 87 10.97 5.54 1.98
CA GLN A 87 11.57 4.67 2.99
C GLN A 87 11.59 5.35 4.35
N GLN A 88 12.18 6.54 4.40
CA GLN A 88 12.27 7.30 5.65
C GLN A 88 10.89 7.62 6.18
N LEU A 89 9.98 8.00 5.29
CA LEU A 89 8.62 8.34 5.68
C LEU A 89 7.88 7.11 6.20
N LEU A 90 8.16 5.96 5.61
CA LEU A 90 7.52 4.71 6.02
C LEU A 90 7.91 4.33 7.44
N LYS A 91 9.12 4.73 7.84
CA LYS A 91 9.61 4.43 9.18
C LYS A 91 8.78 5.14 10.25
N ARG A 92 8.65 6.45 10.10
CA ARG A 92 7.89 7.25 11.06
C ARG A 92 6.44 6.79 11.12
N VAL A 93 5.91 6.37 9.98
CA VAL A 93 4.53 5.90 9.91
C VAL A 93 4.34 4.61 10.71
N LEU A 94 5.39 3.78 10.73
CA LEU A 94 5.34 2.51 11.45
C LEU A 94 5.56 2.72 12.95
N VAL A 95 6.29 3.78 13.30
CA VAL A 95 6.57 4.09 14.69
C VAL A 95 5.44 4.90 15.31
N ARG A 96 4.82 5.76 14.51
CA ARG A 96 3.71 6.59 14.99
C ARG A 96 2.45 5.76 15.16
N LYS A 97 2.25 4.79 14.28
CA LYS A 97 1.07 3.93 14.33
C LYS A 97 1.25 2.82 15.35
N LEU A 98 2.22 1.94 15.10
CA LEU A 98 2.50 0.83 16.00
C LEU A 98 3.28 1.30 17.23
N SER A 99 2.57 1.46 18.34
CA SER A 99 3.21 1.90 19.58
C SER A 99 2.59 1.20 20.78
N GLY A 100 1.27 1.15 20.83
CA GLY A 100 0.57 0.50 21.93
C GLY A 100 -0.52 -0.43 21.46
N PRO A 101 -0.24 -1.74 21.34
CA PRO A 101 -1.23 -2.72 20.89
C PRO A 101 -2.53 -2.62 21.67
N SER A 102 -3.55 -2.02 21.06
CA SER A 102 -4.85 -1.87 21.70
C SER A 102 -4.73 -1.03 22.97
N SER A 103 -4.92 0.28 22.82
CA SER A 103 -4.83 1.19 23.97
C SER A 103 -5.90 0.87 25.00
N GLY A 104 -7.06 0.41 24.52
CA GLY A 104 -8.15 0.07 25.42
C GLY A 104 -8.65 1.27 26.20
N GLY A 1 23.34 -2.85 -6.50
CA GLY A 1 23.01 -3.49 -7.80
C GLY A 1 22.14 -2.61 -8.67
N SER A 2 21.02 -2.15 -8.13
CA SER A 2 20.09 -1.29 -8.87
C SER A 2 19.59 -2.01 -10.12
N SER A 3 19.46 -3.33 -10.03
CA SER A 3 18.97 -4.12 -11.15
C SER A 3 17.46 -4.27 -11.10
N GLY A 4 16.91 -4.28 -9.89
CA GLY A 4 15.48 -4.42 -9.72
C GLY A 4 14.72 -3.15 -10.05
N SER A 5 14.82 -2.72 -11.30
CA SER A 5 14.15 -1.50 -11.74
C SER A 5 12.63 -1.65 -11.66
N SER A 6 12.11 -2.72 -12.25
CA SER A 6 10.68 -2.98 -12.24
C SER A 6 10.37 -4.22 -11.41
N GLY A 7 10.71 -4.16 -10.12
CA GLY A 7 10.46 -5.28 -9.24
C GLY A 7 9.17 -5.12 -8.46
N VAL A 8 8.21 -4.40 -9.03
CA VAL A 8 6.93 -4.18 -8.38
C VAL A 8 5.87 -5.14 -8.90
N SER A 9 6.00 -5.52 -10.16
CA SER A 9 5.06 -6.44 -10.78
C SER A 9 5.27 -7.87 -10.28
N GLN A 10 6.53 -8.27 -10.16
CA GLN A 10 6.86 -9.61 -9.68
C GLN A 10 6.31 -9.84 -8.29
N ARG A 11 6.25 -8.79 -7.48
CA ARG A 11 5.75 -8.87 -6.12
C ARG A 11 4.23 -9.10 -6.12
N PRO A 12 3.70 -9.69 -5.05
CA PRO A 12 2.26 -9.96 -4.93
C PRO A 12 1.42 -8.68 -4.98
N PHE A 13 0.17 -8.82 -5.40
CA PHE A 13 -0.73 -7.67 -5.49
C PHE A 13 -1.05 -7.11 -4.11
N ARG A 14 -1.18 -8.00 -3.14
CA ARG A 14 -1.49 -7.60 -1.77
C ARG A 14 -0.42 -6.65 -1.22
N ASP A 15 0.82 -6.87 -1.64
CA ASP A 15 1.93 -6.05 -1.19
C ASP A 15 1.99 -4.74 -1.98
N ARG A 16 1.58 -4.80 -3.24
CA ARG A 16 1.60 -3.62 -4.10
C ARG A 16 0.63 -2.57 -3.58
N VAL A 17 -0.46 -3.01 -2.96
CA VAL A 17 -1.46 -2.11 -2.42
C VAL A 17 -1.15 -1.75 -0.98
N LEU A 18 -0.68 -2.74 -0.21
CA LEU A 18 -0.34 -2.53 1.19
C LEU A 18 0.72 -1.44 1.35
N HIS A 19 1.84 -1.63 0.67
CA HIS A 19 2.95 -0.67 0.73
C HIS A 19 2.49 0.70 0.24
N LEU A 20 1.57 0.72 -0.71
CA LEU A 20 1.06 1.97 -1.26
C LEU A 20 0.25 2.73 -0.21
N LEU A 21 -0.79 2.08 0.31
CA LEU A 21 -1.64 2.70 1.32
C LEU A 21 -0.86 2.98 2.60
N ALA A 22 0.14 2.16 2.88
CA ALA A 22 0.97 2.32 4.07
C ALA A 22 1.63 3.69 4.09
N LEU A 23 2.02 4.18 2.91
CA LEU A 23 2.67 5.48 2.79
C LEU A 23 1.68 6.60 3.02
N ARG A 24 0.60 6.61 2.22
CA ARG A 24 -0.43 7.64 2.33
C ARG A 24 -1.74 7.16 1.73
N PRO A 25 -2.86 7.80 2.11
CA PRO A 25 -4.19 7.42 1.61
C PRO A 25 -4.23 7.36 0.08
N TYR A 26 -4.99 6.39 -0.44
CA TYR A 26 -5.12 6.22 -1.88
C TYR A 26 -6.54 5.83 -2.25
N ARG A 27 -7.21 6.68 -3.01
CA ARG A 27 -8.57 6.43 -3.44
C ARG A 27 -8.62 5.29 -4.46
N LYS A 28 -9.82 4.76 -4.70
CA LYS A 28 -10.00 3.68 -5.66
C LYS A 28 -9.60 4.12 -7.06
N ALA A 29 -10.02 5.32 -7.44
CA ALA A 29 -9.71 5.85 -8.76
C ALA A 29 -8.24 6.24 -8.87
N GLU A 30 -7.67 6.69 -7.75
CA GLU A 30 -6.26 7.09 -7.72
C GLU A 30 -5.36 5.86 -7.68
N LEU A 31 -5.70 4.89 -6.86
CA LEU A 31 -4.92 3.67 -6.73
C LEU A 31 -5.03 2.81 -7.99
N LEU A 32 -6.20 2.87 -8.62
CA LEU A 32 -6.45 2.10 -9.84
C LEU A 32 -5.50 2.53 -10.96
N LEU A 33 -5.42 3.83 -11.18
CA LEU A 33 -4.55 4.37 -12.23
C LEU A 33 -3.08 4.17 -11.87
N ARG A 34 -2.76 4.32 -10.58
CA ARG A 34 -1.39 4.16 -10.11
C ARG A 34 -0.90 2.74 -10.37
N LEU A 35 -1.70 1.76 -10.00
CA LEU A 35 -1.34 0.36 -10.20
C LEU A 35 -1.32 0.01 -11.68
N GLN A 36 -2.22 0.62 -12.45
CA GLN A 36 -2.30 0.37 -13.89
C GLN A 36 -0.99 0.74 -14.58
N LYS A 37 -0.31 1.74 -14.03
CA LYS A 37 0.96 2.19 -14.60
C LYS A 37 2.01 1.09 -14.54
N ASP A 38 1.93 0.26 -13.50
CA ASP A 38 2.87 -0.84 -13.34
C ASP A 38 2.32 -2.12 -13.93
N GLY A 39 1.02 -2.33 -13.79
CA GLY A 39 0.39 -3.52 -14.31
C GLY A 39 -0.92 -3.86 -13.62
N LEU A 40 -2.03 -3.48 -14.23
CA LEU A 40 -3.35 -3.74 -13.66
C LEU A 40 -4.31 -4.23 -14.73
N THR A 41 -4.70 -5.50 -14.62
CA THR A 41 -5.63 -6.09 -15.57
C THR A 41 -7.04 -6.16 -15.01
N GLN A 42 -7.98 -6.67 -15.80
CA GLN A 42 -9.36 -6.78 -15.37
C GLN A 42 -9.48 -7.67 -14.14
N ALA A 43 -8.59 -8.64 -14.02
CA ALA A 43 -8.59 -9.56 -12.89
C ALA A 43 -8.16 -8.85 -11.61
N ASP A 44 -7.04 -8.13 -11.67
CA ASP A 44 -6.53 -7.40 -10.53
C ASP A 44 -7.38 -6.17 -10.23
N LYS A 45 -7.96 -5.59 -11.27
CA LYS A 45 -8.80 -4.41 -11.12
C LYS A 45 -10.00 -4.72 -10.23
N ASP A 46 -10.59 -5.89 -10.41
CA ASP A 46 -11.75 -6.30 -9.62
C ASP A 46 -11.32 -6.77 -8.23
N ALA A 47 -10.14 -7.37 -8.16
CA ALA A 47 -9.62 -7.87 -6.89
C ALA A 47 -9.25 -6.73 -5.96
N LEU A 48 -8.86 -5.60 -6.54
CA LEU A 48 -8.49 -4.43 -5.75
C LEU A 48 -9.65 -3.95 -4.89
N ASP A 49 -10.86 -4.04 -5.44
CA ASP A 49 -12.06 -3.62 -4.72
C ASP A 49 -12.25 -4.44 -3.44
N GLY A 50 -12.10 -5.76 -3.56
CA GLY A 50 -12.25 -6.63 -2.41
C GLY A 50 -11.05 -6.60 -1.50
N LEU A 51 -9.88 -6.32 -2.07
CA LEU A 51 -8.64 -6.26 -1.30
C LEU A 51 -8.59 -5.00 -0.44
N LEU A 52 -9.01 -3.88 -1.03
CA LEU A 52 -9.00 -2.60 -0.32
C LEU A 52 -9.91 -2.65 0.90
N GLN A 53 -11.14 -3.13 0.70
CA GLN A 53 -12.12 -3.23 1.79
C GLN A 53 -11.57 -4.08 2.93
N GLN A 54 -10.64 -4.98 2.61
CA GLN A 54 -10.05 -5.86 3.61
C GLN A 54 -8.78 -5.25 4.20
N VAL A 55 -7.83 -4.95 3.32
CA VAL A 55 -6.56 -4.37 3.76
C VAL A 55 -6.56 -2.86 3.59
N ALA A 56 -7.71 -2.24 3.85
CA ALA A 56 -7.85 -0.79 3.73
C ALA A 56 -9.24 -0.34 4.16
N ASN A 57 -9.37 0.95 4.46
CA ASN A 57 -10.64 1.52 4.89
C ASN A 57 -10.97 2.78 4.09
N MET A 58 -12.00 2.70 3.25
CA MET A 58 -12.42 3.84 2.44
C MET A 58 -13.09 4.89 3.29
N SER A 59 -13.04 6.15 2.82
CA SER A 59 -13.65 7.25 3.54
C SER A 59 -15.00 7.61 2.94
N ALA A 60 -15.67 8.61 3.54
CA ALA A 60 -16.98 9.04 3.06
C ALA A 60 -16.94 10.50 2.62
N LYS A 61 -16.23 11.32 3.38
CA LYS A 61 -16.11 12.74 3.08
C LYS A 61 -15.49 12.95 1.69
N ASP A 62 -14.42 12.23 1.41
CA ASP A 62 -13.74 12.32 0.12
C ASP A 62 -13.88 11.03 -0.67
N GLY A 63 -13.54 9.91 -0.04
CA GLY A 63 -13.64 8.62 -0.70
C GLY A 63 -12.29 7.98 -0.92
N THR A 64 -11.34 8.28 -0.04
CA THR A 64 -9.99 7.73 -0.14
C THR A 64 -9.86 6.47 0.70
N CYS A 65 -8.92 5.60 0.33
CA CYS A 65 -8.70 4.36 1.05
C CYS A 65 -7.47 4.48 1.96
N THR A 66 -7.68 4.29 3.25
CA THR A 66 -6.59 4.37 4.23
C THR A 66 -6.26 2.99 4.79
N LEU A 67 -4.96 2.66 4.80
CA LEU A 67 -4.51 1.38 5.31
C LEU A 67 -4.87 1.22 6.79
N GLN A 68 -5.10 -0.02 7.21
CA GLN A 68 -5.45 -0.31 8.59
C GLN A 68 -4.22 -0.23 9.49
N ASP A 69 -4.44 -0.21 10.80
CA ASP A 69 -3.35 -0.15 11.76
C ASP A 69 -2.69 -1.51 11.94
N CYS A 70 -3.47 -2.57 11.77
CA CYS A 70 -2.97 -3.93 11.91
C CYS A 70 -2.27 -4.38 10.62
N MET A 71 -2.73 -3.85 9.50
CA MET A 71 -2.15 -4.20 8.21
C MET A 71 -0.72 -3.70 8.09
N TYR A 72 -0.40 -2.66 8.84
CA TYR A 72 0.95 -2.09 8.82
C TYR A 72 2.00 -3.15 9.15
N LYS A 73 1.62 -4.13 9.94
CA LYS A 73 2.53 -5.20 10.33
C LYS A 73 2.98 -5.99 9.11
N ASP A 74 2.10 -6.12 8.13
CA ASP A 74 2.41 -6.86 6.92
C ASP A 74 3.48 -6.13 6.10
N VAL A 75 3.57 -4.82 6.28
CA VAL A 75 4.56 -4.02 5.55
C VAL A 75 5.98 -4.52 5.82
N GLN A 76 6.73 -4.72 4.75
CA GLN A 76 8.10 -5.20 4.87
C GLN A 76 9.08 -4.02 5.00
N LYS A 77 10.37 -4.35 5.10
CA LYS A 77 11.40 -3.33 5.22
C LYS A 77 12.43 -3.45 4.12
N ASP A 78 11.99 -3.91 2.94
CA ASP A 78 12.88 -4.07 1.80
C ASP A 78 12.10 -4.05 0.50
N TRP A 79 11.01 -3.29 0.47
CA TRP A 79 10.17 -3.19 -0.71
C TRP A 79 10.93 -2.49 -1.85
N PRO A 80 11.10 -3.19 -2.99
CA PRO A 80 11.81 -2.62 -4.15
C PRO A 80 11.25 -1.27 -4.57
N GLY A 81 9.98 -1.04 -4.26
CA GLY A 81 9.35 0.21 -4.63
C GLY A 81 10.05 1.41 -4.04
N TYR A 82 10.28 1.38 -2.73
CA TYR A 82 10.96 2.47 -2.04
C TYR A 82 12.43 2.55 -2.44
N SER A 83 13.16 3.45 -1.81
CA SER A 83 14.58 3.62 -2.10
C SER A 83 15.32 4.24 -0.91
N GLU A 84 14.92 5.46 -0.56
CA GLU A 84 15.54 6.16 0.56
C GLU A 84 14.52 7.03 1.28
N GLY A 85 13.90 7.94 0.54
CA GLY A 85 12.91 8.82 1.14
C GLY A 85 11.68 8.08 1.62
N ASP A 86 11.09 7.27 0.76
CA ASP A 86 9.91 6.50 1.11
C ASP A 86 10.20 5.55 2.28
N GLN A 87 11.42 5.04 2.32
CA GLN A 87 11.83 4.12 3.37
C GLN A 87 11.78 4.80 4.74
N GLN A 88 12.41 5.97 4.84
CA GLN A 88 12.43 6.72 6.09
C GLN A 88 11.02 7.15 6.49
N LEU A 89 10.17 7.37 5.49
CA LEU A 89 8.80 7.79 5.75
C LEU A 89 7.99 6.66 6.38
N LEU A 90 8.10 5.47 5.81
CA LEU A 90 7.38 4.31 6.32
C LEU A 90 7.73 4.05 7.79
N LYS A 91 8.95 4.43 8.18
CA LYS A 91 9.40 4.24 9.55
C LYS A 91 8.57 5.07 10.53
N ARG A 92 8.56 6.38 10.31
CA ARG A 92 7.81 7.29 11.18
C ARG A 92 6.32 6.95 11.17
N VAL A 93 5.82 6.53 10.01
CA VAL A 93 4.42 6.17 9.87
C VAL A 93 4.05 5.00 10.78
N LEU A 94 4.91 4.00 10.82
CA LEU A 94 4.69 2.82 11.65
C LEU A 94 4.74 3.17 13.13
N VAL A 95 5.56 4.16 13.46
CA VAL A 95 5.70 4.59 14.85
C VAL A 95 4.44 5.28 15.35
N ARG A 96 3.70 5.89 14.43
CA ARG A 96 2.47 6.58 14.78
C ARG A 96 1.33 5.60 14.99
N LYS A 97 1.39 4.45 14.32
CA LYS A 97 0.36 3.43 14.44
C LYS A 97 0.76 2.36 15.45
N LEU A 98 1.96 1.81 15.28
CA LEU A 98 2.45 0.77 16.17
C LEU A 98 2.49 1.26 17.61
N SER A 99 3.16 2.38 17.85
CA SER A 99 3.27 2.95 19.19
C SER A 99 2.08 3.87 19.48
N GLY A 100 1.21 3.42 20.37
CA GLY A 100 0.05 4.21 20.73
C GLY A 100 -1.09 4.07 19.72
N PRO A 101 -1.48 2.84 19.38
CA PRO A 101 -2.56 2.58 18.42
C PRO A 101 -3.94 2.91 18.99
N SER A 102 -4.18 2.50 20.23
CA SER A 102 -5.46 2.75 20.89
C SER A 102 -5.35 3.95 21.83
N SER A 103 -6.46 4.29 22.46
CA SER A 103 -6.50 5.41 23.40
C SER A 103 -7.01 4.97 24.77
N GLY A 104 -6.10 4.85 25.72
CA GLY A 104 -6.47 4.44 27.06
C GLY A 104 -6.07 3.01 27.36
N GLY A 1 27.97 -16.87 -5.20
CA GLY A 1 27.32 -15.80 -6.00
C GLY A 1 26.23 -15.07 -5.24
N SER A 2 26.20 -13.75 -5.37
CA SER A 2 25.20 -12.93 -4.69
C SER A 2 24.36 -12.16 -5.69
N SER A 3 23.24 -12.75 -6.11
CA SER A 3 22.35 -12.11 -7.06
C SER A 3 20.90 -12.18 -6.59
N GLY A 4 19.99 -11.66 -7.41
CA GLY A 4 18.59 -11.69 -7.06
C GLY A 4 18.08 -10.34 -6.60
N SER A 5 17.06 -9.83 -7.28
CA SER A 5 16.48 -8.53 -6.93
C SER A 5 14.98 -8.51 -7.21
N SER A 6 14.19 -8.79 -6.18
CA SER A 6 12.74 -8.81 -6.32
C SER A 6 12.20 -7.42 -6.68
N GLY A 7 11.76 -7.26 -7.92
CA GLY A 7 11.23 -5.99 -8.36
C GLY A 7 9.93 -5.63 -7.69
N VAL A 8 9.14 -4.77 -8.34
CA VAL A 8 7.85 -4.36 -7.80
C VAL A 8 6.72 -5.20 -8.36
N SER A 9 6.88 -5.67 -9.58
CA SER A 9 5.87 -6.48 -10.24
C SER A 9 5.95 -7.93 -9.75
N GLN A 10 7.16 -8.38 -9.42
CA GLN A 10 7.36 -9.74 -8.94
C GLN A 10 6.66 -9.96 -7.60
N ARG A 11 6.64 -8.91 -6.77
CA ARG A 11 6.00 -8.99 -5.47
C ARG A 11 4.50 -9.25 -5.61
N PRO A 12 3.89 -9.90 -4.61
CA PRO A 12 2.46 -10.21 -4.62
C PRO A 12 1.60 -8.98 -4.91
N PHE A 13 0.29 -9.20 -5.02
CA PHE A 13 -0.63 -8.11 -5.31
C PHE A 13 -1.04 -7.39 -4.02
N ARG A 14 -1.17 -8.16 -2.94
CA ARG A 14 -1.55 -7.60 -1.65
C ARG A 14 -0.45 -6.70 -1.09
N ASP A 15 0.80 -7.02 -1.42
CA ASP A 15 1.94 -6.24 -0.96
C ASP A 15 2.03 -4.92 -1.72
N ARG A 16 1.69 -4.97 -3.00
CA ARG A 16 1.74 -3.77 -3.85
C ARG A 16 0.79 -2.69 -3.31
N VAL A 17 -0.44 -3.09 -3.02
CA VAL A 17 -1.44 -2.16 -2.51
C VAL A 17 -1.18 -1.83 -1.05
N LEU A 18 -0.82 -2.85 -0.26
CA LEU A 18 -0.55 -2.66 1.15
C LEU A 18 0.60 -1.67 1.36
N HIS A 19 1.52 -1.63 0.41
CA HIS A 19 2.66 -0.73 0.49
C HIS A 19 2.27 0.69 0.07
N LEU A 20 1.31 0.77 -0.85
CA LEU A 20 0.84 2.06 -1.34
C LEU A 20 0.07 2.81 -0.26
N LEU A 21 -0.94 2.15 0.30
CA LEU A 21 -1.76 2.75 1.34
C LEU A 21 -0.91 3.06 2.58
N ALA A 22 0.15 2.31 2.78
CA ALA A 22 1.04 2.50 3.92
C ALA A 22 1.59 3.93 3.95
N LEU A 23 1.86 4.47 2.77
CA LEU A 23 2.40 5.83 2.67
C LEU A 23 1.30 6.86 2.94
N ARG A 24 0.39 7.02 1.99
CA ARG A 24 -0.70 7.97 2.12
C ARG A 24 -1.99 7.40 1.57
N PRO A 25 -3.15 7.90 2.04
CA PRO A 25 -4.46 7.43 1.59
C PRO A 25 -4.58 7.45 0.07
N TYR A 26 -4.92 6.31 -0.51
CA TYR A 26 -5.08 6.18 -1.95
C TYR A 26 -6.50 5.73 -2.31
N ARG A 27 -7.21 6.58 -3.06
CA ARG A 27 -8.57 6.26 -3.47
C ARG A 27 -8.57 5.11 -4.46
N LYS A 28 -9.78 4.73 -4.91
CA LYS A 28 -9.93 3.65 -5.87
C LYS A 28 -9.45 4.07 -7.25
N ALA A 29 -9.60 5.34 -7.57
CA ALA A 29 -9.18 5.88 -8.85
C ALA A 29 -7.70 6.23 -8.85
N GLU A 30 -7.22 6.75 -7.73
CA GLU A 30 -5.82 7.14 -7.59
C GLU A 30 -4.92 5.91 -7.52
N LEU A 31 -5.45 4.83 -6.95
CA LEU A 31 -4.70 3.59 -6.82
C LEU A 31 -4.76 2.77 -8.11
N LEU A 32 -5.88 2.89 -8.83
CA LEU A 32 -6.06 2.17 -10.07
C LEU A 32 -5.09 2.66 -11.14
N LEU A 33 -4.80 3.96 -11.11
CA LEU A 33 -3.88 4.56 -12.08
C LEU A 33 -2.42 4.25 -11.72
N ARG A 34 -2.15 4.14 -10.42
CA ARG A 34 -0.81 3.85 -9.95
C ARG A 34 -0.44 2.39 -10.19
N LEU A 35 -1.32 1.49 -9.76
CA LEU A 35 -1.09 0.06 -9.93
C LEU A 35 -0.94 -0.30 -11.41
N GLN A 36 -1.61 0.47 -12.27
CA GLN A 36 -1.55 0.24 -13.71
C GLN A 36 -0.11 0.34 -14.21
N LYS A 37 0.68 1.18 -13.55
CA LYS A 37 2.08 1.37 -13.95
C LYS A 37 2.86 0.06 -13.84
N ASP A 38 2.68 -0.64 -12.72
CA ASP A 38 3.37 -1.91 -12.50
C ASP A 38 2.71 -3.03 -13.30
N GLY A 39 1.40 -2.95 -13.45
CA GLY A 39 0.67 -3.97 -14.19
C GLY A 39 -0.69 -4.26 -13.60
N LEU A 40 -1.72 -3.59 -14.12
CA LEU A 40 -3.08 -3.79 -13.62
C LEU A 40 -3.99 -4.29 -14.74
N THR A 41 -4.67 -5.40 -14.49
CA THR A 41 -5.58 -5.99 -15.46
C THR A 41 -7.01 -5.97 -14.97
N GLN A 42 -7.92 -6.52 -15.76
CA GLN A 42 -9.34 -6.56 -15.39
C GLN A 42 -9.53 -7.36 -14.11
N ALA A 43 -8.73 -8.40 -13.93
CA ALA A 43 -8.83 -9.25 -12.75
C ALA A 43 -8.33 -8.51 -11.50
N ASP A 44 -7.18 -7.86 -11.63
CA ASP A 44 -6.59 -7.11 -10.53
C ASP A 44 -7.42 -5.86 -10.20
N LYS A 45 -8.06 -5.30 -11.22
CA LYS A 45 -8.88 -4.11 -11.05
C LYS A 45 -10.11 -4.42 -10.20
N ASP A 46 -10.77 -5.54 -10.50
CA ASP A 46 -11.96 -5.95 -9.76
C ASP A 46 -11.59 -6.48 -8.38
N ALA A 47 -10.42 -7.12 -8.29
CA ALA A 47 -9.95 -7.67 -7.04
C ALA A 47 -9.47 -6.57 -6.08
N LEU A 48 -8.96 -5.49 -6.66
CA LEU A 48 -8.47 -4.37 -5.87
C LEU A 48 -9.58 -3.78 -5.00
N ASP A 49 -10.81 -3.81 -5.52
CA ASP A 49 -11.95 -3.28 -4.79
C ASP A 49 -12.21 -4.08 -3.51
N GLY A 50 -12.36 -5.38 -3.66
CA GLY A 50 -12.61 -6.22 -2.51
C GLY A 50 -11.43 -6.29 -1.56
N LEU A 51 -10.23 -6.09 -2.10
CA LEU A 51 -9.01 -6.13 -1.30
C LEU A 51 -8.92 -4.89 -0.40
N LEU A 52 -9.27 -3.74 -0.95
CA LEU A 52 -9.23 -2.49 -0.20
C LEU A 52 -10.15 -2.55 1.02
N GLN A 53 -11.34 -3.12 0.82
CA GLN A 53 -12.30 -3.23 1.90
C GLN A 53 -11.78 -4.11 3.03
N GLN A 54 -10.88 -5.04 2.68
CA GLN A 54 -10.30 -5.94 3.66
C GLN A 54 -9.02 -5.36 4.25
N VAL A 55 -8.10 -4.97 3.38
CA VAL A 55 -6.83 -4.40 3.81
C VAL A 55 -6.85 -2.88 3.78
N ALA A 56 -8.04 -2.30 4.00
CA ALA A 56 -8.21 -0.86 3.99
C ALA A 56 -9.64 -0.47 4.31
N ASN A 57 -9.88 0.83 4.44
CA ASN A 57 -11.20 1.34 4.76
C ASN A 57 -11.53 2.57 3.92
N MET A 58 -12.72 2.59 3.33
CA MET A 58 -13.15 3.71 2.50
C MET A 58 -13.53 4.91 3.36
N SER A 59 -13.73 6.06 2.72
CA SER A 59 -14.09 7.28 3.43
C SER A 59 -15.54 7.66 3.14
N ALA A 60 -16.07 8.60 3.92
CA ALA A 60 -17.44 9.06 3.75
C ALA A 60 -17.49 10.53 3.37
N LYS A 61 -16.47 10.98 2.65
CA LYS A 61 -16.40 12.38 2.22
C LYS A 61 -15.97 12.48 0.76
N ASP A 62 -14.93 11.74 0.40
CA ASP A 62 -14.43 11.75 -0.97
C ASP A 62 -14.36 10.33 -1.53
N GLY A 63 -13.85 9.41 -0.72
CA GLY A 63 -13.74 8.02 -1.16
C GLY A 63 -12.31 7.50 -1.09
N THR A 64 -11.61 7.88 -0.04
CA THR A 64 -10.23 7.44 0.15
C THR A 64 -10.17 6.10 0.86
N CYS A 65 -9.20 5.27 0.47
CA CYS A 65 -9.04 3.95 1.07
C CYS A 65 -7.80 3.91 1.95
N THR A 66 -7.95 4.32 3.20
CA THR A 66 -6.84 4.32 4.15
C THR A 66 -6.44 2.90 4.54
N LEU A 67 -5.23 2.74 5.04
CA LEU A 67 -4.73 1.43 5.45
C LEU A 67 -5.08 1.15 6.91
N GLN A 68 -5.13 -0.13 7.27
CA GLN A 68 -5.46 -0.53 8.63
C GLN A 68 -4.23 -0.46 9.52
N ASP A 69 -4.46 -0.23 10.82
CA ASP A 69 -3.37 -0.14 11.78
C ASP A 69 -2.70 -1.50 11.96
N CYS A 70 -3.51 -2.55 11.99
CA CYS A 70 -2.99 -3.91 12.17
C CYS A 70 -2.30 -4.39 10.90
N MET A 71 -2.77 -3.91 9.76
CA MET A 71 -2.20 -4.30 8.47
C MET A 71 -0.77 -3.80 8.34
N TYR A 72 -0.45 -2.72 9.05
CA TYR A 72 0.89 -2.14 9.01
C TYR A 72 1.95 -3.18 9.35
N LYS A 73 1.57 -4.17 10.15
CA LYS A 73 2.49 -5.24 10.54
C LYS A 73 2.97 -6.03 9.32
N ASP A 74 2.23 -5.96 8.23
CA ASP A 74 2.58 -6.67 7.01
C ASP A 74 3.32 -5.75 6.04
N VAL A 75 4.09 -4.81 6.58
CA VAL A 75 4.85 -3.88 5.76
C VAL A 75 6.35 -4.10 5.92
N GLN A 76 7.00 -4.57 4.86
CA GLN A 76 8.43 -4.83 4.89
C GLN A 76 9.22 -3.53 4.72
N LYS A 77 10.43 -3.50 5.28
CA LYS A 77 11.28 -2.32 5.19
C LYS A 77 12.32 -2.49 4.07
N ASP A 78 11.95 -3.25 3.04
CA ASP A 78 12.84 -3.48 1.91
C ASP A 78 12.09 -3.44 0.59
N TRP A 79 10.98 -2.69 0.57
CA TRP A 79 10.17 -2.57 -0.63
C TRP A 79 10.96 -1.90 -1.76
N PRO A 80 10.97 -2.52 -2.96
CA PRO A 80 11.70 -1.98 -4.11
C PRO A 80 10.98 -0.79 -4.75
N GLY A 81 9.79 -0.47 -4.25
CA GLY A 81 9.04 0.64 -4.81
C GLY A 81 9.46 1.97 -4.22
N TYR A 82 9.95 1.95 -2.99
CA TYR A 82 10.39 3.18 -2.32
C TYR A 82 11.79 3.56 -2.77
N SER A 83 12.27 4.70 -2.28
CA SER A 83 13.60 5.20 -2.64
C SER A 83 14.25 5.89 -1.45
N GLU A 84 13.77 7.07 -1.11
CA GLU A 84 14.31 7.83 0.01
C GLU A 84 13.20 8.54 0.77
N GLY A 85 12.51 9.45 0.10
CA GLY A 85 11.43 10.18 0.72
C GLY A 85 10.33 9.28 1.26
N ASP A 86 10.17 8.12 0.63
CA ASP A 86 9.17 7.16 1.06
C ASP A 86 9.74 6.17 2.08
N GLN A 87 11.02 5.87 1.94
CA GLN A 87 11.69 4.95 2.86
C GLN A 87 11.74 5.52 4.27
N GLN A 88 11.83 6.84 4.37
CA GLN A 88 11.88 7.51 5.67
C GLN A 88 10.48 7.74 6.23
N LEU A 89 9.57 8.16 5.35
CA LEU A 89 8.18 8.42 5.77
C LEU A 89 7.52 7.14 6.26
N LEU A 90 7.78 6.04 5.56
CA LEU A 90 7.19 4.76 5.93
C LEU A 90 7.59 4.36 7.35
N LYS A 91 8.77 4.80 7.79
CA LYS A 91 9.25 4.49 9.13
C LYS A 91 8.35 5.11 10.19
N ARG A 92 8.21 6.44 10.14
CA ARG A 92 7.38 7.15 11.11
C ARG A 92 5.94 6.65 11.07
N VAL A 93 5.50 6.22 9.89
CA VAL A 93 4.14 5.72 9.72
C VAL A 93 3.97 4.36 10.41
N LEU A 94 5.07 3.62 10.56
CA LEU A 94 5.03 2.31 11.20
C LEU A 94 5.41 2.41 12.67
N VAL A 95 6.25 3.40 13.00
CA VAL A 95 6.69 3.59 14.38
C VAL A 95 5.59 4.19 15.24
N ARG A 96 5.06 5.34 14.81
CA ARG A 96 4.00 6.02 15.54
C ARG A 96 2.78 5.12 15.70
N LYS A 97 2.53 4.29 14.69
CA LYS A 97 1.40 3.38 14.72
C LYS A 97 1.67 2.18 15.63
N LEU A 98 2.77 1.49 15.37
CA LEU A 98 3.15 0.33 16.17
C LEU A 98 4.00 0.75 17.36
N SER A 99 3.40 0.75 18.55
CA SER A 99 4.11 1.12 19.76
C SER A 99 4.62 2.56 19.67
N GLY A 100 3.73 3.52 19.89
CA GLY A 100 4.12 4.92 19.82
C GLY A 100 4.21 5.56 21.19
N PRO A 101 4.12 6.90 21.27
CA PRO A 101 4.19 7.63 22.54
C PRO A 101 3.21 7.08 23.58
N SER A 102 3.30 7.60 24.79
CA SER A 102 2.42 7.17 25.88
C SER A 102 2.64 5.70 26.20
N SER A 103 2.05 4.82 25.40
CA SER A 103 2.17 3.38 25.61
C SER A 103 2.21 2.64 24.27
N GLY A 104 1.24 2.93 23.42
CA GLY A 104 1.18 2.29 22.12
C GLY A 104 0.25 3.00 21.15
N GLY A 1 3.08 -8.35 -17.64
CA GLY A 1 4.20 -8.99 -16.89
C GLY A 1 4.96 -8.01 -16.04
N SER A 2 5.94 -7.34 -16.64
CA SER A 2 6.75 -6.36 -15.93
C SER A 2 6.82 -5.03 -16.69
N SER A 3 5.98 -4.09 -16.28
CA SER A 3 5.93 -2.78 -16.93
C SER A 3 6.77 -1.76 -16.16
N GLY A 4 7.94 -2.20 -15.69
CA GLY A 4 8.82 -1.32 -14.94
C GLY A 4 10.20 -1.92 -14.73
N SER A 5 10.24 -3.21 -14.44
CA SER A 5 11.50 -3.90 -14.21
C SER A 5 12.22 -3.33 -13.00
N SER A 6 11.98 -3.91 -11.83
CA SER A 6 12.60 -3.45 -10.59
C SER A 6 12.53 -4.53 -9.52
N GLY A 7 11.37 -5.13 -9.37
CA GLY A 7 11.18 -6.18 -8.37
C GLY A 7 9.76 -6.24 -7.86
N VAL A 8 9.06 -5.10 -7.89
CA VAL A 8 7.68 -5.04 -7.43
C VAL A 8 6.78 -5.96 -8.25
N SER A 9 7.13 -6.13 -9.52
CA SER A 9 6.34 -6.98 -10.41
C SER A 9 6.30 -8.42 -9.89
N GLN A 10 7.43 -8.89 -9.38
CA GLN A 10 7.51 -10.25 -8.85
C GLN A 10 6.67 -10.40 -7.60
N ARG A 11 6.64 -9.34 -6.78
CA ARG A 11 5.87 -9.36 -5.55
C ARG A 11 4.37 -9.47 -5.83
N PRO A 12 3.59 -10.01 -4.88
CA PRO A 12 2.15 -10.17 -5.04
C PRO A 12 1.43 -8.83 -5.11
N PHE A 13 0.18 -8.86 -5.58
CA PHE A 13 -0.63 -7.65 -5.70
C PHE A 13 -1.05 -7.13 -4.33
N ARG A 14 -1.32 -8.04 -3.41
CA ARG A 14 -1.73 -7.67 -2.06
C ARG A 14 -0.66 -6.83 -1.37
N ASP A 15 0.60 -7.06 -1.73
CA ASP A 15 1.71 -6.32 -1.15
C ASP A 15 1.84 -4.95 -1.80
N ARG A 16 1.62 -4.89 -3.10
CA ARG A 16 1.72 -3.64 -3.84
C ARG A 16 0.74 -2.61 -3.30
N VAL A 17 -0.47 -3.06 -2.97
CA VAL A 17 -1.49 -2.18 -2.44
C VAL A 17 -1.32 -1.97 -0.94
N LEU A 18 -0.80 -2.98 -0.26
CA LEU A 18 -0.57 -2.91 1.18
C LEU A 18 0.54 -1.92 1.51
N HIS A 19 1.50 -1.79 0.60
CA HIS A 19 2.63 -0.88 0.79
C HIS A 19 2.25 0.54 0.39
N LEU A 20 1.43 0.66 -0.65
CA LEU A 20 0.99 1.97 -1.13
C LEU A 20 0.14 2.69 -0.08
N LEU A 21 -0.94 2.04 0.34
CA LEU A 21 -1.83 2.61 1.35
C LEU A 21 -1.07 2.91 2.65
N ALA A 22 -0.06 2.10 2.92
CA ALA A 22 0.75 2.27 4.13
C ALA A 22 1.37 3.66 4.19
N LEU A 23 1.68 4.21 3.01
CA LEU A 23 2.28 5.53 2.93
C LEU A 23 1.23 6.63 3.11
N ARG A 24 0.28 6.68 2.19
CA ARG A 24 -0.79 7.68 2.26
C ARG A 24 -2.10 7.12 1.72
N PRO A 25 -3.24 7.65 2.20
CA PRO A 25 -4.57 7.20 1.76
C PRO A 25 -4.72 7.26 0.25
N TYR A 26 -4.93 6.10 -0.37
CA TYR A 26 -5.09 6.01 -1.81
C TYR A 26 -6.54 5.67 -2.18
N ARG A 27 -7.17 6.53 -2.97
CA ARG A 27 -8.55 6.32 -3.38
C ARG A 27 -8.65 5.09 -4.29
N LYS A 28 -9.84 4.89 -4.86
CA LYS A 28 -10.07 3.75 -5.75
C LYS A 28 -9.48 4.02 -7.13
N ALA A 29 -9.68 5.25 -7.62
CA ALA A 29 -9.15 5.64 -8.94
C ALA A 29 -7.69 6.04 -8.86
N GLU A 30 -7.33 6.76 -7.80
CA GLU A 30 -5.96 7.20 -7.61
C GLU A 30 -5.02 6.01 -7.46
N LEU A 31 -5.53 4.92 -6.89
CA LEU A 31 -4.74 3.72 -6.68
C LEU A 31 -4.70 2.86 -7.95
N LEU A 32 -5.80 2.90 -8.71
CA LEU A 32 -5.90 2.14 -9.94
C LEU A 32 -4.90 2.65 -10.98
N LEU A 33 -4.90 3.96 -11.20
CA LEU A 33 -4.01 4.58 -12.17
C LEU A 33 -2.54 4.32 -11.80
N ARG A 34 -2.27 4.24 -10.50
CA ARG A 34 -0.92 4.00 -10.01
C ARG A 34 -0.48 2.57 -10.32
N LEU A 35 -1.36 1.61 -10.02
CA LEU A 35 -1.06 0.20 -10.27
C LEU A 35 -1.00 -0.09 -11.76
N GLN A 36 -1.77 0.67 -12.54
CA GLN A 36 -1.81 0.50 -13.98
C GLN A 36 -0.42 0.64 -14.59
N LYS A 37 0.41 1.48 -13.97
CA LYS A 37 1.76 1.71 -14.45
C LYS A 37 2.62 0.46 -14.27
N ASP A 38 2.39 -0.27 -13.19
CA ASP A 38 3.15 -1.48 -12.90
C ASP A 38 2.69 -2.63 -13.81
N GLY A 39 1.40 -2.63 -14.13
CA GLY A 39 0.87 -3.68 -14.98
C GLY A 39 -0.46 -4.23 -14.46
N LEU A 40 -1.34 -3.33 -14.05
CA LEU A 40 -2.64 -3.73 -13.53
C LEU A 40 -3.48 -4.39 -14.61
N THR A 41 -4.33 -5.34 -14.22
CA THR A 41 -5.19 -6.04 -15.15
C THR A 41 -6.61 -6.14 -14.63
N GLN A 42 -7.47 -6.86 -15.35
CA GLN A 42 -8.86 -7.03 -14.96
C GLN A 42 -8.96 -7.81 -13.65
N ALA A 43 -8.03 -8.72 -13.43
CA ALA A 43 -8.01 -9.53 -12.23
C ALA A 43 -7.65 -8.69 -11.01
N ASP A 44 -6.78 -7.71 -11.21
CA ASP A 44 -6.35 -6.83 -10.13
C ASP A 44 -7.32 -5.67 -9.95
N LYS A 45 -7.94 -5.25 -11.05
CA LYS A 45 -8.90 -4.15 -11.02
C LYS A 45 -10.12 -4.51 -10.17
N ASP A 46 -10.87 -5.51 -10.61
CA ASP A 46 -12.05 -5.96 -9.90
C ASP A 46 -11.70 -6.44 -8.50
N ALA A 47 -10.50 -7.00 -8.36
CA ALA A 47 -10.04 -7.50 -7.07
C ALA A 47 -9.70 -6.36 -6.12
N LEU A 48 -9.27 -5.23 -6.68
CA LEU A 48 -8.92 -4.07 -5.88
C LEU A 48 -10.07 -3.63 -4.98
N ASP A 49 -11.28 -3.69 -5.52
CA ASP A 49 -12.48 -3.32 -4.77
C ASP A 49 -12.66 -4.22 -3.55
N GLY A 50 -12.46 -5.53 -3.75
CA GLY A 50 -12.62 -6.47 -2.66
C GLY A 50 -11.40 -6.54 -1.77
N LEU A 51 -10.23 -6.21 -2.33
CA LEU A 51 -8.98 -6.23 -1.57
C LEU A 51 -8.88 -5.00 -0.68
N LEU A 52 -9.24 -3.85 -1.22
CA LEU A 52 -9.17 -2.60 -0.46
C LEU A 52 -9.99 -2.69 0.83
N GLN A 53 -11.20 -3.22 0.72
CA GLN A 53 -12.06 -3.37 1.88
C GLN A 53 -11.45 -4.33 2.91
N GLN A 54 -10.55 -5.18 2.45
CA GLN A 54 -9.89 -6.14 3.33
C GLN A 54 -8.65 -5.53 3.99
N VAL A 55 -7.71 -5.07 3.15
CA VAL A 55 -6.49 -4.47 3.66
C VAL A 55 -6.57 -2.95 3.66
N ALA A 56 -7.79 -2.44 3.82
CA ALA A 56 -8.01 -0.99 3.84
C ALA A 56 -9.46 -0.66 4.20
N ASN A 57 -9.75 0.63 4.33
CA ASN A 57 -11.10 1.08 4.67
C ASN A 57 -11.48 2.31 3.87
N MET A 58 -12.62 2.25 3.20
CA MET A 58 -13.11 3.37 2.40
C MET A 58 -13.79 4.42 3.28
N SER A 59 -13.46 5.68 3.03
CA SER A 59 -14.04 6.78 3.80
C SER A 59 -15.42 7.16 3.25
N ALA A 60 -16.13 8.00 4.00
CA ALA A 60 -17.45 8.44 3.59
C ALA A 60 -17.48 9.94 3.31
N LYS A 61 -16.37 10.45 2.80
CA LYS A 61 -16.25 11.87 2.48
C LYS A 61 -16.21 12.09 0.97
N ASP A 62 -15.61 11.15 0.26
CA ASP A 62 -15.50 11.24 -1.20
C ASP A 62 -15.25 9.86 -1.81
N GLY A 63 -14.27 9.16 -1.26
CA GLY A 63 -13.94 7.83 -1.77
C GLY A 63 -12.47 7.50 -1.62
N THR A 64 -11.91 7.81 -0.46
CA THR A 64 -10.50 7.54 -0.19
C THR A 64 -10.33 6.35 0.76
N CYS A 65 -9.37 5.49 0.47
CA CYS A 65 -9.11 4.32 1.29
C CYS A 65 -7.96 4.57 2.25
N THR A 66 -8.02 3.97 3.44
CA THR A 66 -6.98 4.13 4.44
C THR A 66 -6.56 2.78 5.00
N LEU A 67 -5.26 2.51 4.99
CA LEU A 67 -4.72 1.26 5.50
C LEU A 67 -5.04 1.09 6.97
N GLN A 68 -5.23 -0.16 7.40
CA GLN A 68 -5.54 -0.46 8.80
C GLN A 68 -4.32 -0.27 9.69
N ASP A 69 -4.52 -0.37 10.99
CA ASP A 69 -3.44 -0.22 11.95
C ASP A 69 -2.65 -1.52 12.11
N CYS A 70 -3.37 -2.62 12.27
CA CYS A 70 -2.75 -3.93 12.43
C CYS A 70 -2.15 -4.41 11.11
N MET A 71 -2.77 -4.01 10.01
CA MET A 71 -2.30 -4.39 8.68
C MET A 71 -0.87 -3.92 8.45
N TYR A 72 -0.48 -2.84 9.13
CA TYR A 72 0.86 -2.28 9.00
C TYR A 72 1.92 -3.34 9.32
N LYS A 73 1.58 -4.26 10.22
CA LYS A 73 2.50 -5.32 10.61
C LYS A 73 2.85 -6.20 9.42
N ASP A 74 1.89 -6.38 8.52
CA ASP A 74 2.10 -7.21 7.33
C ASP A 74 3.12 -6.57 6.40
N VAL A 75 3.22 -5.25 6.43
CA VAL A 75 4.16 -4.53 5.58
C VAL A 75 5.59 -4.98 5.85
N GLN A 76 6.34 -5.21 4.78
CA GLN A 76 7.73 -5.66 4.89
C GLN A 76 8.65 -4.46 5.12
N LYS A 77 9.91 -4.76 5.45
CA LYS A 77 10.90 -3.72 5.70
C LYS A 77 12.00 -3.75 4.65
N ASP A 78 11.65 -4.17 3.43
CA ASP A 78 12.61 -4.25 2.34
C ASP A 78 11.91 -4.14 0.99
N TRP A 79 10.80 -3.41 0.96
CA TRP A 79 10.03 -3.23 -0.28
C TRP A 79 10.87 -2.51 -1.34
N PRO A 80 10.94 -3.06 -2.56
CA PRO A 80 11.71 -2.46 -3.65
C PRO A 80 11.09 -1.15 -4.14
N GLY A 81 9.79 -0.99 -3.91
CA GLY A 81 9.11 0.22 -4.33
C GLY A 81 9.75 1.49 -3.78
N TYR A 82 10.10 1.45 -2.50
CA TYR A 82 10.72 2.60 -1.85
C TYR A 82 12.16 2.77 -2.31
N SER A 83 12.77 3.89 -1.93
CA SER A 83 14.16 4.17 -2.30
C SER A 83 14.91 4.82 -1.15
N GLU A 84 14.54 6.06 -0.83
CA GLU A 84 15.18 6.80 0.25
C GLU A 84 14.20 7.76 0.90
N GLY A 85 13.51 8.56 0.09
CA GLY A 85 12.55 9.51 0.61
C GLY A 85 11.33 8.84 1.19
N ASP A 86 10.89 7.76 0.54
CA ASP A 86 9.71 7.03 0.99
C ASP A 86 10.05 6.11 2.16
N GLN A 87 11.28 5.57 2.15
CA GLN A 87 11.74 4.69 3.21
C GLN A 87 11.71 5.38 4.56
N GLN A 88 12.22 6.61 4.59
CA GLN A 88 12.26 7.39 5.82
C GLN A 88 10.85 7.66 6.34
N LEU A 89 9.92 7.88 5.41
CA LEU A 89 8.53 8.15 5.78
C LEU A 89 7.87 6.91 6.37
N LEU A 90 7.97 5.80 5.66
CA LEU A 90 7.39 4.54 6.11
C LEU A 90 7.96 4.12 7.46
N LYS A 91 9.19 4.54 7.73
CA LYS A 91 9.86 4.21 8.99
C LYS A 91 9.25 4.97 10.15
N ARG A 92 8.80 6.20 9.89
CA ARG A 92 8.20 7.04 10.92
C ARG A 92 6.71 6.74 11.06
N VAL A 93 6.08 6.34 9.97
CA VAL A 93 4.66 6.03 9.97
C VAL A 93 4.36 4.81 10.84
N LEU A 94 5.22 3.80 10.74
CA LEU A 94 5.05 2.58 11.52
C LEU A 94 5.20 2.86 13.02
N VAL A 95 6.02 3.86 13.35
CA VAL A 95 6.23 4.24 14.75
C VAL A 95 5.06 5.03 15.29
N ARG A 96 4.56 5.97 14.50
CA ARG A 96 3.43 6.81 14.91
C ARG A 96 2.15 5.99 14.95
N LYS A 97 2.03 5.02 14.05
CA LYS A 97 0.85 4.17 14.00
C LYS A 97 0.91 3.07 15.06
N LEU A 98 1.91 2.20 14.95
CA LEU A 98 2.08 1.11 15.89
C LEU A 98 2.63 1.62 17.22
N SER A 99 2.91 0.70 18.14
CA SER A 99 3.44 1.06 19.44
C SER A 99 4.94 1.30 19.37
N GLY A 100 5.68 0.28 18.96
CA GLY A 100 7.13 0.41 18.85
C GLY A 100 7.83 -0.93 18.98
N PRO A 101 8.11 -1.61 17.84
CA PRO A 101 8.78 -2.91 17.85
C PRO A 101 10.08 -2.89 18.65
N SER A 102 10.58 -4.07 18.99
CA SER A 102 11.81 -4.18 19.76
C SER A 102 12.33 -5.62 19.76
N SER A 103 13.61 -5.78 20.03
CA SER A 103 14.24 -7.09 20.05
C SER A 103 15.47 -7.10 20.95
N GLY A 104 15.71 -8.24 21.60
CA GLY A 104 16.87 -8.36 22.47
C GLY A 104 16.93 -9.70 23.18
N GLY A 1 26.16 -2.44 -9.69
CA GLY A 1 25.01 -1.61 -9.22
C GLY A 1 23.77 -1.79 -10.06
N SER A 2 22.61 -1.90 -9.41
CA SER A 2 21.36 -2.07 -10.12
C SER A 2 20.82 -0.73 -10.63
N SER A 3 20.83 -0.56 -11.94
CA SER A 3 20.34 0.67 -12.56
C SER A 3 19.12 0.40 -13.43
N GLY A 4 17.94 0.73 -12.92
CA GLY A 4 16.72 0.52 -13.67
C GLY A 4 16.09 -0.84 -13.38
N SER A 5 15.85 -1.11 -12.11
CA SER A 5 15.25 -2.38 -11.70
C SER A 5 13.84 -2.17 -11.17
N SER A 6 13.06 -3.24 -11.13
CA SER A 6 11.69 -3.17 -10.65
C SER A 6 11.14 -4.57 -10.36
N GLY A 7 11.32 -5.03 -9.12
CA GLY A 7 10.83 -6.34 -8.74
C GLY A 7 9.52 -6.28 -8.00
N VAL A 8 8.72 -5.26 -8.29
CA VAL A 8 7.43 -5.09 -7.63
C VAL A 8 6.35 -5.93 -8.32
N SER A 9 6.51 -6.11 -9.62
CA SER A 9 5.54 -6.89 -10.40
C SER A 9 5.55 -8.35 -9.96
N GLN A 10 6.71 -8.84 -9.55
CA GLN A 10 6.85 -10.22 -9.10
C GLN A 10 6.17 -10.43 -7.75
N ARG A 11 6.32 -9.45 -6.86
CA ARG A 11 5.73 -9.52 -5.54
C ARG A 11 4.21 -9.65 -5.62
N PRO A 12 3.57 -10.22 -4.58
CA PRO A 12 2.12 -10.39 -4.55
C PRO A 12 1.36 -9.07 -4.66
N PHE A 13 0.11 -9.13 -5.09
CA PHE A 13 -0.72 -7.94 -5.24
C PHE A 13 -1.06 -7.34 -3.89
N ARG A 14 -1.16 -8.20 -2.87
CA ARG A 14 -1.49 -7.75 -1.52
C ARG A 14 -0.40 -6.85 -0.97
N ASP A 15 0.85 -7.19 -1.24
CA ASP A 15 1.98 -6.42 -0.77
C ASP A 15 2.09 -5.09 -1.52
N ARG A 16 1.82 -5.13 -2.81
CA ARG A 16 1.89 -3.93 -3.64
C ARG A 16 0.93 -2.86 -3.14
N VAL A 17 -0.31 -3.25 -2.87
CA VAL A 17 -1.32 -2.31 -2.38
C VAL A 17 -1.11 -2.02 -0.90
N LEU A 18 -0.58 -2.99 -0.17
CA LEU A 18 -0.33 -2.84 1.26
C LEU A 18 0.75 -1.80 1.52
N HIS A 19 1.79 -1.80 0.68
CA HIS A 19 2.89 -0.85 0.84
C HIS A 19 2.46 0.54 0.41
N LEU A 20 1.56 0.62 -0.56
CA LEU A 20 1.07 1.91 -1.05
C LEU A 20 0.26 2.62 0.03
N LEU A 21 -0.79 1.95 0.50
CA LEU A 21 -1.67 2.52 1.52
C LEU A 21 -0.88 2.86 2.79
N ALA A 22 0.18 2.10 3.04
CA ALA A 22 1.02 2.31 4.22
C ALA A 22 1.60 3.73 4.22
N LEU A 23 2.19 4.13 3.11
CA LEU A 23 2.79 5.45 2.99
C LEU A 23 1.75 6.54 3.20
N ARG A 24 0.64 6.46 2.48
CA ARG A 24 -0.44 7.44 2.60
C ARG A 24 -1.72 6.92 1.96
N PRO A 25 -2.87 7.51 2.32
CA PRO A 25 -4.17 7.09 1.78
C PRO A 25 -4.18 7.09 0.25
N TYR A 26 -5.01 6.21 -0.33
CA TYR A 26 -5.10 6.10 -1.77
C TYR A 26 -6.53 5.74 -2.20
N ARG A 27 -7.15 6.62 -2.97
CA ARG A 27 -8.52 6.39 -3.44
C ARG A 27 -8.55 5.27 -4.47
N LYS A 28 -9.75 4.95 -4.95
CA LYS A 28 -9.92 3.90 -5.95
C LYS A 28 -9.36 4.34 -7.30
N ALA A 29 -9.67 5.58 -7.68
CA ALA A 29 -9.20 6.11 -8.96
C ALA A 29 -7.72 6.49 -8.89
N GLU A 30 -7.27 6.90 -7.71
CA GLU A 30 -5.88 7.29 -7.51
C GLU A 30 -4.98 6.06 -7.40
N LEU A 31 -5.53 4.98 -6.85
CA LEU A 31 -4.79 3.74 -6.68
C LEU A 31 -4.85 2.89 -7.95
N LEU A 32 -5.98 2.96 -8.64
CA LEU A 32 -6.16 2.19 -9.87
C LEU A 32 -5.13 2.58 -10.92
N LEU A 33 -5.05 3.88 -11.20
CA LEU A 33 -4.10 4.39 -12.18
C LEU A 33 -2.66 4.10 -11.75
N ARG A 34 -2.42 4.12 -10.46
CA ARG A 34 -1.09 3.85 -9.92
C ARG A 34 -0.65 2.42 -10.22
N LEU A 35 -1.53 1.47 -9.91
CA LEU A 35 -1.24 0.06 -10.15
C LEU A 35 -1.02 -0.21 -11.64
N GLN A 36 -1.70 0.56 -12.48
CA GLN A 36 -1.59 0.41 -13.93
C GLN A 36 -0.15 0.65 -14.38
N LYS A 37 0.55 1.54 -13.68
CA LYS A 37 1.93 1.87 -14.01
C LYS A 37 2.81 0.63 -13.92
N ASP A 38 2.46 -0.28 -13.03
CA ASP A 38 3.23 -1.51 -12.84
C ASP A 38 2.51 -2.69 -13.47
N GLY A 39 1.27 -2.93 -13.05
CA GLY A 39 0.49 -4.03 -13.59
C GLY A 39 -0.99 -3.90 -13.27
N LEU A 40 -1.81 -3.87 -14.32
CA LEU A 40 -3.25 -3.75 -14.14
C LEU A 40 -3.97 -3.87 -15.49
N THR A 41 -5.16 -4.47 -15.47
CA THR A 41 -5.94 -4.64 -16.68
C THR A 41 -7.43 -4.72 -16.37
N GLN A 42 -7.86 -5.86 -15.83
CA GLN A 42 -9.26 -6.07 -15.48
C GLN A 42 -9.39 -6.96 -14.25
N ALA A 43 -8.63 -8.05 -14.24
CA ALA A 43 -8.66 -8.99 -13.13
C ALA A 43 -8.25 -8.30 -11.83
N ASP A 44 -7.16 -7.53 -11.88
CA ASP A 44 -6.67 -6.82 -10.71
C ASP A 44 -7.65 -5.73 -10.27
N LYS A 45 -8.37 -5.17 -11.24
CA LYS A 45 -9.33 -4.12 -10.96
C LYS A 45 -10.42 -4.62 -10.01
N ASP A 46 -11.14 -5.65 -10.43
CA ASP A 46 -12.21 -6.23 -9.62
C ASP A 46 -11.68 -6.71 -8.27
N ALA A 47 -10.42 -7.13 -8.26
CA ALA A 47 -9.79 -7.62 -7.03
C ALA A 47 -9.38 -6.47 -6.12
N LEU A 48 -9.06 -5.32 -6.73
CA LEU A 48 -8.65 -4.15 -5.99
C LEU A 48 -9.74 -3.72 -5.00
N ASP A 49 -10.96 -3.56 -5.51
CA ASP A 49 -12.09 -3.14 -4.68
C ASP A 49 -12.31 -4.13 -3.54
N GLY A 50 -12.29 -5.42 -3.86
CA GLY A 50 -12.49 -6.44 -2.85
C GLY A 50 -11.37 -6.49 -1.83
N LEU A 51 -10.19 -6.03 -2.22
CA LEU A 51 -9.03 -6.03 -1.34
C LEU A 51 -9.02 -4.79 -0.45
N LEU A 52 -9.25 -3.63 -1.06
CA LEU A 52 -9.27 -2.37 -0.32
C LEU A 52 -10.30 -2.41 0.80
N GLN A 53 -11.37 -3.17 0.60
CA GLN A 53 -12.43 -3.29 1.59
C GLN A 53 -11.98 -4.17 2.75
N GLN A 54 -11.01 -5.04 2.49
CA GLN A 54 -10.50 -5.94 3.53
C GLN A 54 -9.23 -5.39 4.16
N VAL A 55 -8.25 -5.06 3.32
CA VAL A 55 -6.98 -4.52 3.81
C VAL A 55 -6.97 -3.00 3.76
N ALA A 56 -8.13 -2.39 3.99
CA ALA A 56 -8.24 -0.94 3.96
C ALA A 56 -9.66 -0.50 4.35
N ASN A 57 -9.81 0.80 4.62
CA ASN A 57 -11.11 1.34 5.00
C ASN A 57 -11.57 2.40 3.99
N MET A 58 -12.79 2.23 3.49
CA MET A 58 -13.35 3.16 2.52
C MET A 58 -14.05 4.31 3.23
N SER A 59 -13.84 5.52 2.71
CA SER A 59 -14.45 6.72 3.29
C SER A 59 -15.95 6.77 2.97
N ALA A 60 -16.65 7.71 3.60
CA ALA A 60 -18.08 7.86 3.39
C ALA A 60 -18.41 9.26 2.88
N LYS A 61 -17.49 9.83 2.11
CA LYS A 61 -17.67 11.17 1.56
C LYS A 61 -16.94 11.33 0.24
N ASP A 62 -15.66 11.00 0.24
CA ASP A 62 -14.83 11.11 -0.97
C ASP A 62 -14.59 9.72 -1.58
N GLY A 63 -13.91 8.87 -0.82
CA GLY A 63 -13.63 7.53 -1.30
C GLY A 63 -12.15 7.19 -1.23
N THR A 64 -11.50 7.60 -0.14
CA THR A 64 -10.08 7.33 0.04
C THR A 64 -9.86 6.11 0.93
N CYS A 65 -9.04 5.17 0.45
CA CYS A 65 -8.74 3.97 1.20
C CYS A 65 -7.52 4.16 2.09
N THR A 66 -7.66 3.81 3.36
CA THR A 66 -6.56 3.93 4.31
C THR A 66 -6.19 2.58 4.92
N LEU A 67 -4.89 2.34 5.04
CA LEU A 67 -4.41 1.09 5.60
C LEU A 67 -4.83 0.93 7.06
N GLN A 68 -5.08 -0.31 7.47
CA GLN A 68 -5.49 -0.59 8.85
C GLN A 68 -4.31 -0.50 9.80
N ASP A 69 -4.59 -0.51 11.10
CA ASP A 69 -3.56 -0.43 12.11
C ASP A 69 -2.80 -1.75 12.22
N CYS A 70 -3.50 -2.85 11.94
CA CYS A 70 -2.89 -4.18 12.02
C CYS A 70 -2.14 -4.51 10.73
N MET A 71 -2.72 -4.12 9.60
CA MET A 71 -2.10 -4.38 8.30
C MET A 71 -0.71 -3.73 8.21
N TYR A 72 -0.51 -2.67 8.99
CA TYR A 72 0.77 -1.97 9.00
C TYR A 72 1.91 -2.92 9.33
N LYS A 73 1.61 -3.95 10.11
CA LYS A 73 2.62 -4.93 10.50
C LYS A 73 3.07 -5.76 9.29
N ASP A 74 2.17 -5.96 8.35
CA ASP A 74 2.47 -6.73 7.14
C ASP A 74 3.51 -6.03 6.29
N VAL A 75 3.56 -4.71 6.39
CA VAL A 75 4.51 -3.91 5.62
C VAL A 75 5.94 -4.35 5.89
N GLN A 76 6.77 -4.36 4.85
CA GLN A 76 8.17 -4.77 4.98
C GLN A 76 9.09 -3.56 4.87
N LYS A 77 10.39 -3.80 5.03
CA LYS A 77 11.38 -2.73 4.94
C LYS A 77 12.25 -2.89 3.69
N ASP A 78 12.38 -4.11 3.21
CA ASP A 78 13.18 -4.40 2.02
C ASP A 78 12.29 -4.46 0.78
N TRP A 79 11.33 -3.55 0.69
CA TRP A 79 10.42 -3.51 -0.44
C TRP A 79 11.13 -2.93 -1.67
N PRO A 80 11.08 -3.65 -2.82
CA PRO A 80 11.72 -3.20 -4.06
C PRO A 80 10.88 -2.16 -4.80
N GLY A 81 10.51 -1.09 -4.11
CA GLY A 81 9.71 -0.05 -4.73
C GLY A 81 10.15 1.34 -4.31
N TYR A 82 10.38 1.52 -3.01
CA TYR A 82 10.80 2.81 -2.48
C TYR A 82 12.19 3.17 -2.99
N SER A 83 12.74 4.27 -2.46
CA SER A 83 14.06 4.72 -2.85
C SER A 83 14.78 5.39 -1.68
N GLU A 84 14.16 6.41 -1.10
CA GLU A 84 14.73 7.12 0.03
C GLU A 84 13.66 7.92 0.77
N GLY A 85 13.00 8.82 0.05
CA GLY A 85 11.97 9.64 0.66
C GLY A 85 10.80 8.82 1.17
N ASP A 86 10.56 7.68 0.53
CA ASP A 86 9.47 6.79 0.92
C ASP A 86 9.91 5.84 2.03
N GLN A 87 11.15 5.37 1.94
CA GLN A 87 11.69 4.45 2.94
C GLN A 87 11.75 5.11 4.31
N GLN A 88 12.02 6.41 4.34
CA GLN A 88 12.11 7.16 5.58
C GLN A 88 10.73 7.58 6.07
N LEU A 89 9.85 7.91 5.13
CA LEU A 89 8.49 8.33 5.46
C LEU A 89 7.71 7.17 6.09
N LEU A 90 7.93 5.97 5.59
CA LEU A 90 7.24 4.79 6.11
C LEU A 90 7.60 4.54 7.58
N LYS A 91 8.81 4.95 7.95
CA LYS A 91 9.28 4.79 9.34
C LYS A 91 8.43 5.59 10.30
N ARG A 92 8.36 6.91 10.08
CA ARG A 92 7.59 7.79 10.93
C ARG A 92 6.13 7.36 11.00
N VAL A 93 5.66 6.71 9.94
CA VAL A 93 4.27 6.25 9.88
C VAL A 93 4.09 4.97 10.69
N LEU A 94 4.97 3.99 10.45
CA LEU A 94 4.90 2.72 11.16
C LEU A 94 5.11 2.91 12.65
N VAL A 95 6.06 3.77 13.01
CA VAL A 95 6.36 4.03 14.41
C VAL A 95 5.22 4.80 15.08
N ARG A 96 4.52 5.62 14.30
CA ARG A 96 3.40 6.39 14.82
C ARG A 96 2.11 5.59 14.82
N LYS A 97 2.00 4.68 13.85
CA LYS A 97 0.80 3.84 13.74
C LYS A 97 0.93 2.60 14.62
N LEU A 98 1.99 1.83 14.40
CA LEU A 98 2.22 0.62 15.18
C LEU A 98 2.69 0.95 16.59
N SER A 99 2.84 -0.08 17.43
CA SER A 99 3.28 0.12 18.81
C SER A 99 4.69 -0.43 19.01
N GLY A 100 4.97 -1.57 18.38
CA GLY A 100 6.28 -2.17 18.50
C GLY A 100 6.22 -3.69 18.59
N PRO A 101 6.03 -4.38 17.45
CA PRO A 101 5.95 -5.84 17.42
C PRO A 101 7.30 -6.51 17.71
N SER A 102 7.53 -6.81 18.99
CA SER A 102 8.77 -7.45 19.41
C SER A 102 8.51 -8.53 20.44
N SER A 103 7.39 -9.23 20.29
CA SER A 103 7.02 -10.30 21.22
C SER A 103 7.96 -11.49 21.08
N GLY A 104 9.15 -11.37 21.66
CA GLY A 104 10.12 -12.45 21.58
C GLY A 104 11.52 -12.00 22.01
N GLY A 1 21.34 -8.93 -23.90
CA GLY A 1 20.29 -9.84 -23.34
C GLY A 1 18.96 -9.16 -23.16
N SER A 2 17.92 -9.95 -22.89
CA SER A 2 16.58 -9.40 -22.68
C SER A 2 16.45 -8.77 -21.30
N SER A 3 16.12 -7.47 -21.28
CA SER A 3 15.97 -6.74 -20.02
C SER A 3 14.62 -6.04 -19.97
N GLY A 4 14.04 -5.99 -18.78
CA GLY A 4 12.75 -5.34 -18.62
C GLY A 4 12.07 -5.72 -17.31
N SER A 5 12.84 -5.72 -16.22
CA SER A 5 12.30 -6.07 -14.92
C SER A 5 13.09 -5.38 -13.80
N SER A 6 12.63 -5.54 -12.56
CA SER A 6 13.28 -4.93 -11.42
C SER A 6 12.71 -5.48 -10.11
N GLY A 7 11.40 -5.31 -9.93
CA GLY A 7 10.75 -5.78 -8.72
C GLY A 7 9.32 -5.33 -8.62
N VAL A 8 8.74 -5.46 -7.43
CA VAL A 8 7.35 -5.06 -7.20
C VAL A 8 6.38 -6.00 -7.91
N SER A 9 6.43 -5.99 -9.24
CA SER A 9 5.55 -6.84 -10.03
C SER A 9 5.70 -8.30 -9.64
N GLN A 10 6.90 -8.67 -9.20
CA GLN A 10 7.18 -10.05 -8.79
C GLN A 10 6.51 -10.36 -7.45
N ARG A 11 6.51 -9.39 -6.54
CA ARG A 11 5.91 -9.56 -5.23
C ARG A 11 4.39 -9.68 -5.35
N PRO A 12 3.74 -10.30 -4.34
CA PRO A 12 2.29 -10.48 -4.34
C PRO A 12 1.54 -9.19 -4.59
N PHE A 13 0.27 -9.30 -4.99
CA PHE A 13 -0.55 -8.13 -5.27
C PHE A 13 -0.91 -7.39 -3.99
N ARG A 14 -1.20 -8.15 -2.93
CA ARG A 14 -1.55 -7.57 -1.64
C ARG A 14 -0.40 -6.72 -1.09
N ASP A 15 0.82 -7.18 -1.33
CA ASP A 15 2.01 -6.46 -0.86
C ASP A 15 2.16 -5.13 -1.59
N ARG A 16 1.81 -5.12 -2.86
CA ARG A 16 1.91 -3.91 -3.68
C ARG A 16 0.93 -2.85 -3.19
N VAL A 17 -0.29 -3.29 -2.89
CA VAL A 17 -1.33 -2.37 -2.42
C VAL A 17 -1.12 -2.02 -0.95
N LEU A 18 -0.77 -3.01 -0.15
CA LEU A 18 -0.54 -2.80 1.28
C LEU A 18 0.55 -1.76 1.50
N HIS A 19 1.62 -1.84 0.71
CA HIS A 19 2.73 -0.90 0.82
C HIS A 19 2.32 0.50 0.37
N LEU A 20 1.40 0.54 -0.60
CA LEU A 20 0.93 1.82 -1.13
C LEU A 20 0.09 2.56 -0.10
N LEU A 21 -0.91 1.87 0.45
CA LEU A 21 -1.78 2.47 1.45
C LEU A 21 -1.03 2.74 2.74
N ALA A 22 -0.01 1.93 3.02
CA ALA A 22 0.79 2.09 4.21
C ALA A 22 1.42 3.48 4.29
N LEU A 23 1.85 4.00 3.15
CA LEU A 23 2.46 5.32 3.08
C LEU A 23 1.44 6.40 3.41
N ARG A 24 0.45 6.56 2.54
CA ARG A 24 -0.59 7.56 2.74
C ARG A 24 -1.92 7.09 2.16
N PRO A 25 -3.04 7.65 2.66
CA PRO A 25 -4.38 7.27 2.18
C PRO A 25 -4.50 7.38 0.66
N TYR A 26 -4.77 6.26 0.02
CA TYR A 26 -4.90 6.22 -1.44
C TYR A 26 -6.35 5.93 -1.83
N ARG A 27 -6.91 6.77 -2.71
CA ARG A 27 -8.28 6.59 -3.17
C ARG A 27 -8.38 5.41 -4.12
N LYS A 28 -9.59 5.18 -4.63
CA LYS A 28 -9.83 4.08 -5.56
C LYS A 28 -9.29 4.41 -6.95
N ALA A 29 -9.49 5.65 -7.38
CA ALA A 29 -9.03 6.10 -8.68
C ALA A 29 -7.54 6.42 -8.64
N GLU A 30 -7.10 7.05 -7.57
CA GLU A 30 -5.69 7.42 -7.42
C GLU A 30 -4.81 6.18 -7.26
N LEU A 31 -5.39 5.14 -6.66
CA LEU A 31 -4.66 3.89 -6.45
C LEU A 31 -4.67 3.02 -7.71
N LEU A 32 -5.80 3.06 -8.42
CA LEU A 32 -5.95 2.28 -9.65
C LEU A 32 -4.91 2.71 -10.69
N LEU A 33 -4.79 4.01 -10.90
CA LEU A 33 -3.84 4.54 -11.86
C LEU A 33 -2.41 4.15 -11.50
N ARG A 34 -2.13 4.11 -10.20
CA ARG A 34 -0.80 3.76 -9.72
C ARG A 34 -0.49 2.29 -10.00
N LEU A 35 -1.43 1.42 -9.66
CA LEU A 35 -1.25 -0.02 -9.88
C LEU A 35 -1.13 -0.33 -11.36
N GLN A 36 -1.78 0.47 -12.19
CA GLN A 36 -1.74 0.29 -13.64
C GLN A 36 -0.31 0.46 -14.17
N LYS A 37 0.46 1.31 -13.51
CA LYS A 37 1.83 1.57 -13.90
C LYS A 37 2.67 0.29 -13.87
N ASP A 38 2.46 -0.50 -12.82
CA ASP A 38 3.19 -1.76 -12.66
C ASP A 38 2.59 -2.85 -13.53
N GLY A 39 1.27 -2.98 -13.49
CA GLY A 39 0.60 -3.99 -14.28
C GLY A 39 -0.74 -4.40 -13.69
N LEU A 40 -1.75 -3.56 -13.87
CA LEU A 40 -3.08 -3.83 -13.35
C LEU A 40 -4.07 -4.06 -14.48
N THR A 41 -4.47 -5.31 -14.68
CA THR A 41 -5.43 -5.66 -15.73
C THR A 41 -6.85 -5.63 -15.20
N GLN A 42 -7.80 -5.91 -16.09
CA GLN A 42 -9.22 -5.92 -15.71
C GLN A 42 -9.48 -6.95 -14.62
N ALA A 43 -8.80 -8.09 -14.70
CA ALA A 43 -8.95 -9.15 -13.72
C ALA A 43 -8.47 -8.72 -12.35
N ASP A 44 -7.48 -7.83 -12.33
CA ASP A 44 -6.92 -7.33 -11.08
C ASP A 44 -7.67 -6.08 -10.61
N LYS A 45 -8.19 -5.31 -11.55
CA LYS A 45 -8.92 -4.10 -11.24
C LYS A 45 -10.13 -4.39 -10.36
N ASP A 46 -10.75 -5.55 -10.58
CA ASP A 46 -11.92 -5.96 -9.81
C ASP A 46 -11.50 -6.49 -8.44
N ALA A 47 -10.32 -7.10 -8.38
CA ALA A 47 -9.81 -7.64 -7.13
C ALA A 47 -9.41 -6.53 -6.17
N LEU A 48 -8.92 -5.43 -6.73
CA LEU A 48 -8.50 -4.29 -5.92
C LEU A 48 -9.66 -3.75 -5.09
N ASP A 49 -10.87 -3.84 -5.62
CA ASP A 49 -12.05 -3.36 -4.93
C ASP A 49 -12.24 -4.11 -3.61
N GLY A 50 -12.25 -5.44 -3.69
CA GLY A 50 -12.44 -6.26 -2.50
C GLY A 50 -11.20 -6.27 -1.61
N LEU A 51 -10.04 -6.08 -2.22
CA LEU A 51 -8.78 -6.06 -1.47
C LEU A 51 -8.68 -4.81 -0.60
N LEU A 52 -9.09 -3.68 -1.15
CA LEU A 52 -9.05 -2.42 -0.41
C LEU A 52 -9.88 -2.49 0.85
N GLN A 53 -11.13 -2.94 0.71
CA GLN A 53 -12.03 -3.06 1.85
C GLN A 53 -11.46 -4.00 2.91
N GLN A 54 -10.55 -4.87 2.50
CA GLN A 54 -9.93 -5.83 3.42
C GLN A 54 -8.65 -5.26 4.01
N VAL A 55 -7.76 -4.77 3.15
CA VAL A 55 -6.49 -4.21 3.60
C VAL A 55 -6.58 -2.69 3.74
N ALA A 56 -7.79 -2.18 3.94
CA ALA A 56 -8.01 -0.74 4.09
C ALA A 56 -9.47 -0.43 4.39
N ASN A 57 -9.74 0.81 4.79
CA ASN A 57 -11.10 1.23 5.10
C ASN A 57 -11.55 2.33 4.15
N MET A 58 -12.74 2.15 3.58
CA MET A 58 -13.29 3.13 2.65
C MET A 58 -14.08 4.20 3.39
N SER A 59 -14.38 5.29 2.69
CA SER A 59 -15.13 6.40 3.29
C SER A 59 -16.46 6.60 2.57
N ALA A 60 -17.33 7.42 3.16
CA ALA A 60 -18.63 7.70 2.57
C ALA A 60 -18.75 9.16 2.17
N LYS A 61 -17.63 9.75 1.78
CA LYS A 61 -17.59 11.15 1.36
C LYS A 61 -16.48 11.39 0.35
N ASP A 62 -15.24 11.25 0.81
CA ASP A 62 -14.08 11.46 -0.05
C ASP A 62 -13.79 10.21 -0.89
N GLY A 63 -14.07 9.04 -0.31
CA GLY A 63 -13.84 7.80 -1.02
C GLY A 63 -12.38 7.38 -0.99
N THR A 64 -11.68 7.75 0.07
CA THR A 64 -10.27 7.41 0.22
C THR A 64 -10.11 6.15 1.06
N CYS A 65 -9.21 5.27 0.62
CA CYS A 65 -8.95 4.02 1.34
C CYS A 65 -7.67 4.12 2.17
N THR A 66 -7.83 4.10 3.48
CA THR A 66 -6.68 4.17 4.39
C THR A 66 -6.33 2.81 4.95
N LEU A 67 -5.03 2.52 5.05
CA LEU A 67 -4.57 1.25 5.57
C LEU A 67 -4.87 1.13 7.06
N GLN A 68 -5.21 -0.08 7.51
CA GLN A 68 -5.53 -0.33 8.90
C GLN A 68 -4.28 -0.21 9.77
N ASP A 69 -4.43 -0.48 11.06
CA ASP A 69 -3.30 -0.41 11.99
C ASP A 69 -2.65 -1.78 12.15
N CYS A 70 -3.45 -2.83 12.03
CA CYS A 70 -2.95 -4.20 12.17
C CYS A 70 -2.31 -4.67 10.86
N MET A 71 -2.81 -4.17 9.75
CA MET A 71 -2.29 -4.54 8.44
C MET A 71 -0.85 -4.07 8.27
N TYR A 72 -0.50 -2.98 8.95
CA TYR A 72 0.86 -2.44 8.88
C TYR A 72 1.89 -3.49 9.28
N LYS A 73 1.48 -4.44 10.10
CA LYS A 73 2.38 -5.50 10.54
C LYS A 73 2.90 -6.31 9.36
N ASP A 74 2.17 -6.28 8.25
CA ASP A 74 2.57 -7.02 7.05
C ASP A 74 3.30 -6.13 6.07
N VAL A 75 3.99 -5.12 6.59
CA VAL A 75 4.73 -4.18 5.74
C VAL A 75 6.23 -4.49 5.79
N GLN A 76 6.76 -4.97 4.66
CA GLN A 76 8.18 -5.30 4.56
C GLN A 76 9.03 -4.04 4.60
N LYS A 77 10.34 -4.22 4.76
CA LYS A 77 11.27 -3.10 4.82
C LYS A 77 12.13 -3.04 3.55
N ASP A 78 12.34 -4.19 2.92
CA ASP A 78 13.14 -4.25 1.71
C ASP A 78 12.25 -4.21 0.47
N TRP A 79 11.23 -3.36 0.50
CA TRP A 79 10.31 -3.23 -0.62
C TRP A 79 10.95 -2.47 -1.77
N PRO A 80 11.20 -3.14 -2.91
CA PRO A 80 11.82 -2.51 -4.08
C PRO A 80 11.05 -1.28 -4.56
N GLY A 81 9.77 -1.21 -4.20
CA GLY A 81 8.95 -0.08 -4.61
C GLY A 81 9.54 1.25 -4.18
N TYR A 82 9.90 1.36 -2.91
CA TYR A 82 10.47 2.58 -2.37
C TYR A 82 11.91 2.77 -2.86
N SER A 83 12.53 3.88 -2.46
CA SER A 83 13.90 4.18 -2.86
C SER A 83 14.66 4.83 -1.72
N GLU A 84 14.28 6.06 -1.38
CA GLU A 84 14.94 6.79 -0.31
C GLU A 84 13.93 7.60 0.50
N GLY A 85 13.30 8.57 -0.16
CA GLY A 85 12.31 9.40 0.51
C GLY A 85 11.15 8.59 1.07
N ASP A 86 10.58 7.73 0.24
CA ASP A 86 9.46 6.90 0.64
C ASP A 86 9.87 5.97 1.78
N GLN A 87 11.13 5.56 1.78
CA GLN A 87 11.64 4.66 2.81
C GLN A 87 11.58 5.32 4.18
N GLN A 88 12.13 6.52 4.27
CA GLN A 88 12.14 7.26 5.54
C GLN A 88 10.72 7.62 5.96
N LEU A 89 9.88 7.94 4.98
CA LEU A 89 8.50 8.31 5.25
C LEU A 89 7.72 7.14 5.83
N LEU A 90 7.84 5.98 5.20
CA LEU A 90 7.16 4.77 5.67
C LEU A 90 7.56 4.43 7.09
N LYS A 91 8.79 4.78 7.46
CA LYS A 91 9.31 4.50 8.79
C LYS A 91 8.50 5.24 9.85
N ARG A 92 8.43 6.56 9.71
CA ARG A 92 7.69 7.39 10.66
C ARG A 92 6.22 6.98 10.71
N VAL A 93 5.71 6.49 9.59
CA VAL A 93 4.32 6.06 9.51
C VAL A 93 4.06 4.85 10.39
N LEU A 94 4.97 3.89 10.34
CA LEU A 94 4.84 2.67 11.14
C LEU A 94 4.92 2.99 12.63
N VAL A 95 5.68 4.02 12.97
CA VAL A 95 5.84 4.43 14.36
C VAL A 95 4.65 5.27 14.83
N ARG A 96 4.07 6.02 13.91
CA ARG A 96 2.91 6.87 14.23
C ARG A 96 1.69 6.02 14.55
N LYS A 97 1.59 4.86 13.90
CA LYS A 97 0.47 3.96 14.12
C LYS A 97 0.77 2.98 15.26
N LEU A 98 1.87 2.26 15.14
CA LEU A 98 2.26 1.30 16.16
C LEU A 98 2.95 1.99 17.34
N SER A 99 2.36 1.85 18.52
CA SER A 99 2.92 2.47 19.72
C SER A 99 2.58 1.65 20.95
N GLY A 100 3.60 1.34 21.75
CA GLY A 100 3.39 0.56 22.96
C GLY A 100 3.05 -0.89 22.66
N PRO A 101 4.04 -1.79 22.64
CA PRO A 101 3.82 -3.21 22.37
C PRO A 101 3.02 -3.90 23.46
N SER A 102 1.71 -4.03 23.24
CA SER A 102 0.84 -4.68 24.21
C SER A 102 -0.45 -5.16 23.55
N SER A 103 -1.19 -6.03 24.24
CA SER A 103 -2.43 -6.57 23.71
C SER A 103 -3.61 -6.12 24.56
N GLY A 104 -4.16 -4.95 24.25
CA GLY A 104 -5.29 -4.44 25.01
C GLY A 104 -5.78 -3.11 24.45
N GLY A 1 8.58 0.90 -29.39
CA GLY A 1 8.04 0.64 -28.03
C GLY A 1 9.12 0.49 -26.99
N SER A 2 9.14 1.38 -26.00
CA SER A 2 10.13 1.34 -24.94
C SER A 2 9.48 1.03 -23.60
N SER A 3 10.20 0.33 -22.73
CA SER A 3 9.70 -0.03 -21.42
C SER A 3 10.83 -0.47 -20.50
N GLY A 4 10.68 -0.19 -19.20
CA GLY A 4 11.70 -0.57 -18.25
C GLY A 4 11.14 -0.81 -16.86
N SER A 5 11.33 -2.02 -16.34
CA SER A 5 10.84 -2.37 -15.02
C SER A 5 11.51 -3.64 -14.51
N SER A 6 11.27 -3.97 -13.25
CA SER A 6 11.85 -5.16 -12.63
C SER A 6 11.14 -5.51 -11.34
N GLY A 7 11.43 -4.75 -10.28
CA GLY A 7 10.81 -4.99 -8.99
C GLY A 7 9.38 -4.48 -8.93
N VAL A 8 8.76 -4.64 -7.76
CA VAL A 8 7.38 -4.19 -7.56
C VAL A 8 6.40 -5.03 -8.38
N SER A 9 6.48 -4.92 -9.70
CA SER A 9 5.60 -5.67 -10.60
C SER A 9 5.74 -7.17 -10.35
N GLN A 10 6.92 -7.60 -9.91
CA GLN A 10 7.17 -9.01 -9.64
C GLN A 10 6.52 -9.44 -8.34
N ARG A 11 6.60 -8.58 -7.33
CA ARG A 11 6.03 -8.88 -6.02
C ARG A 11 4.52 -9.12 -6.13
N PRO A 12 3.94 -9.85 -5.16
CA PRO A 12 2.51 -10.16 -5.16
C PRO A 12 1.65 -8.91 -5.33
N PHE A 13 0.33 -9.11 -5.29
CA PHE A 13 -0.60 -7.99 -5.44
C PHE A 13 -1.00 -7.41 -4.09
N ARG A 14 -1.01 -8.27 -3.07
CA ARG A 14 -1.37 -7.85 -1.72
C ARG A 14 -0.34 -6.85 -1.17
N ASP A 15 0.93 -7.10 -1.48
CA ASP A 15 2.00 -6.22 -1.01
C ASP A 15 2.03 -4.93 -1.81
N ARG A 16 1.69 -5.01 -3.09
CA ARG A 16 1.67 -3.84 -3.97
C ARG A 16 0.72 -2.78 -3.45
N VAL A 17 -0.45 -3.22 -3.00
CA VAL A 17 -1.47 -2.31 -2.48
C VAL A 17 -1.26 -2.05 -0.99
N LEU A 18 -0.84 -3.09 -0.27
CA LEU A 18 -0.60 -2.99 1.16
C LEU A 18 0.48 -1.97 1.46
N HIS A 19 1.53 -1.98 0.65
CA HIS A 19 2.65 -1.05 0.83
C HIS A 19 2.23 0.38 0.47
N LEU A 20 1.40 0.51 -0.56
CA LEU A 20 0.93 1.81 -1.00
C LEU A 20 0.16 2.52 0.11
N LEU A 21 -0.91 1.88 0.57
CA LEU A 21 -1.74 2.44 1.63
C LEU A 21 -0.92 2.68 2.89
N ALA A 22 0.12 1.88 3.09
CA ALA A 22 0.99 2.01 4.25
C ALA A 22 1.58 3.40 4.35
N LEU A 23 2.16 3.88 3.24
CA LEU A 23 2.76 5.19 3.21
C LEU A 23 1.73 6.28 3.48
N ARG A 24 0.72 6.36 2.62
CA ARG A 24 -0.34 7.35 2.77
C ARG A 24 -1.63 6.89 2.08
N PRO A 25 -2.78 7.49 2.44
CA PRO A 25 -4.07 7.13 1.87
C PRO A 25 -4.05 7.14 0.34
N TYR A 26 -4.91 6.32 -0.27
CA TYR A 26 -4.98 6.25 -1.73
C TYR A 26 -6.40 5.92 -2.19
N ARG A 27 -6.96 6.80 -3.01
CA ARG A 27 -8.32 6.60 -3.52
C ARG A 27 -8.36 5.44 -4.52
N LYS A 28 -9.56 5.09 -4.95
CA LYS A 28 -9.74 4.00 -5.90
C LYS A 28 -9.16 4.38 -7.27
N ALA A 29 -9.35 5.64 -7.66
CA ALA A 29 -8.83 6.12 -8.93
C ALA A 29 -7.35 6.48 -8.84
N GLU A 30 -6.94 7.00 -7.69
CA GLU A 30 -5.55 7.38 -7.46
C GLU A 30 -4.68 6.13 -7.34
N LEU A 31 -5.23 5.07 -6.76
CA LEU A 31 -4.50 3.83 -6.57
C LEU A 31 -4.52 2.99 -7.85
N LEU A 32 -5.64 3.05 -8.57
CA LEU A 32 -5.79 2.29 -9.80
C LEU A 32 -4.75 2.73 -10.84
N LEU A 33 -4.66 4.03 -11.05
CA LEU A 33 -3.71 4.58 -12.01
C LEU A 33 -2.28 4.21 -11.63
N ARG A 34 -1.96 4.32 -10.36
CA ARG A 34 -0.61 4.00 -9.87
C ARG A 34 -0.28 2.54 -10.14
N LEU A 35 -1.18 1.64 -9.74
CA LEU A 35 -0.97 0.21 -9.96
C LEU A 35 -0.93 -0.12 -11.44
N GLN A 36 -1.68 0.64 -12.23
CA GLN A 36 -1.73 0.43 -13.68
C GLN A 36 -0.35 0.59 -14.30
N LYS A 37 0.46 1.47 -13.71
CA LYS A 37 1.80 1.71 -14.21
C LYS A 37 2.68 0.48 -14.04
N ASP A 38 2.45 -0.28 -12.98
CA ASP A 38 3.21 -1.49 -12.71
C ASP A 38 2.54 -2.71 -13.35
N GLY A 39 1.25 -2.85 -13.10
CA GLY A 39 0.51 -3.98 -13.66
C GLY A 39 -0.95 -3.97 -13.27
N LEU A 40 -1.82 -3.81 -14.25
CA LEU A 40 -3.26 -3.79 -14.01
C LEU A 40 -4.04 -3.96 -15.32
N THR A 41 -4.93 -4.94 -15.34
CA THR A 41 -5.74 -5.20 -16.52
C THR A 41 -7.23 -5.25 -16.17
N GLN A 42 -7.66 -6.35 -15.55
CA GLN A 42 -9.05 -6.51 -15.16
C GLN A 42 -9.16 -7.34 -13.88
N ALA A 43 -8.42 -8.45 -13.83
CA ALA A 43 -8.44 -9.32 -12.68
C ALA A 43 -7.93 -8.60 -11.43
N ASP A 44 -7.01 -7.65 -11.64
CA ASP A 44 -6.45 -6.88 -10.54
C ASP A 44 -7.37 -5.71 -10.16
N LYS A 45 -8.07 -5.18 -11.14
CA LYS A 45 -8.98 -4.06 -10.91
C LYS A 45 -10.13 -4.47 -10.01
N ASP A 46 -10.86 -5.51 -10.41
CA ASP A 46 -11.99 -6.00 -9.63
C ASP A 46 -11.55 -6.43 -8.25
N ALA A 47 -10.39 -7.07 -8.17
CA ALA A 47 -9.86 -7.55 -6.90
C ALA A 47 -9.54 -6.38 -5.97
N LEU A 48 -9.11 -5.27 -6.55
CA LEU A 48 -8.76 -4.09 -5.77
C LEU A 48 -9.95 -3.61 -4.94
N ASP A 49 -11.16 -3.87 -5.45
CA ASP A 49 -12.37 -3.46 -4.75
C ASP A 49 -12.60 -4.30 -3.50
N GLY A 50 -12.62 -5.62 -3.67
CA GLY A 50 -12.81 -6.52 -2.55
C GLY A 50 -11.64 -6.53 -1.60
N LEU A 51 -10.44 -6.26 -2.12
CA LEU A 51 -9.24 -6.24 -1.31
C LEU A 51 -9.16 -4.97 -0.46
N LEU A 52 -9.41 -3.83 -1.10
CA LEU A 52 -9.37 -2.54 -0.41
C LEU A 52 -10.31 -2.53 0.79
N GLN A 53 -11.53 -2.98 0.57
CA GLN A 53 -12.54 -3.03 1.64
C GLN A 53 -12.06 -3.90 2.80
N GLN A 54 -11.15 -4.83 2.51
CA GLN A 54 -10.62 -5.72 3.53
C GLN A 54 -9.34 -5.15 4.16
N VAL A 55 -8.38 -4.82 3.32
CA VAL A 55 -7.12 -4.26 3.79
C VAL A 55 -7.12 -2.73 3.70
N ALA A 56 -8.28 -2.14 3.89
CA ALA A 56 -8.41 -0.68 3.83
C ALA A 56 -9.82 -0.24 4.22
N ASN A 57 -9.89 0.86 4.96
CA ASN A 57 -11.18 1.40 5.40
C ASN A 57 -11.63 2.54 4.51
N MET A 58 -12.65 2.29 3.69
CA MET A 58 -13.18 3.30 2.78
C MET A 58 -14.09 4.27 3.52
N SER A 59 -14.03 5.54 3.14
CA SER A 59 -14.85 6.57 3.77
C SER A 59 -16.13 6.81 2.97
N ALA A 60 -17.01 7.63 3.51
CA ALA A 60 -18.27 7.95 2.85
C ALA A 60 -18.40 9.45 2.58
N LYS A 61 -17.35 10.03 2.03
CA LYS A 61 -17.34 11.45 1.72
C LYS A 61 -16.22 11.80 0.75
N ASP A 62 -15.04 11.24 0.99
CA ASP A 62 -13.88 11.49 0.12
C ASP A 62 -13.66 10.32 -0.82
N GLY A 63 -13.71 9.11 -0.28
CA GLY A 63 -13.52 7.92 -1.11
C GLY A 63 -12.07 7.47 -1.13
N THR A 64 -11.34 7.76 -0.05
CA THR A 64 -9.94 7.37 0.05
C THR A 64 -9.77 6.14 0.94
N CYS A 65 -9.03 5.16 0.45
CA CYS A 65 -8.79 3.94 1.20
C CYS A 65 -7.57 4.08 2.09
N THR A 66 -7.76 3.85 3.39
CA THR A 66 -6.66 3.95 4.35
C THR A 66 -6.33 2.59 4.94
N LEU A 67 -5.04 2.31 5.08
CA LEU A 67 -4.59 1.03 5.63
C LEU A 67 -4.93 0.93 7.11
N GLN A 68 -5.11 -0.29 7.60
CA GLN A 68 -5.44 -0.52 9.00
C GLN A 68 -4.19 -0.51 9.86
N ASP A 69 -4.38 -0.57 11.17
CA ASP A 69 -3.25 -0.57 12.11
C ASP A 69 -2.60 -1.94 12.18
N CYS A 70 -3.40 -2.99 11.96
CA CYS A 70 -2.90 -4.35 12.01
C CYS A 70 -2.22 -4.73 10.69
N MET A 71 -2.76 -4.24 9.59
CA MET A 71 -2.21 -4.52 8.27
C MET A 71 -0.79 -3.98 8.13
N TYR A 72 -0.49 -2.92 8.89
CA TYR A 72 0.83 -2.31 8.85
C TYR A 72 1.92 -3.33 9.19
N LYS A 73 1.57 -4.32 10.01
CA LYS A 73 2.51 -5.35 10.39
C LYS A 73 2.94 -6.20 9.19
N ASP A 74 2.00 -6.43 8.27
CA ASP A 74 2.28 -7.21 7.08
C ASP A 74 3.29 -6.49 6.18
N VAL A 75 3.30 -5.17 6.24
CA VAL A 75 4.21 -4.37 5.43
C VAL A 75 5.66 -4.72 5.74
N GLN A 76 6.48 -4.79 4.70
CA GLN A 76 7.90 -5.12 4.86
C GLN A 76 8.73 -3.85 4.99
N LYS A 77 10.01 -4.02 5.31
CA LYS A 77 10.92 -2.90 5.47
C LYS A 77 12.01 -2.92 4.41
N ASP A 78 11.68 -3.45 3.23
CA ASP A 78 12.63 -3.54 2.13
C ASP A 78 11.91 -3.55 0.79
N TRP A 79 10.76 -2.90 0.73
CA TRP A 79 9.97 -2.82 -0.48
C TRP A 79 10.77 -2.15 -1.61
N PRO A 80 10.84 -2.79 -2.79
CA PRO A 80 11.57 -2.25 -3.93
C PRO A 80 10.92 -0.99 -4.50
N GLY A 81 9.61 -0.85 -4.29
CA GLY A 81 8.89 0.30 -4.78
C GLY A 81 9.47 1.61 -4.26
N TYR A 82 9.96 1.60 -3.02
CA TYR A 82 10.54 2.78 -2.41
C TYR A 82 11.95 3.02 -2.93
N SER A 83 12.66 3.96 -2.32
CA SER A 83 14.02 4.29 -2.71
C SER A 83 14.79 4.92 -1.55
N GLU A 84 14.43 6.16 -1.22
CA GLU A 84 15.09 6.87 -0.13
C GLU A 84 14.10 7.79 0.59
N GLY A 85 13.36 8.56 -0.20
CA GLY A 85 12.39 9.48 0.38
C GLY A 85 11.15 8.77 0.89
N ASP A 86 10.62 7.85 0.09
CA ASP A 86 9.43 7.10 0.47
C ASP A 86 9.72 6.18 1.65
N GLN A 87 10.92 5.59 1.66
CA GLN A 87 11.31 4.68 2.73
C GLN A 87 11.29 5.39 4.08
N GLN A 88 11.73 6.64 4.09
CA GLN A 88 11.75 7.43 5.32
C GLN A 88 10.34 7.78 5.78
N LEU A 89 9.47 8.05 4.80
CA LEU A 89 8.08 8.40 5.10
C LEU A 89 7.33 7.21 5.69
N LEU A 90 7.81 6.00 5.40
CA LEU A 90 7.18 4.79 5.90
C LEU A 90 7.56 4.54 7.35
N LYS A 91 8.77 4.94 7.72
CA LYS A 91 9.25 4.76 9.10
C LYS A 91 8.40 5.54 10.09
N ARG A 92 8.19 6.83 9.79
CA ARG A 92 7.39 7.69 10.66
C ARG A 92 5.99 7.12 10.84
N VAL A 93 5.48 6.44 9.82
CA VAL A 93 4.15 5.86 9.87
C VAL A 93 4.14 4.61 10.75
N LEU A 94 5.08 3.71 10.51
CA LEU A 94 5.18 2.47 11.28
C LEU A 94 5.33 2.76 12.77
N VAL A 95 5.95 3.89 13.09
CA VAL A 95 6.17 4.28 14.47
C VAL A 95 4.95 5.01 15.04
N ARG A 96 4.40 5.93 14.24
CA ARG A 96 3.23 6.69 14.66
C ARG A 96 2.00 5.80 14.75
N LYS A 97 1.93 4.80 13.87
CA LYS A 97 0.80 3.88 13.86
C LYS A 97 0.88 2.90 15.02
N LEU A 98 1.84 1.98 14.95
CA LEU A 98 2.03 0.99 16.00
C LEU A 98 2.33 1.65 17.33
N SER A 99 1.32 1.74 18.19
CA SER A 99 1.47 2.35 19.50
C SER A 99 1.68 1.29 20.58
N GLY A 100 0.91 0.21 20.49
CA GLY A 100 1.03 -0.87 21.46
C GLY A 100 -0.24 -1.69 21.57
N PRO A 101 -0.20 -2.98 21.20
CA PRO A 101 -1.37 -3.86 21.27
C PRO A 101 -1.78 -4.16 22.69
N SER A 102 -3.01 -4.65 22.86
CA SER A 102 -3.53 -4.97 24.18
C SER A 102 -4.50 -6.15 24.11
N SER A 103 -4.38 -7.07 25.06
CA SER A 103 -5.24 -8.24 25.11
C SER A 103 -5.27 -8.84 26.50
N GLY A 104 -6.48 -9.19 26.97
CA GLY A 104 -6.63 -9.77 28.29
C GLY A 104 -6.23 -11.24 28.33
N GLY A 1 22.21 -12.23 -8.50
CA GLY A 1 21.99 -11.02 -7.66
C GLY A 1 20.65 -11.04 -6.95
N SER A 2 20.67 -10.89 -5.63
CA SER A 2 19.46 -10.89 -4.83
C SER A 2 18.82 -9.51 -4.79
N SER A 3 19.65 -8.49 -4.62
CA SER A 3 19.17 -7.11 -4.57
C SER A 3 19.43 -6.40 -5.89
N GLY A 4 18.48 -6.49 -6.81
CA GLY A 4 18.62 -5.84 -8.10
C GLY A 4 17.75 -4.61 -8.23
N SER A 5 17.14 -4.45 -9.40
CA SER A 5 16.27 -3.31 -9.66
C SER A 5 15.18 -3.67 -10.67
N SER A 6 14.21 -4.45 -10.23
CA SER A 6 13.11 -4.87 -11.09
C SER A 6 12.09 -5.71 -10.31
N GLY A 7 11.25 -5.04 -9.54
CA GLY A 7 10.24 -5.72 -8.75
C GLY A 7 8.86 -5.13 -8.93
N VAL A 8 8.07 -5.16 -7.88
CA VAL A 8 6.71 -4.62 -7.92
C VAL A 8 5.89 -5.29 -9.01
N SER A 9 6.24 -6.54 -9.34
CA SER A 9 5.54 -7.28 -10.38
C SER A 9 5.39 -8.75 -9.96
N GLN A 10 6.48 -9.35 -9.52
CA GLN A 10 6.48 -10.74 -9.10
C GLN A 10 5.78 -10.90 -7.75
N ARG A 11 5.89 -9.86 -6.91
CA ARG A 11 5.26 -9.88 -5.59
C ARG A 11 3.75 -9.99 -5.71
N PRO A 12 3.08 -10.52 -4.68
CA PRO A 12 1.63 -10.68 -4.67
C PRO A 12 0.90 -9.34 -4.82
N PHE A 13 -0.36 -9.41 -5.27
CA PHE A 13 -1.15 -8.21 -5.47
C PHE A 13 -1.40 -7.49 -4.15
N ARG A 14 -1.67 -8.26 -3.10
CA ARG A 14 -1.92 -7.70 -1.78
C ARG A 14 -0.74 -6.87 -1.30
N ASP A 15 0.47 -7.33 -1.61
CA ASP A 15 1.68 -6.64 -1.21
C ASP A 15 1.77 -5.26 -1.89
N ARG A 16 1.48 -5.23 -3.18
CA ARG A 16 1.52 -3.99 -3.94
C ARG A 16 0.55 -2.96 -3.37
N VAL A 17 -0.66 -3.42 -3.05
CA VAL A 17 -1.68 -2.54 -2.49
C VAL A 17 -1.41 -2.25 -1.02
N LEU A 18 -0.81 -3.22 -0.33
CA LEU A 18 -0.50 -3.06 1.08
C LEU A 18 0.57 -2.00 1.31
N HIS A 19 1.63 -2.07 0.51
CA HIS A 19 2.73 -1.10 0.62
C HIS A 19 2.27 0.29 0.18
N LEU A 20 1.41 0.34 -0.83
CA LEU A 20 0.89 1.60 -1.33
C LEU A 20 0.13 2.36 -0.25
N LEU A 21 -0.92 1.73 0.28
CA LEU A 21 -1.73 2.35 1.33
C LEU A 21 -0.89 2.65 2.56
N ALA A 22 0.16 1.87 2.78
CA ALA A 22 1.04 2.05 3.92
C ALA A 22 1.64 3.45 3.93
N LEU A 23 2.03 3.94 2.76
CA LEU A 23 2.63 5.26 2.63
C LEU A 23 1.59 6.34 2.98
N ARG A 24 0.46 6.32 2.29
CA ARG A 24 -0.60 7.29 2.52
C ARG A 24 -1.92 6.83 1.90
N PRO A 25 -3.04 7.40 2.36
CA PRO A 25 -4.37 7.04 1.84
C PRO A 25 -4.44 7.12 0.31
N TYR A 26 -4.85 6.03 -0.32
CA TYR A 26 -4.96 5.99 -1.77
C TYR A 26 -6.38 5.60 -2.20
N ARG A 27 -7.07 6.53 -2.85
CA ARG A 27 -8.43 6.29 -3.30
C ARG A 27 -8.47 5.17 -4.34
N LYS A 28 -9.67 4.82 -4.78
CA LYS A 28 -9.84 3.76 -5.77
C LYS A 28 -9.14 4.12 -7.08
N ALA A 29 -9.47 5.29 -7.62
CA ALA A 29 -8.87 5.75 -8.85
C ALA A 29 -7.41 6.13 -8.66
N GLU A 30 -7.11 6.76 -7.53
CA GLU A 30 -5.74 7.17 -7.22
C GLU A 30 -4.82 5.96 -7.09
N LEU A 31 -5.38 4.85 -6.63
CA LEU A 31 -4.62 3.62 -6.47
C LEU A 31 -4.58 2.81 -7.76
N LEU A 32 -5.64 2.92 -8.55
CA LEU A 32 -5.74 2.20 -9.81
C LEU A 32 -4.70 2.72 -10.81
N LEU A 33 -4.63 4.03 -10.95
CA LEU A 33 -3.68 4.66 -11.87
C LEU A 33 -2.24 4.34 -11.46
N ARG A 34 -2.01 4.22 -10.16
CA ARG A 34 -0.68 3.92 -9.65
C ARG A 34 -0.26 2.50 -10.03
N LEU A 35 -1.16 1.55 -9.84
CA LEU A 35 -0.89 0.15 -10.16
C LEU A 35 -0.78 -0.04 -11.67
N GLN A 36 -1.52 0.77 -12.42
CA GLN A 36 -1.51 0.68 -13.88
C GLN A 36 -0.10 0.88 -14.43
N LYS A 37 0.70 1.68 -13.72
CA LYS A 37 2.07 1.94 -14.14
C LYS A 37 2.90 0.67 -14.15
N ASP A 38 2.57 -0.25 -13.25
CA ASP A 38 3.28 -1.52 -13.14
C ASP A 38 2.48 -2.65 -13.79
N GLY A 39 1.25 -2.82 -13.34
CA GLY A 39 0.41 -3.86 -13.89
C GLY A 39 -1.05 -3.70 -13.49
N LEU A 40 -1.93 -3.67 -14.49
CA LEU A 40 -3.36 -3.51 -14.23
C LEU A 40 -4.16 -3.61 -15.53
N THR A 41 -5.30 -4.28 -15.47
CA THR A 41 -6.16 -4.45 -16.64
C THR A 41 -7.62 -4.57 -16.23
N GLN A 42 -7.98 -5.70 -15.65
CA GLN A 42 -9.35 -5.94 -15.22
C GLN A 42 -9.39 -6.87 -14.01
N ALA A 43 -8.62 -7.95 -14.08
CA ALA A 43 -8.57 -8.92 -12.99
C ALA A 43 -8.08 -8.27 -11.70
N ASP A 44 -7.14 -7.34 -11.84
CA ASP A 44 -6.59 -6.64 -10.68
C ASP A 44 -7.49 -5.48 -10.26
N LYS A 45 -8.17 -4.89 -11.24
CA LYS A 45 -9.07 -3.77 -10.96
C LYS A 45 -10.25 -4.20 -10.09
N ASP A 46 -10.87 -5.33 -10.47
CA ASP A 46 -12.01 -5.85 -9.71
C ASP A 46 -11.56 -6.37 -8.36
N ALA A 47 -10.33 -6.87 -8.28
CA ALA A 47 -9.80 -7.40 -7.04
C ALA A 47 -9.38 -6.28 -6.09
N LEU A 48 -8.99 -5.14 -6.66
CA LEU A 48 -8.57 -3.99 -5.87
C LEU A 48 -9.67 -3.54 -4.92
N ASP A 49 -10.89 -3.46 -5.44
CA ASP A 49 -12.05 -3.03 -4.64
C ASP A 49 -12.26 -3.98 -3.46
N GLY A 50 -12.25 -5.28 -3.74
CA GLY A 50 -12.45 -6.26 -2.69
C GLY A 50 -11.29 -6.30 -1.70
N LEU A 51 -10.11 -5.91 -2.16
CA LEU A 51 -8.93 -5.91 -1.31
C LEU A 51 -8.91 -4.69 -0.40
N LEU A 52 -9.16 -3.52 -0.98
CA LEU A 52 -9.19 -2.27 -0.22
C LEU A 52 -10.22 -2.33 0.89
N GLN A 53 -11.26 -3.13 0.69
CA GLN A 53 -12.33 -3.27 1.68
C GLN A 53 -11.91 -4.22 2.80
N GLN A 54 -10.99 -5.12 2.49
CA GLN A 54 -10.50 -6.10 3.47
C GLN A 54 -9.23 -5.60 4.15
N VAL A 55 -8.23 -5.25 3.35
CA VAL A 55 -6.97 -4.75 3.88
C VAL A 55 -6.91 -3.23 3.89
N ALA A 56 -8.06 -2.60 4.10
CA ALA A 56 -8.15 -1.15 4.13
C ALA A 56 -9.55 -0.68 4.51
N ASN A 57 -9.65 0.56 4.97
CA ASN A 57 -10.94 1.12 5.37
C ASN A 57 -11.34 2.25 4.42
N MET A 58 -12.56 2.17 3.89
CA MET A 58 -13.06 3.18 2.98
C MET A 58 -13.64 4.37 3.74
N SER A 59 -13.40 5.57 3.23
CA SER A 59 -13.90 6.78 3.87
C SER A 59 -15.36 7.04 3.49
N ALA A 60 -16.18 7.36 4.48
CA ALA A 60 -17.59 7.63 4.25
C ALA A 60 -17.82 9.10 3.93
N LYS A 61 -17.35 9.53 2.76
CA LYS A 61 -17.51 10.91 2.34
C LYS A 61 -16.96 11.12 0.93
N ASP A 62 -15.77 10.57 0.68
CA ASP A 62 -15.14 10.69 -0.62
C ASP A 62 -14.79 9.32 -1.19
N GLY A 63 -13.92 8.59 -0.49
CA GLY A 63 -13.52 7.27 -0.94
C GLY A 63 -12.02 7.06 -0.89
N THR A 64 -11.41 7.50 0.20
CA THR A 64 -9.97 7.36 0.38
C THR A 64 -9.64 6.14 1.25
N CYS A 65 -8.99 5.15 0.65
CA CYS A 65 -8.62 3.94 1.36
C CYS A 65 -7.57 4.24 2.43
N THR A 66 -7.67 3.54 3.56
CA THR A 66 -6.72 3.73 4.66
C THR A 66 -6.32 2.39 5.27
N LEU A 67 -5.02 2.10 5.24
CA LEU A 67 -4.50 0.85 5.79
C LEU A 67 -4.82 0.73 7.27
N GLN A 68 -4.94 -0.50 7.75
CA GLN A 68 -5.24 -0.74 9.16
C GLN A 68 -3.96 -0.70 10.00
N ASP A 69 -4.13 -0.70 11.32
CA ASP A 69 -3.00 -0.65 12.24
C ASP A 69 -2.22 -1.96 12.21
N CYS A 70 -2.94 -3.08 12.19
CA CYS A 70 -2.32 -4.39 12.16
C CYS A 70 -1.72 -4.68 10.79
N MET A 71 -2.42 -4.25 9.74
CA MET A 71 -1.95 -4.46 8.37
C MET A 71 -0.58 -3.83 8.15
N TYR A 72 -0.31 -2.75 8.89
CA TYR A 72 0.96 -2.04 8.77
C TYR A 72 2.13 -2.97 9.09
N LYS A 73 1.89 -3.93 9.99
CA LYS A 73 2.93 -4.87 10.38
C LYS A 73 3.29 -5.79 9.21
N ASP A 74 2.32 -6.07 8.36
CA ASP A 74 2.53 -6.93 7.20
C ASP A 74 3.49 -6.28 6.20
N VAL A 75 3.50 -4.95 6.19
CA VAL A 75 4.36 -4.20 5.28
C VAL A 75 5.83 -4.61 5.44
N GLN A 76 6.53 -4.75 4.32
CA GLN A 76 7.94 -5.13 4.34
C GLN A 76 8.84 -3.92 4.11
N LYS A 77 10.04 -3.97 4.68
CA LYS A 77 11.00 -2.88 4.52
C LYS A 77 11.81 -3.04 3.24
N ASP A 78 11.94 -4.28 2.77
CA ASP A 78 12.69 -4.57 1.55
C ASP A 78 11.77 -4.61 0.34
N TRP A 79 10.84 -3.66 0.28
CA TRP A 79 9.90 -3.59 -0.83
C TRP A 79 10.51 -2.86 -2.03
N PRO A 80 10.63 -3.55 -3.18
CA PRO A 80 11.21 -2.94 -4.39
C PRO A 80 10.58 -1.60 -4.74
N GLY A 81 9.33 -1.40 -4.30
CA GLY A 81 8.64 -0.16 -4.57
C GLY A 81 9.38 1.04 -4.03
N TYR A 82 9.75 0.99 -2.75
CA TYR A 82 10.45 2.08 -2.11
C TYR A 82 11.89 2.17 -2.62
N SER A 83 12.59 3.23 -2.22
CA SER A 83 13.97 3.43 -2.63
C SER A 83 14.78 4.13 -1.54
N GLU A 84 14.27 5.26 -1.07
CA GLU A 84 14.93 6.02 -0.02
C GLU A 84 14.01 7.07 0.57
N GLY A 85 13.46 7.91 -0.29
CA GLY A 85 12.55 8.96 0.16
C GLY A 85 11.28 8.40 0.76
N ASP A 86 10.76 7.33 0.17
CA ASP A 86 9.54 6.69 0.64
C ASP A 86 9.83 5.80 1.85
N GLN A 87 11.02 5.21 1.87
CA GLN A 87 11.42 4.33 2.96
C GLN A 87 11.47 5.09 4.28
N GLN A 88 11.96 6.33 4.23
CA GLN A 88 12.06 7.15 5.42
C GLN A 88 10.69 7.57 5.92
N LEU A 89 9.78 7.83 4.98
CA LEU A 89 8.42 8.24 5.33
C LEU A 89 7.66 7.08 5.97
N LEU A 90 7.76 5.90 5.37
CA LEU A 90 7.08 4.71 5.88
C LEU A 90 7.48 4.43 7.32
N LYS A 91 8.70 4.84 7.69
CA LYS A 91 9.20 4.62 9.04
C LYS A 91 8.43 5.47 10.05
N ARG A 92 8.32 6.76 9.77
CA ARG A 92 7.61 7.68 10.65
C ARG A 92 6.12 7.34 10.72
N VAL A 93 5.59 6.82 9.62
CA VAL A 93 4.18 6.46 9.55
C VAL A 93 3.85 5.36 10.55
N LEU A 94 4.65 4.31 10.56
CA LEU A 94 4.45 3.19 11.48
C LEU A 94 4.57 3.64 12.94
N VAL A 95 5.51 4.55 13.18
CA VAL A 95 5.73 5.06 14.53
C VAL A 95 4.49 5.76 15.05
N ARG A 96 3.72 6.36 14.15
CA ARG A 96 2.50 7.07 14.52
C ARG A 96 1.32 6.11 14.63
N LYS A 97 1.35 5.07 13.81
CA LYS A 97 0.27 4.08 13.81
C LYS A 97 0.46 3.06 14.93
N LEU A 98 1.72 2.79 15.26
CA LEU A 98 2.03 1.84 16.32
C LEU A 98 1.97 2.50 17.69
N SER A 99 1.63 1.72 18.71
CA SER A 99 1.53 2.24 20.07
C SER A 99 2.11 1.24 21.07
N GLY A 100 3.13 1.68 21.82
CA GLY A 100 3.75 0.81 22.81
C GLY A 100 3.60 1.34 24.21
N PRO A 101 4.67 1.34 25.02
CA PRO A 101 4.62 1.83 26.41
C PRO A 101 4.39 3.33 26.48
N SER A 102 4.34 3.86 27.70
CA SER A 102 4.13 5.28 27.91
C SER A 102 5.40 5.96 28.40
N SER A 103 5.94 6.86 27.59
CA SER A 103 7.16 7.58 27.94
C SER A 103 6.89 9.08 28.06
N GLY A 104 6.15 9.62 27.10
CA GLY A 104 5.84 11.04 27.13
C GLY A 104 6.60 11.82 26.07
N GLY A 1 15.68 5.90 -8.25
CA GLY A 1 14.35 5.81 -8.89
C GLY A 1 14.03 4.41 -9.39
N SER A 2 14.06 4.24 -10.71
CA SER A 2 13.77 2.95 -11.31
C SER A 2 14.53 2.78 -12.63
N SER A 3 15.58 1.99 -12.61
CA SER A 3 16.39 1.74 -13.80
C SER A 3 16.92 0.32 -13.83
N GLY A 4 17.47 -0.12 -12.69
CA GLY A 4 18.01 -1.47 -12.60
C GLY A 4 17.64 -2.16 -11.31
N SER A 5 17.79 -1.44 -10.20
CA SER A 5 17.46 -1.98 -8.88
C SER A 5 15.97 -1.84 -8.59
N SER A 6 15.27 -2.98 -8.60
CA SER A 6 13.83 -2.98 -8.33
C SER A 6 13.32 -4.40 -8.15
N GLY A 7 12.01 -4.53 -7.93
CA GLY A 7 11.42 -5.84 -7.75
C GLY A 7 10.00 -5.76 -7.21
N VAL A 8 9.12 -5.11 -7.95
CA VAL A 8 7.73 -4.97 -7.54
C VAL A 8 6.83 -5.92 -8.30
N SER A 9 7.16 -6.16 -9.56
CA SER A 9 6.38 -7.06 -10.40
C SER A 9 6.41 -8.49 -9.85
N GLN A 10 7.58 -8.91 -9.38
CA GLN A 10 7.74 -10.25 -8.83
C GLN A 10 6.90 -10.42 -7.56
N ARG A 11 6.84 -9.36 -6.75
CA ARG A 11 6.08 -9.39 -5.52
C ARG A 11 4.59 -9.55 -5.80
N PRO A 12 3.84 -10.11 -4.84
CA PRO A 12 2.39 -10.32 -4.98
C PRO A 12 1.63 -9.02 -5.18
N PHE A 13 0.30 -9.11 -5.22
CA PHE A 13 -0.54 -7.93 -5.42
C PHE A 13 -0.91 -7.32 -4.07
N ARG A 14 -1.01 -8.15 -3.04
CA ARG A 14 -1.36 -7.69 -1.71
C ARG A 14 -0.30 -6.73 -1.16
N ASP A 15 0.95 -7.12 -1.32
CA ASP A 15 2.07 -6.31 -0.84
C ASP A 15 2.12 -4.97 -1.57
N ARG A 16 1.82 -5.00 -2.87
CA ARG A 16 1.84 -3.79 -3.69
C ARG A 16 0.84 -2.77 -3.16
N VAL A 17 -0.37 -3.22 -2.84
CA VAL A 17 -1.40 -2.35 -2.33
C VAL A 17 -1.22 -2.08 -0.84
N LEU A 18 -0.73 -3.08 -0.12
CA LEU A 18 -0.51 -2.94 1.32
C LEU A 18 0.59 -1.93 1.61
N HIS A 19 1.54 -1.81 0.69
CA HIS A 19 2.65 -0.87 0.84
C HIS A 19 2.24 0.54 0.42
N LEU A 20 1.32 0.61 -0.56
CA LEU A 20 0.84 1.89 -1.05
C LEU A 20 0.04 2.63 0.00
N LEU A 21 -1.01 1.98 0.50
CA LEU A 21 -1.87 2.58 1.52
C LEU A 21 -1.09 2.83 2.81
N ALA A 22 -0.07 2.00 3.05
CA ALA A 22 0.75 2.14 4.25
C ALA A 22 1.37 3.52 4.34
N LEU A 23 1.62 4.13 3.19
CA LEU A 23 2.22 5.46 3.13
C LEU A 23 1.17 6.53 3.37
N ARG A 24 0.26 6.70 2.42
CA ARG A 24 -0.80 7.69 2.53
C ARG A 24 -2.10 7.18 1.92
N PRO A 25 -3.24 7.74 2.33
CA PRO A 25 -4.55 7.35 1.82
C PRO A 25 -4.62 7.39 0.29
N TYR A 26 -4.96 6.27 -0.32
CA TYR A 26 -5.05 6.19 -1.78
C TYR A 26 -6.47 5.85 -2.20
N ARG A 27 -6.99 6.61 -3.17
CA ARG A 27 -8.33 6.40 -3.68
C ARG A 27 -8.38 5.21 -4.63
N LYS A 28 -9.57 4.90 -5.13
CA LYS A 28 -9.75 3.77 -6.04
C LYS A 28 -9.21 4.12 -7.43
N ALA A 29 -9.33 5.39 -7.81
CA ALA A 29 -8.85 5.85 -9.10
C ALA A 29 -7.38 6.23 -9.04
N GLU A 30 -6.95 6.71 -7.88
CA GLU A 30 -5.56 7.12 -7.69
C GLU A 30 -4.65 5.90 -7.59
N LEU A 31 -5.08 4.90 -6.83
CA LEU A 31 -4.31 3.68 -6.65
C LEU A 31 -4.27 2.86 -7.93
N LEU A 32 -5.38 2.87 -8.67
CA LEU A 32 -5.47 2.13 -9.92
C LEU A 32 -4.42 2.61 -10.91
N LEU A 33 -4.33 3.93 -11.09
CA LEU A 33 -3.37 4.52 -12.01
C LEU A 33 -1.94 4.16 -11.61
N ARG A 34 -1.71 4.04 -10.31
CA ARG A 34 -0.39 3.71 -9.79
C ARG A 34 -0.02 2.27 -10.16
N LEU A 35 -0.90 1.33 -9.84
CA LEU A 35 -0.67 -0.07 -10.13
C LEU A 35 -0.58 -0.31 -11.65
N GLN A 36 -1.31 0.50 -12.40
CA GLN A 36 -1.31 0.37 -13.86
C GLN A 36 0.09 0.60 -14.43
N LYS A 37 0.86 1.46 -13.76
CA LYS A 37 2.22 1.76 -14.19
C LYS A 37 3.11 0.53 -14.07
N ASP A 38 2.91 -0.24 -13.01
CA ASP A 38 3.70 -1.44 -12.79
C ASP A 38 3.09 -2.65 -13.49
N GLY A 39 1.80 -2.86 -13.29
CA GLY A 39 1.12 -3.98 -13.93
C GLY A 39 -0.24 -4.23 -13.34
N LEU A 40 -1.29 -3.80 -14.04
CA LEU A 40 -2.66 -3.99 -13.57
C LEU A 40 -3.59 -4.30 -14.73
N THR A 41 -4.58 -5.15 -14.48
CA THR A 41 -5.55 -5.54 -15.50
C THR A 41 -6.97 -5.49 -14.96
N GLN A 42 -7.91 -6.01 -15.75
CA GLN A 42 -9.32 -6.03 -15.34
C GLN A 42 -9.50 -6.85 -14.06
N ALA A 43 -8.79 -7.96 -13.97
CA ALA A 43 -8.87 -8.83 -12.80
C ALA A 43 -8.48 -8.08 -11.53
N ASP A 44 -7.25 -7.57 -11.51
CA ASP A 44 -6.75 -6.84 -10.36
C ASP A 44 -7.61 -5.60 -10.07
N LYS A 45 -8.21 -5.05 -11.13
CA LYS A 45 -9.06 -3.88 -10.99
C LYS A 45 -10.21 -4.15 -10.03
N ASP A 46 -11.10 -5.06 -10.42
CA ASP A 46 -12.25 -5.41 -9.59
C ASP A 46 -11.81 -5.95 -8.24
N ALA A 47 -10.78 -6.79 -8.26
CA ALA A 47 -10.25 -7.38 -7.02
C ALA A 47 -9.77 -6.30 -6.06
N LEU A 48 -9.31 -5.18 -6.61
CA LEU A 48 -8.83 -4.07 -5.80
C LEU A 48 -9.92 -3.56 -4.86
N ASP A 49 -11.15 -3.49 -5.38
CA ASP A 49 -12.28 -3.02 -4.58
C ASP A 49 -12.52 -3.93 -3.38
N GLY A 50 -12.56 -5.23 -3.62
CA GLY A 50 -12.77 -6.18 -2.54
C GLY A 50 -11.56 -6.32 -1.63
N LEU A 51 -10.37 -6.17 -2.21
CA LEU A 51 -9.14 -6.29 -1.44
C LEU A 51 -8.98 -5.10 -0.49
N LEU A 52 -9.23 -3.89 -1.00
CA LEU A 52 -9.12 -2.69 -0.20
C LEU A 52 -10.06 -2.73 1.01
N GLN A 53 -11.26 -3.28 0.79
CA GLN A 53 -12.25 -3.39 1.84
C GLN A 53 -11.77 -4.31 2.96
N GLN A 54 -10.92 -5.27 2.61
CA GLN A 54 -10.39 -6.21 3.58
C GLN A 54 -9.08 -5.72 4.17
N VAL A 55 -8.14 -5.34 3.29
CA VAL A 55 -6.84 -4.85 3.73
C VAL A 55 -6.80 -3.33 3.74
N ALA A 56 -7.95 -2.70 3.99
CA ALA A 56 -8.04 -1.25 4.03
C ALA A 56 -9.45 -0.79 4.37
N ASN A 57 -9.61 0.51 4.61
CA ASN A 57 -10.91 1.07 4.96
C ASN A 57 -11.32 2.14 3.95
N MET A 58 -12.45 2.79 4.21
CA MET A 58 -12.94 3.84 3.32
C MET A 58 -13.23 5.12 4.10
N SER A 59 -12.67 6.24 3.62
CA SER A 59 -12.87 7.52 4.26
C SER A 59 -14.34 7.89 4.33
N ALA A 60 -15.12 7.36 3.39
CA ALA A 60 -16.56 7.63 3.35
C ALA A 60 -16.84 9.11 3.11
N LYS A 61 -15.97 9.74 2.32
CA LYS A 61 -16.12 11.15 2.01
C LYS A 61 -15.62 11.46 0.60
N ASP A 62 -14.43 10.94 0.28
CA ASP A 62 -13.85 11.15 -1.05
C ASP A 62 -13.43 9.83 -1.68
N GLY A 63 -14.09 8.75 -1.26
CA GLY A 63 -13.77 7.43 -1.80
C GLY A 63 -12.30 7.07 -1.63
N THR A 64 -11.67 7.66 -0.62
CA THR A 64 -10.26 7.38 -0.35
C THR A 64 -10.10 6.18 0.57
N CYS A 65 -9.13 5.33 0.25
CA CYS A 65 -8.88 4.13 1.04
C CYS A 65 -7.68 4.33 1.96
N THR A 66 -7.78 3.84 3.18
CA THR A 66 -6.71 3.96 4.16
C THR A 66 -6.37 2.60 4.77
N LEU A 67 -5.08 2.37 5.01
CA LEU A 67 -4.62 1.12 5.59
C LEU A 67 -5.05 1.00 7.05
N GLN A 68 -5.24 -0.23 7.51
CA GLN A 68 -5.65 -0.48 8.89
C GLN A 68 -4.47 -0.34 9.84
N ASP A 69 -4.66 -0.76 11.09
CA ASP A 69 -3.61 -0.68 12.09
C ASP A 69 -2.87 -2.01 12.22
N CYS A 70 -3.61 -3.10 12.16
CA CYS A 70 -3.03 -4.44 12.26
C CYS A 70 -2.29 -4.81 10.98
N MET A 71 -2.78 -4.30 9.85
CA MET A 71 -2.16 -4.58 8.56
C MET A 71 -0.74 -4.04 8.50
N TYR A 72 -0.46 -3.02 9.31
CA TYR A 72 0.87 -2.41 9.35
C TYR A 72 1.94 -3.45 9.65
N LYS A 73 1.56 -4.48 10.40
CA LYS A 73 2.49 -5.54 10.77
C LYS A 73 2.96 -6.31 9.54
N ASP A 74 2.10 -6.39 8.53
CA ASP A 74 2.43 -7.08 7.29
C ASP A 74 3.43 -6.29 6.46
N VAL A 75 3.46 -4.98 6.66
CA VAL A 75 4.37 -4.11 5.93
C VAL A 75 5.83 -4.53 6.15
N GLN A 76 6.54 -4.77 5.04
CA GLN A 76 7.93 -5.18 5.11
C GLN A 76 8.85 -3.98 5.33
N LYS A 77 10.15 -4.22 5.29
CA LYS A 77 11.13 -3.16 5.50
C LYS A 77 12.18 -3.17 4.38
N ASP A 78 11.74 -3.52 3.17
CA ASP A 78 12.64 -3.57 2.03
C ASP A 78 11.86 -3.62 0.72
N TRP A 79 10.69 -2.98 0.71
CA TRP A 79 9.85 -2.96 -0.48
C TRP A 79 10.52 -2.19 -1.62
N PRO A 80 10.91 -2.89 -2.70
CA PRO A 80 11.57 -2.25 -3.85
C PRO A 80 10.76 -1.09 -4.41
N GLY A 81 9.46 -1.09 -4.15
CA GLY A 81 8.60 -0.03 -4.64
C GLY A 81 9.06 1.34 -4.19
N TYR A 82 9.63 1.41 -2.99
CA TYR A 82 10.11 2.67 -2.44
C TYR A 82 11.46 3.05 -3.04
N SER A 83 11.93 4.25 -2.72
CA SER A 83 13.21 4.72 -3.23
C SER A 83 14.01 5.41 -2.13
N GLU A 84 13.53 6.59 -1.72
CA GLU A 84 14.19 7.36 -0.67
C GLU A 84 13.19 8.17 0.13
N GLY A 85 12.56 9.14 -0.52
CA GLY A 85 11.58 9.98 0.15
C GLY A 85 10.38 9.19 0.64
N ASP A 86 10.08 8.09 -0.05
CA ASP A 86 8.95 7.25 0.32
C ASP A 86 9.34 6.26 1.40
N GLN A 87 10.61 5.84 1.38
CA GLN A 87 11.11 4.89 2.37
C GLN A 87 11.13 5.50 3.77
N GLN A 88 11.41 6.80 3.84
CA GLN A 88 11.45 7.51 5.12
C GLN A 88 10.04 7.78 5.63
N LEU A 89 9.14 8.10 4.72
CA LEU A 89 7.75 8.40 5.09
C LEU A 89 7.07 7.16 5.67
N LEU A 90 7.48 5.99 5.20
CA LEU A 90 6.91 4.74 5.69
C LEU A 90 7.31 4.48 7.14
N LYS A 91 8.50 4.97 7.52
CA LYS A 91 8.99 4.79 8.88
C LYS A 91 8.11 5.52 9.89
N ARG A 92 7.95 6.82 9.68
CA ARG A 92 7.15 7.64 10.59
C ARG A 92 5.75 7.07 10.73
N VAL A 93 5.27 6.38 9.70
CA VAL A 93 3.94 5.78 9.72
C VAL A 93 3.93 4.50 10.53
N LEU A 94 5.07 3.81 10.57
CA LEU A 94 5.19 2.57 11.31
C LEU A 94 5.50 2.83 12.79
N VAL A 95 6.30 3.85 13.04
CA VAL A 95 6.69 4.20 14.40
C VAL A 95 5.51 4.79 15.17
N ARG A 96 4.85 5.78 14.58
CA ARG A 96 3.71 6.42 15.21
C ARG A 96 2.60 5.41 15.50
N LYS A 97 2.51 4.38 14.66
CA LYS A 97 1.49 3.35 14.82
C LYS A 97 1.99 2.24 15.75
N LEU A 98 3.14 1.67 15.41
CA LEU A 98 3.72 0.60 16.22
C LEU A 98 4.73 1.16 17.22
N SER A 99 4.25 1.44 18.44
CA SER A 99 5.10 1.97 19.49
C SER A 99 4.81 1.30 20.82
N GLY A 100 3.59 1.45 21.31
CA GLY A 100 3.22 0.84 22.58
C GLY A 100 2.06 -0.13 22.43
N PRO A 101 2.31 -1.32 21.87
CA PRO A 101 1.27 -2.34 21.68
C PRO A 101 0.81 -2.95 22.99
N SER A 102 -0.50 -2.96 23.22
CA SER A 102 -1.06 -3.52 24.44
C SER A 102 -2.42 -4.17 24.16
N SER A 103 -3.29 -3.44 23.49
CA SER A 103 -4.63 -3.94 23.17
C SER A 103 -4.64 -4.52 21.76
N GLY A 104 -4.04 -3.82 20.81
CA GLY A 104 -4.00 -4.28 19.44
C GLY A 104 -4.33 -3.19 18.45
N GLY A 1 17.61 -10.21 -18.23
CA GLY A 1 16.76 -11.38 -18.59
C GLY A 1 15.72 -11.69 -17.53
N SER A 2 14.94 -10.68 -17.15
CA SER A 2 13.90 -10.84 -16.13
C SER A 2 14.51 -11.14 -14.76
N SER A 3 15.08 -12.34 -14.62
CA SER A 3 15.69 -12.73 -13.36
C SER A 3 14.69 -12.70 -12.21
N GLY A 4 15.15 -12.96 -11.00
CA GLY A 4 14.28 -12.95 -9.85
C GLY A 4 14.97 -12.42 -8.60
N SER A 5 15.95 -11.54 -8.80
CA SER A 5 16.67 -10.95 -7.68
C SER A 5 15.85 -9.87 -6.99
N SER A 6 15.49 -8.84 -7.75
CA SER A 6 14.70 -7.73 -7.21
C SER A 6 13.65 -7.28 -8.22
N GLY A 7 12.48 -6.93 -7.73
CA GLY A 7 11.40 -6.48 -8.59
C GLY A 7 10.09 -6.29 -7.86
N VAL A 8 9.18 -5.55 -8.47
CA VAL A 8 7.87 -5.30 -7.86
C VAL A 8 6.80 -6.18 -8.50
N SER A 9 6.86 -6.34 -9.81
CA SER A 9 5.89 -7.15 -10.53
C SER A 9 5.94 -8.60 -10.05
N GLN A 10 7.12 -9.05 -9.67
CA GLN A 10 7.30 -10.41 -9.18
C GLN A 10 6.51 -10.65 -7.90
N ARG A 11 6.64 -9.72 -6.96
CA ARG A 11 5.94 -9.83 -5.68
C ARG A 11 4.42 -9.86 -5.90
N PRO A 12 3.68 -10.56 -5.01
CA PRO A 12 2.23 -10.66 -5.11
C PRO A 12 1.55 -9.30 -5.25
N PHE A 13 0.23 -9.32 -5.44
CA PHE A 13 -0.53 -8.09 -5.59
C PHE A 13 -0.89 -7.51 -4.23
N ARG A 14 -1.05 -8.38 -3.24
CA ARG A 14 -1.39 -7.95 -1.89
C ARG A 14 -0.28 -7.11 -1.28
N ASP A 15 0.96 -7.51 -1.53
CA ASP A 15 2.13 -6.79 -1.01
C ASP A 15 2.25 -5.42 -1.65
N ARG A 16 1.82 -5.31 -2.91
CA ARG A 16 1.88 -4.05 -3.63
C ARG A 16 0.93 -3.02 -3.02
N VAL A 17 -0.32 -3.42 -2.85
CA VAL A 17 -1.33 -2.53 -2.27
C VAL A 17 -1.07 -2.29 -0.79
N LEU A 18 -0.55 -3.30 -0.11
CA LEU A 18 -0.26 -3.20 1.31
C LEU A 18 0.84 -2.17 1.57
N HIS A 19 1.76 -2.05 0.62
CA HIS A 19 2.86 -1.10 0.74
C HIS A 19 2.45 0.28 0.28
N LEU A 20 1.58 0.33 -0.72
CA LEU A 20 1.09 1.61 -1.25
C LEU A 20 0.35 2.40 -0.18
N LEU A 21 -0.70 1.79 0.38
CA LEU A 21 -1.50 2.44 1.41
C LEU A 21 -0.65 2.75 2.64
N ALA A 22 0.38 1.95 2.87
CA ALA A 22 1.27 2.14 4.00
C ALA A 22 1.90 3.52 3.99
N LEU A 23 2.20 4.02 2.79
CA LEU A 23 2.81 5.33 2.64
C LEU A 23 1.79 6.44 2.87
N ARG A 24 0.72 6.44 2.06
CA ARG A 24 -0.32 7.43 2.18
C ARG A 24 -1.64 6.91 1.60
N PRO A 25 -2.77 7.53 1.98
CA PRO A 25 -4.10 7.12 1.49
C PRO A 25 -4.14 7.03 -0.03
N TYR A 26 -4.96 6.10 -0.54
CA TYR A 26 -5.09 5.91 -1.98
C TYR A 26 -6.50 5.42 -2.32
N ARG A 27 -7.33 6.33 -2.81
CA ARG A 27 -8.70 5.99 -3.18
C ARG A 27 -8.71 4.90 -4.26
N LYS A 28 -9.90 4.43 -4.60
CA LYS A 28 -10.06 3.39 -5.61
C LYS A 28 -9.51 3.86 -6.96
N ALA A 29 -9.91 5.05 -7.37
CA ALA A 29 -9.45 5.61 -8.64
C ALA A 29 -8.00 6.08 -8.54
N GLU A 30 -7.60 6.54 -7.35
CA GLU A 30 -6.25 7.01 -7.12
C GLU A 30 -5.26 5.84 -7.10
N LEU A 31 -5.72 4.69 -6.65
CA LEU A 31 -4.87 3.50 -6.58
C LEU A 31 -4.93 2.72 -7.89
N LEU A 32 -6.09 2.74 -8.54
CA LEU A 32 -6.26 2.04 -9.80
C LEU A 32 -5.31 2.57 -10.87
N LEU A 33 -5.34 3.88 -11.07
CA LEU A 33 -4.47 4.51 -12.05
C LEU A 33 -2.99 4.29 -11.72
N ARG A 34 -2.70 4.19 -10.44
CA ARG A 34 -1.33 3.96 -9.98
C ARG A 34 -0.84 2.57 -10.37
N LEU A 35 -1.58 1.55 -9.94
CA LEU A 35 -1.21 0.17 -10.25
C LEU A 35 -1.19 -0.06 -11.75
N GLN A 36 -2.03 0.66 -12.48
CA GLN A 36 -2.10 0.54 -13.92
C GLN A 36 -0.77 0.89 -14.58
N LYS A 37 -0.03 1.81 -13.94
CA LYS A 37 1.26 2.23 -14.45
C LYS A 37 2.29 1.10 -14.35
N ASP A 38 2.21 0.34 -13.26
CA ASP A 38 3.14 -0.77 -13.05
C ASP A 38 2.61 -2.05 -13.69
N GLY A 39 1.28 -2.18 -13.74
CA GLY A 39 0.67 -3.36 -14.33
C GLY A 39 -0.59 -3.77 -13.62
N LEU A 40 -1.74 -3.37 -14.17
CA LEU A 40 -3.04 -3.70 -13.58
C LEU A 40 -3.96 -4.34 -14.62
N THR A 41 -4.11 -5.66 -14.52
CA THR A 41 -4.96 -6.40 -15.45
C THR A 41 -6.43 -6.20 -15.12
N GLN A 42 -7.30 -6.87 -15.86
CA GLN A 42 -8.74 -6.77 -15.64
C GLN A 42 -9.14 -7.45 -14.34
N ALA A 43 -8.47 -8.56 -14.02
CA ALA A 43 -8.76 -9.30 -12.80
C ALA A 43 -8.35 -8.50 -11.56
N ASP A 44 -7.26 -7.76 -11.69
CA ASP A 44 -6.75 -6.95 -10.58
C ASP A 44 -7.56 -5.66 -10.44
N LYS A 45 -8.10 -5.17 -11.55
CA LYS A 45 -8.89 -3.95 -11.54
C LYS A 45 -10.09 -4.08 -10.61
N ASP A 46 -10.75 -5.22 -10.67
CA ASP A 46 -11.92 -5.49 -9.83
C ASP A 46 -11.49 -6.01 -8.46
N ALA A 47 -10.47 -6.85 -8.44
CA ALA A 47 -9.98 -7.42 -7.20
C ALA A 47 -9.51 -6.34 -6.24
N LEU A 48 -9.04 -5.23 -6.80
CA LEU A 48 -8.55 -4.11 -5.99
C LEU A 48 -9.67 -3.58 -5.08
N ASP A 49 -10.87 -3.44 -5.64
CA ASP A 49 -12.00 -2.94 -4.88
C ASP A 49 -12.31 -3.84 -3.70
N GLY A 50 -12.34 -5.15 -3.94
CA GLY A 50 -12.62 -6.10 -2.89
C GLY A 50 -11.47 -6.22 -1.90
N LEU A 51 -10.25 -6.27 -2.41
CA LEU A 51 -9.07 -6.38 -1.56
C LEU A 51 -8.90 -5.13 -0.70
N LEU A 52 -9.09 -3.97 -1.30
CA LEU A 52 -8.96 -2.70 -0.59
C LEU A 52 -9.92 -2.64 0.60
N GLN A 53 -11.17 -3.03 0.36
CA GLN A 53 -12.18 -3.02 1.41
C GLN A 53 -11.76 -3.87 2.59
N GLN A 54 -10.85 -4.82 2.35
CA GLN A 54 -10.37 -5.69 3.40
C GLN A 54 -9.06 -5.18 3.99
N VAL A 55 -8.12 -4.81 3.11
CA VAL A 55 -6.83 -4.30 3.55
C VAL A 55 -6.80 -2.78 3.53
N ALA A 56 -7.97 -2.17 3.76
CA ALA A 56 -8.08 -0.72 3.77
C ALA A 56 -9.46 -0.28 4.24
N ASN A 57 -9.63 1.03 4.42
CA ASN A 57 -10.90 1.58 4.87
C ASN A 57 -11.20 2.90 4.16
N MET A 58 -12.48 3.13 3.88
CA MET A 58 -12.91 4.35 3.21
C MET A 58 -13.31 5.42 4.22
N SER A 59 -12.70 6.60 4.11
CA SER A 59 -13.00 7.69 5.02
C SER A 59 -14.46 8.09 4.94
N ALA A 60 -14.93 8.80 5.95
CA ALA A 60 -16.32 9.24 6.01
C ALA A 60 -16.46 10.67 5.53
N LYS A 61 -15.69 11.03 4.49
CA LYS A 61 -15.73 12.37 3.94
C LYS A 61 -14.88 12.45 2.67
N ASP A 62 -13.65 12.00 2.75
CA ASP A 62 -12.74 12.02 1.62
C ASP A 62 -13.05 10.89 0.64
N GLY A 63 -13.15 9.68 1.17
CA GLY A 63 -13.45 8.52 0.34
C GLY A 63 -12.21 7.84 -0.18
N THR A 64 -11.18 7.78 0.66
CA THR A 64 -9.92 7.14 0.28
C THR A 64 -9.70 5.87 1.08
N CYS A 65 -8.97 4.92 0.48
CA CYS A 65 -8.68 3.66 1.12
C CYS A 65 -7.40 3.74 1.95
N THR A 66 -7.56 3.97 3.25
CA THR A 66 -6.42 4.08 4.15
C THR A 66 -6.09 2.72 4.76
N LEU A 67 -4.79 2.40 4.82
CA LEU A 67 -4.34 1.14 5.38
C LEU A 67 -4.78 1.00 6.84
N GLN A 68 -5.14 -0.22 7.23
CA GLN A 68 -5.57 -0.48 8.60
C GLN A 68 -4.39 -0.40 9.57
N ASP A 69 -4.70 -0.51 10.86
CA ASP A 69 -3.67 -0.44 11.89
C ASP A 69 -2.78 -1.69 11.85
N CYS A 70 -3.39 -2.84 12.09
CA CYS A 70 -2.66 -4.10 12.09
C CYS A 70 -2.02 -4.37 10.72
N MET A 71 -2.60 -3.76 9.68
CA MET A 71 -2.08 -3.93 8.32
C MET A 71 -0.61 -3.55 8.24
N TYR A 72 -0.21 -2.54 9.02
CA TYR A 72 1.17 -2.09 9.04
C TYR A 72 2.11 -3.20 9.48
N LYS A 73 1.61 -4.10 10.33
CA LYS A 73 2.40 -5.21 10.82
C LYS A 73 2.84 -6.13 9.68
N ASP A 74 2.00 -6.21 8.64
CA ASP A 74 2.30 -7.04 7.48
C ASP A 74 3.33 -6.38 6.58
N VAL A 75 3.31 -5.05 6.54
CA VAL A 75 4.25 -4.30 5.71
C VAL A 75 5.69 -4.59 6.11
N GLN A 76 6.54 -4.82 5.12
CA GLN A 76 7.95 -5.11 5.37
C GLN A 76 8.78 -3.83 5.32
N LYS A 77 10.08 -3.97 5.59
CA LYS A 77 10.98 -2.82 5.57
C LYS A 77 12.06 -3.00 4.52
N ASP A 78 11.72 -3.70 3.44
CA ASP A 78 12.66 -3.95 2.35
C ASP A 78 11.94 -3.97 1.00
N TRP A 79 10.86 -3.21 0.91
CA TRP A 79 10.08 -3.15 -0.33
C TRP A 79 10.88 -2.49 -1.44
N PRO A 80 11.02 -3.16 -2.60
CA PRO A 80 11.78 -2.62 -3.74
C PRO A 80 11.28 -1.23 -4.15
N GLY A 81 10.00 -0.97 -3.89
CA GLY A 81 9.42 0.32 -4.24
C GLY A 81 10.12 1.47 -3.55
N TYR A 82 10.34 1.33 -2.25
CA TYR A 82 10.99 2.38 -1.47
C TYR A 82 12.47 2.48 -1.83
N SER A 83 13.11 3.58 -1.44
CA SER A 83 14.51 3.81 -1.72
C SER A 83 15.17 4.61 -0.61
N GLU A 84 14.70 5.83 -0.41
CA GLU A 84 15.24 6.70 0.63
C GLU A 84 14.14 7.58 1.23
N GLY A 85 13.40 8.27 0.37
CA GLY A 85 12.33 9.13 0.84
C GLY A 85 11.15 8.35 1.37
N ASP A 86 10.77 7.29 0.64
CA ASP A 86 9.64 6.47 1.05
C ASP A 86 9.99 5.64 2.29
N GLN A 87 11.23 5.17 2.35
CA GLN A 87 11.68 4.37 3.48
C GLN A 87 11.62 5.17 4.78
N GLN A 88 12.21 6.36 4.76
CA GLN A 88 12.22 7.23 5.94
C GLN A 88 10.81 7.68 6.30
N LEU A 89 9.97 7.84 5.27
CA LEU A 89 8.59 8.27 5.49
C LEU A 89 7.77 7.18 6.16
N LEU A 90 7.94 5.94 5.69
CA LEU A 90 7.23 4.80 6.25
C LEU A 90 7.64 4.56 7.70
N LYS A 91 8.87 4.93 8.03
CA LYS A 91 9.39 4.74 9.38
C LYS A 91 8.53 5.46 10.41
N ARG A 92 8.31 6.75 10.20
CA ARG A 92 7.50 7.55 11.11
C ARG A 92 6.05 7.11 11.06
N VAL A 93 5.56 6.77 9.87
CA VAL A 93 4.19 6.33 9.70
C VAL A 93 3.90 5.08 10.55
N LEU A 94 4.92 4.28 10.78
CA LEU A 94 4.78 3.06 11.57
C LEU A 94 4.80 3.38 13.06
N VAL A 95 5.77 4.19 13.47
CA VAL A 95 5.90 4.57 14.88
C VAL A 95 4.69 5.36 15.36
N ARG A 96 4.09 6.12 14.44
CA ARG A 96 2.93 6.93 14.78
C ARG A 96 1.67 6.06 14.85
N LYS A 97 1.63 5.01 14.05
CA LYS A 97 0.48 4.11 14.02
C LYS A 97 0.61 3.05 15.12
N LEU A 98 1.72 2.33 15.12
CA LEU A 98 1.96 1.29 16.12
C LEU A 98 2.21 1.90 17.49
N SER A 99 1.28 1.67 18.41
CA SER A 99 1.40 2.20 19.77
C SER A 99 0.67 1.30 20.76
N GLY A 100 0.63 0.01 20.46
CA GLY A 100 -0.04 -0.93 21.35
C GLY A 100 -1.55 -0.70 21.40
N PRO A 101 -2.25 -0.83 20.26
CA PRO A 101 -3.70 -0.64 20.20
C PRO A 101 -4.45 -1.56 21.16
N SER A 102 -4.32 -2.86 20.94
CA SER A 102 -4.98 -3.84 21.78
C SER A 102 -4.53 -3.71 23.24
N SER A 103 -5.30 -4.32 24.14
CA SER A 103 -4.98 -4.26 25.57
C SER A 103 -4.99 -2.83 26.07
N GLY A 104 -4.77 -2.66 27.37
CA GLY A 104 -4.75 -1.33 27.95
C GLY A 104 -6.12 -0.70 28.00
N GLY A 1 10.19 5.62 -22.28
CA GLY A 1 10.08 5.99 -20.84
C GLY A 1 10.86 5.06 -19.94
N SER A 2 10.90 5.39 -18.64
CA SER A 2 11.61 4.57 -17.67
C SER A 2 10.91 4.61 -16.32
N SER A 3 11.19 3.61 -15.49
CA SER A 3 10.59 3.52 -14.17
C SER A 3 11.66 3.51 -13.08
N GLY A 4 12.56 2.54 -13.15
CA GLY A 4 13.63 2.44 -12.18
C GLY A 4 14.26 1.06 -12.14
N SER A 5 13.80 0.23 -11.20
CA SER A 5 14.32 -1.13 -11.07
C SER A 5 13.32 -2.15 -11.59
N SER A 6 12.03 -1.82 -11.47
CA SER A 6 10.97 -2.72 -11.92
C SER A 6 11.01 -4.03 -11.15
N GLY A 7 10.60 -3.99 -9.89
CA GLY A 7 10.60 -5.18 -9.07
C GLY A 7 9.42 -5.21 -8.11
N VAL A 8 8.34 -4.54 -8.47
CA VAL A 8 7.15 -4.49 -7.64
C VAL A 8 6.07 -5.42 -8.17
N SER A 9 6.03 -5.58 -9.50
CA SER A 9 5.05 -6.45 -10.14
C SER A 9 5.27 -7.90 -9.75
N GLN A 10 6.53 -8.28 -9.55
CA GLN A 10 6.88 -9.64 -9.18
C GLN A 10 6.26 -10.01 -7.83
N ARG A 11 6.40 -9.12 -6.86
CA ARG A 11 5.85 -9.35 -5.52
C ARG A 11 4.33 -9.53 -5.58
N PRO A 12 3.74 -10.15 -4.54
CA PRO A 12 2.29 -10.38 -4.48
C PRO A 12 1.49 -9.11 -4.75
N PHE A 13 0.23 -9.28 -5.11
CA PHE A 13 -0.65 -8.16 -5.39
C PHE A 13 -1.05 -7.44 -4.11
N ARG A 14 -1.38 -8.21 -3.08
CA ARG A 14 -1.78 -7.65 -1.80
C ARG A 14 -0.66 -6.81 -1.20
N ASP A 15 0.58 -7.21 -1.45
CA ASP A 15 1.74 -6.50 -0.94
C ASP A 15 1.86 -5.13 -1.59
N ARG A 16 1.59 -5.07 -2.89
CA ARG A 16 1.66 -3.81 -3.62
C ARG A 16 0.69 -2.78 -3.06
N VAL A 17 -0.54 -3.22 -2.84
CA VAL A 17 -1.57 -2.34 -2.30
C VAL A 17 -1.36 -2.08 -0.81
N LEU A 18 -0.84 -3.09 -0.11
CA LEU A 18 -0.59 -2.98 1.32
C LEU A 18 0.55 -1.98 1.59
N HIS A 19 1.59 -2.04 0.76
CA HIS A 19 2.74 -1.16 0.93
C HIS A 19 2.37 0.27 0.53
N LEU A 20 1.64 0.42 -0.57
CA LEU A 20 1.22 1.73 -1.05
C LEU A 20 0.40 2.46 0.00
N LEU A 21 -0.69 1.84 0.42
CA LEU A 21 -1.57 2.43 1.43
C LEU A 21 -0.81 2.70 2.73
N ALA A 22 0.22 1.90 2.99
CA ALA A 22 1.02 2.06 4.19
C ALA A 22 1.62 3.46 4.27
N LEU A 23 2.20 3.92 3.17
CA LEU A 23 2.82 5.24 3.12
C LEU A 23 1.77 6.33 3.34
N ARG A 24 0.83 6.43 2.42
CA ARG A 24 -0.23 7.44 2.51
C ARG A 24 -1.53 6.93 1.88
N PRO A 25 -2.66 7.52 2.27
CA PRO A 25 -3.98 7.12 1.74
C PRO A 25 -4.02 7.11 0.22
N TYR A 26 -4.71 6.13 -0.34
CA TYR A 26 -4.82 6.00 -1.79
C TYR A 26 -6.24 5.61 -2.19
N ARG A 27 -6.91 6.50 -2.91
CA ARG A 27 -8.28 6.25 -3.36
C ARG A 27 -8.32 5.12 -4.37
N LYS A 28 -9.52 4.63 -4.67
CA LYS A 28 -9.69 3.54 -5.63
C LYS A 28 -9.17 3.94 -6.99
N ALA A 29 -9.53 5.14 -7.44
CA ALA A 29 -9.10 5.64 -8.74
C ALA A 29 -7.62 6.04 -8.71
N GLU A 30 -7.22 6.70 -7.63
CA GLU A 30 -5.83 7.14 -7.47
C GLU A 30 -4.89 5.94 -7.35
N LEU A 31 -5.37 4.89 -6.71
CA LEU A 31 -4.57 3.68 -6.51
C LEU A 31 -4.52 2.87 -7.80
N LEU A 32 -5.64 2.80 -8.50
CA LEU A 32 -5.71 2.05 -9.75
C LEU A 32 -4.82 2.67 -10.82
N LEU A 33 -4.82 4.00 -10.88
CA LEU A 33 -4.01 4.72 -11.85
C LEU A 33 -2.52 4.46 -11.63
N ARG A 34 -2.13 4.32 -10.36
CA ARG A 34 -0.74 4.08 -10.01
C ARG A 34 -0.35 2.64 -10.35
N LEU A 35 -1.14 1.69 -9.88
CA LEU A 35 -0.87 0.28 -10.13
C LEU A 35 -0.85 -0.02 -11.62
N GLN A 36 -1.64 0.73 -12.39
CA GLN A 36 -1.71 0.55 -13.83
C GLN A 36 -0.36 0.83 -14.49
N LYS A 37 0.38 1.77 -13.91
CA LYS A 37 1.69 2.13 -14.43
C LYS A 37 2.64 0.93 -14.43
N ASP A 38 2.72 0.25 -13.30
CA ASP A 38 3.58 -0.92 -13.16
C ASP A 38 2.96 -2.13 -13.85
N GLY A 39 1.65 -2.29 -13.69
CA GLY A 39 0.96 -3.41 -14.30
C GLY A 39 -0.38 -3.70 -13.63
N LEU A 40 -1.46 -3.66 -14.42
CA LEU A 40 -2.79 -3.92 -13.90
C LEU A 40 -3.74 -4.29 -15.02
N THR A 41 -4.74 -5.12 -14.70
CA THR A 41 -5.72 -5.55 -15.68
C THR A 41 -7.12 -5.57 -15.08
N GLN A 42 -8.10 -5.95 -15.88
CA GLN A 42 -9.49 -6.01 -15.43
C GLN A 42 -9.64 -6.98 -14.26
N ALA A 43 -8.82 -8.03 -14.25
CA ALA A 43 -8.86 -9.03 -13.20
C ALA A 43 -8.35 -8.46 -11.88
N ASP A 44 -7.43 -7.51 -11.96
CA ASP A 44 -6.86 -6.88 -10.78
C ASP A 44 -7.69 -5.67 -10.34
N LYS A 45 -8.34 -5.03 -11.32
CA LYS A 45 -9.16 -3.86 -11.04
C LYS A 45 -10.26 -4.19 -10.03
N ASP A 46 -11.16 -5.08 -10.42
CA ASP A 46 -12.26 -5.48 -9.56
C ASP A 46 -11.74 -6.09 -8.25
N ALA A 47 -10.58 -6.74 -8.33
CA ALA A 47 -9.97 -7.37 -7.16
C ALA A 47 -9.52 -6.32 -6.15
N LEU A 48 -9.14 -5.15 -6.64
CA LEU A 48 -8.68 -4.06 -5.79
C LEU A 48 -9.81 -3.58 -4.87
N ASP A 49 -11.02 -3.52 -5.42
CA ASP A 49 -12.18 -3.07 -4.66
C ASP A 49 -12.41 -3.97 -3.44
N GLY A 50 -12.37 -5.27 -3.68
CA GLY A 50 -12.58 -6.22 -2.59
C GLY A 50 -11.38 -6.34 -1.68
N LEU A 51 -10.20 -6.07 -2.21
CA LEU A 51 -8.97 -6.15 -1.43
C LEU A 51 -8.85 -4.95 -0.49
N LEU A 52 -9.15 -3.76 -1.01
CA LEU A 52 -9.08 -2.54 -0.21
C LEU A 52 -9.98 -2.63 1.02
N GLN A 53 -11.19 -3.13 0.82
CA GLN A 53 -12.15 -3.27 1.90
C GLN A 53 -11.62 -4.19 3.00
N GLN A 54 -10.74 -5.11 2.62
CA GLN A 54 -10.16 -6.06 3.56
C GLN A 54 -8.86 -5.51 4.14
N VAL A 55 -7.91 -5.18 3.26
CA VAL A 55 -6.62 -4.66 3.69
C VAL A 55 -6.59 -3.14 3.62
N ALA A 56 -7.73 -2.51 3.90
CA ALA A 56 -7.84 -1.06 3.87
C ALA A 56 -9.23 -0.60 4.28
N ASN A 57 -9.37 0.70 4.50
CA ASN A 57 -10.66 1.28 4.89
C ASN A 57 -11.26 2.09 3.75
N MET A 58 -12.39 2.75 4.03
CA MET A 58 -13.06 3.57 3.03
C MET A 58 -14.03 4.54 3.68
N SER A 59 -13.82 5.83 3.44
CA SER A 59 -14.68 6.86 4.01
C SER A 59 -15.85 7.17 3.08
N ALA A 60 -16.97 7.63 3.66
CA ALA A 60 -18.14 7.97 2.88
C ALA A 60 -18.23 9.46 2.63
N LYS A 61 -17.07 10.10 2.49
CA LYS A 61 -17.00 11.53 2.23
C LYS A 61 -16.08 11.84 1.06
N ASP A 62 -14.90 11.22 1.06
CA ASP A 62 -13.94 11.42 0.00
C ASP A 62 -13.80 10.17 -0.87
N GLY A 63 -13.51 9.05 -0.22
CA GLY A 63 -13.36 7.79 -0.94
C GLY A 63 -11.92 7.33 -1.00
N THR A 64 -11.16 7.61 0.06
CA THR A 64 -9.77 7.21 0.12
C THR A 64 -9.60 5.92 0.93
N CYS A 65 -8.64 5.10 0.52
CA CYS A 65 -8.38 3.84 1.21
C CYS A 65 -7.18 3.96 2.13
N THR A 66 -7.43 3.81 3.43
CA THR A 66 -6.36 3.90 4.43
C THR A 66 -6.00 2.53 4.97
N LEU A 67 -4.71 2.22 4.97
CA LEU A 67 -4.23 0.93 5.46
C LEU A 67 -4.60 0.74 6.93
N GLN A 68 -5.01 -0.48 7.27
CA GLN A 68 -5.39 -0.79 8.64
C GLN A 68 -4.22 -0.60 9.59
N ASP A 69 -4.46 -0.84 10.88
CA ASP A 69 -3.42 -0.69 11.89
C ASP A 69 -2.61 -1.98 12.04
N CYS A 70 -3.31 -3.11 12.13
CA CYS A 70 -2.66 -4.40 12.26
C CYS A 70 -1.99 -4.81 10.96
N MET A 71 -2.56 -4.40 9.85
CA MET A 71 -2.02 -4.73 8.53
C MET A 71 -0.65 -4.09 8.33
N TYR A 72 -0.41 -2.98 9.02
CA TYR A 72 0.86 -2.27 8.91
C TYR A 72 2.04 -3.19 9.25
N LYS A 73 1.79 -4.15 10.13
CA LYS A 73 2.82 -5.10 10.53
C LYS A 73 3.28 -5.95 9.36
N ASP A 74 2.36 -6.21 8.43
CA ASP A 74 2.67 -7.00 7.25
C ASP A 74 3.65 -6.27 6.34
N VAL A 75 3.60 -4.95 6.37
CA VAL A 75 4.48 -4.12 5.54
C VAL A 75 5.94 -4.44 5.81
N GLN A 76 6.63 -4.97 4.80
CA GLN A 76 8.03 -5.32 4.93
C GLN A 76 8.92 -4.08 4.79
N LYS A 77 10.11 -4.15 5.38
CA LYS A 77 11.04 -3.02 5.32
C LYS A 77 12.11 -3.27 4.25
N ASP A 78 11.74 -3.99 3.20
CA ASP A 78 12.66 -4.29 2.11
C ASP A 78 11.95 -4.26 0.77
N TRP A 79 10.90 -3.44 0.67
CA TRP A 79 10.14 -3.32 -0.57
C TRP A 79 11.00 -2.78 -1.70
N PRO A 80 10.96 -3.41 -2.88
CA PRO A 80 11.75 -2.97 -4.04
C PRO A 80 11.19 -1.71 -4.69
N GLY A 81 9.99 -1.31 -4.27
CA GLY A 81 9.37 -0.11 -4.82
C GLY A 81 9.94 1.16 -4.24
N TYR A 82 10.05 1.21 -2.92
CA TYR A 82 10.58 2.38 -2.24
C TYR A 82 12.00 2.70 -2.71
N SER A 83 12.55 3.81 -2.23
CA SER A 83 13.89 4.22 -2.60
C SER A 83 14.55 5.03 -1.48
N GLU A 84 14.02 6.22 -1.24
CA GLU A 84 14.54 7.10 -0.19
C GLU A 84 13.43 7.90 0.47
N GLY A 85 12.77 8.73 -0.32
CA GLY A 85 11.68 9.54 0.21
C GLY A 85 10.56 8.72 0.79
N ASP A 86 10.32 7.55 0.20
CA ASP A 86 9.27 6.66 0.66
C ASP A 86 9.74 5.85 1.88
N GLN A 87 11.03 5.52 1.89
CA GLN A 87 11.60 4.74 2.99
C GLN A 87 11.44 5.49 4.32
N GLN A 88 11.85 6.75 4.34
CA GLN A 88 11.75 7.57 5.53
C GLN A 88 10.30 7.77 5.95
N LEU A 89 9.43 7.96 4.96
CA LEU A 89 8.01 8.17 5.21
C LEU A 89 7.37 6.92 5.82
N LEU A 90 7.78 5.75 5.34
CA LEU A 90 7.25 4.48 5.83
C LEU A 90 7.73 4.21 7.25
N LYS A 91 8.83 4.83 7.64
CA LYS A 91 9.38 4.65 8.98
C LYS A 91 8.62 5.48 10.01
N ARG A 92 8.10 6.62 9.58
CA ARG A 92 7.36 7.51 10.48
C ARG A 92 5.92 7.05 10.62
N VAL A 93 5.38 6.44 9.56
CA VAL A 93 4.00 5.96 9.58
C VAL A 93 3.83 4.82 10.58
N LEU A 94 4.80 3.92 10.62
CA LEU A 94 4.75 2.78 11.54
C LEU A 94 4.79 3.25 12.99
N VAL A 95 5.49 4.36 13.24
CA VAL A 95 5.61 4.90 14.58
C VAL A 95 4.38 5.74 14.94
N ARG A 96 3.79 6.36 13.93
CA ARG A 96 2.60 7.20 14.13
C ARG A 96 1.39 6.35 14.46
N LYS A 97 1.34 5.14 13.89
CA LYS A 97 0.22 4.23 14.11
C LYS A 97 0.45 3.40 15.37
N LEU A 98 1.51 2.59 15.35
CA LEU A 98 1.84 1.75 16.49
C LEU A 98 2.09 2.58 17.75
N SER A 99 1.37 2.27 18.81
CA SER A 99 1.51 2.99 20.07
C SER A 99 2.41 2.23 21.03
N GLY A 100 3.43 1.57 20.48
CA GLY A 100 4.35 0.81 21.31
C GLY A 100 5.48 1.66 21.84
N PRO A 101 6.68 1.07 22.06
CA PRO A 101 7.83 1.80 22.58
C PRO A 101 8.13 3.06 21.78
N SER A 102 7.72 4.21 22.31
CA SER A 102 7.95 5.48 21.64
C SER A 102 9.37 5.97 21.87
N SER A 103 10.10 6.19 20.78
CA SER A 103 11.47 6.67 20.85
C SER A 103 11.98 7.10 19.48
N GLY A 104 11.09 7.69 18.69
CA GLY A 104 11.46 8.15 17.36
C GLY A 104 10.81 7.33 16.26
N GLY A 1 18.49 -17.96 -11.27
CA GLY A 1 17.93 -17.18 -10.14
C GLY A 1 18.05 -15.68 -10.35
N SER A 2 19.27 -15.21 -10.54
CA SER A 2 19.53 -13.78 -10.75
C SER A 2 19.24 -12.98 -9.49
N SER A 3 17.95 -12.85 -9.17
CA SER A 3 17.53 -12.10 -7.99
C SER A 3 18.02 -10.66 -8.05
N GLY A 4 17.19 -9.77 -8.59
CA GLY A 4 17.55 -8.37 -8.69
C GLY A 4 16.80 -7.66 -9.80
N SER A 5 17.15 -6.40 -10.03
CA SER A 5 16.50 -5.61 -11.06
C SER A 5 15.01 -5.46 -10.78
N SER A 6 14.65 -4.38 -10.10
CA SER A 6 13.25 -4.12 -9.76
C SER A 6 12.68 -5.24 -8.89
N GLY A 7 11.48 -5.04 -8.39
CA GLY A 7 10.85 -6.04 -7.55
C GLY A 7 9.49 -5.60 -7.04
N VAL A 8 8.67 -5.04 -7.94
CA VAL A 8 7.34 -4.57 -7.57
C VAL A 8 6.26 -5.41 -8.25
N SER A 9 6.49 -5.77 -9.50
CA SER A 9 5.54 -6.58 -10.26
C SER A 9 5.64 -8.04 -9.85
N GLN A 10 6.84 -8.48 -9.48
CA GLN A 10 7.06 -9.86 -9.07
C GLN A 10 6.34 -10.16 -7.76
N ARG A 11 6.25 -9.15 -6.89
CA ARG A 11 5.59 -9.31 -5.60
C ARG A 11 4.08 -9.46 -5.79
N PRO A 12 3.41 -10.15 -4.85
CA PRO A 12 1.96 -10.35 -4.91
C PRO A 12 1.19 -9.06 -5.12
N PHE A 13 -0.12 -9.17 -5.31
CA PHE A 13 -0.97 -8.00 -5.51
C PHE A 13 -1.39 -7.38 -4.18
N ARG A 14 -1.56 -8.23 -3.18
CA ARG A 14 -1.96 -7.77 -1.85
C ARG A 14 -0.84 -6.97 -1.19
N ASP A 15 0.39 -7.33 -1.50
CA ASP A 15 1.55 -6.65 -0.94
C ASP A 15 1.75 -5.28 -1.58
N ARG A 16 1.43 -5.19 -2.87
CA ARG A 16 1.57 -3.93 -3.60
C ARG A 16 0.71 -2.85 -2.98
N VAL A 17 -0.56 -3.16 -2.72
CA VAL A 17 -1.48 -2.22 -2.13
C VAL A 17 -1.19 -2.02 -0.64
N LEU A 18 -0.84 -3.11 0.03
CA LEU A 18 -0.53 -3.06 1.46
C LEU A 18 0.62 -2.10 1.74
N HIS A 19 1.52 -1.96 0.77
CA HIS A 19 2.68 -1.09 0.91
C HIS A 19 2.33 0.34 0.49
N LEU A 20 1.43 0.46 -0.49
CA LEU A 20 1.01 1.77 -0.98
C LEU A 20 0.21 2.52 0.08
N LEU A 21 -0.86 1.91 0.55
CA LEU A 21 -1.71 2.53 1.57
C LEU A 21 -0.91 2.84 2.83
N ALA A 22 0.11 2.03 3.10
CA ALA A 22 0.95 2.21 4.27
C ALA A 22 1.61 3.59 4.26
N LEU A 23 1.92 4.08 3.07
CA LEU A 23 2.56 5.39 2.91
C LEU A 23 1.55 6.51 3.12
N ARG A 24 0.47 6.49 2.35
CA ARG A 24 -0.57 7.51 2.46
C ARG A 24 -1.89 7.01 1.88
N PRO A 25 -3.02 7.63 2.28
CA PRO A 25 -4.34 7.25 1.79
C PRO A 25 -4.43 7.29 0.27
N TYR A 26 -4.87 6.19 -0.33
CA TYR A 26 -5.01 6.10 -1.78
C TYR A 26 -6.43 5.68 -2.17
N ARG A 27 -7.10 6.53 -2.92
CA ARG A 27 -8.46 6.24 -3.36
C ARG A 27 -8.48 5.08 -4.36
N LYS A 28 -9.67 4.70 -4.80
CA LYS A 28 -9.82 3.61 -5.75
C LYS A 28 -9.21 3.98 -7.10
N ALA A 29 -9.58 5.15 -7.62
CA ALA A 29 -9.07 5.63 -8.89
C ALA A 29 -7.60 6.01 -8.80
N GLU A 30 -7.23 6.69 -7.72
CA GLU A 30 -5.86 7.10 -7.50
C GLU A 30 -4.94 5.89 -7.37
N LEU A 31 -5.42 4.86 -6.68
CA LEU A 31 -4.64 3.64 -6.48
C LEU A 31 -4.59 2.82 -7.76
N LEU A 32 -5.71 2.79 -8.48
CA LEU A 32 -5.78 2.03 -9.73
C LEU A 32 -4.78 2.55 -10.75
N LEU A 33 -4.68 3.87 -10.85
CA LEU A 33 -3.77 4.50 -11.79
C LEU A 33 -2.32 4.22 -11.41
N ARG A 34 -2.03 4.28 -10.12
CA ARG A 34 -0.68 4.02 -9.61
C ARG A 34 -0.25 2.59 -9.91
N LEU A 35 -1.18 1.65 -9.77
CA LEU A 35 -0.90 0.24 -10.03
C LEU A 35 -0.75 -0.02 -11.52
N GLN A 36 -1.47 0.76 -12.34
CA GLN A 36 -1.42 0.60 -13.78
C GLN A 36 -0.01 0.84 -14.30
N LYS A 37 0.74 1.70 -13.62
CA LYS A 37 2.11 2.02 -14.02
C LYS A 37 2.97 0.76 -13.99
N ASP A 38 2.65 -0.16 -13.09
CA ASP A 38 3.40 -1.40 -12.95
C ASP A 38 2.84 -2.47 -13.89
N GLY A 39 1.60 -2.88 -13.63
CA GLY A 39 0.98 -3.90 -14.46
C GLY A 39 -0.42 -4.24 -14.00
N LEU A 40 -1.34 -3.28 -14.12
CA LEU A 40 -2.72 -3.49 -13.72
C LEU A 40 -3.52 -4.16 -14.83
N THR A 41 -4.61 -4.81 -14.46
CA THR A 41 -5.47 -5.49 -15.43
C THR A 41 -6.91 -5.56 -14.93
N GLN A 42 -7.80 -6.06 -15.77
CA GLN A 42 -9.21 -6.18 -15.43
C GLN A 42 -9.40 -7.07 -14.19
N ALA A 43 -8.55 -8.09 -14.08
CA ALA A 43 -8.62 -9.02 -12.95
C ALA A 43 -8.18 -8.34 -11.66
N ASP A 44 -7.12 -7.54 -11.75
CA ASP A 44 -6.61 -6.84 -10.59
C ASP A 44 -7.51 -5.66 -10.21
N LYS A 45 -8.14 -5.06 -11.23
CA LYS A 45 -9.03 -3.94 -11.01
C LYS A 45 -10.19 -4.31 -10.10
N ASP A 46 -11.00 -5.27 -10.55
CA ASP A 46 -12.15 -5.72 -9.77
C ASP A 46 -11.71 -6.29 -8.43
N ALA A 47 -10.60 -7.02 -8.43
CA ALA A 47 -10.07 -7.61 -7.22
C ALA A 47 -9.64 -6.54 -6.22
N LEU A 48 -9.20 -5.40 -6.74
CA LEU A 48 -8.76 -4.30 -5.89
C LEU A 48 -9.92 -3.76 -5.05
N ASP A 49 -11.13 -3.84 -5.61
CA ASP A 49 -12.32 -3.36 -4.91
C ASP A 49 -12.53 -4.12 -3.60
N GLY A 50 -12.56 -5.44 -3.69
CA GLY A 50 -12.76 -6.26 -2.52
C GLY A 50 -11.54 -6.29 -1.62
N LEU A 51 -10.36 -6.11 -2.22
CA LEU A 51 -9.12 -6.12 -1.47
C LEU A 51 -9.01 -4.89 -0.57
N LEU A 52 -9.41 -3.74 -1.11
CA LEU A 52 -9.36 -2.49 -0.36
C LEU A 52 -10.23 -2.57 0.89
N GLN A 53 -11.49 -2.94 0.71
CA GLN A 53 -12.42 -3.06 1.84
C GLN A 53 -11.89 -4.04 2.88
N GLN A 54 -11.03 -4.95 2.46
CA GLN A 54 -10.47 -5.96 3.35
C GLN A 54 -9.18 -5.45 4.00
N VAL A 55 -8.18 -5.18 3.17
CA VAL A 55 -6.89 -4.68 3.66
C VAL A 55 -6.81 -3.16 3.56
N ALA A 56 -7.92 -2.49 3.81
CA ALA A 56 -7.97 -1.03 3.75
C ALA A 56 -9.31 -0.50 4.22
N ASN A 57 -9.36 0.80 4.50
CA ASN A 57 -10.60 1.43 4.97
C ASN A 57 -11.04 2.51 3.99
N MET A 58 -12.16 2.26 3.31
CA MET A 58 -12.70 3.21 2.35
C MET A 58 -13.49 4.30 3.05
N SER A 59 -13.53 5.48 2.44
CA SER A 59 -14.25 6.62 3.01
C SER A 59 -15.64 6.74 2.40
N ALA A 60 -16.61 7.14 3.22
CA ALA A 60 -17.98 7.30 2.75
C ALA A 60 -18.30 8.76 2.48
N LYS A 61 -17.30 9.51 2.02
CA LYS A 61 -17.48 10.92 1.72
C LYS A 61 -16.78 11.29 0.42
N ASP A 62 -15.53 10.89 0.29
CA ASP A 62 -14.74 11.19 -0.91
C ASP A 62 -14.44 9.91 -1.68
N GLY A 63 -13.83 8.94 -0.99
CA GLY A 63 -13.50 7.68 -1.62
C GLY A 63 -12.04 7.32 -1.47
N THR A 64 -11.49 7.57 -0.28
CA THR A 64 -10.09 7.27 0.00
C THR A 64 -9.95 5.97 0.79
N CYS A 65 -8.97 5.15 0.43
CA CYS A 65 -8.73 3.89 1.10
C CYS A 65 -7.44 3.93 1.89
N THR A 66 -7.56 3.88 3.22
CA THR A 66 -6.38 3.91 4.08
C THR A 66 -6.01 2.50 4.54
N LEU A 67 -4.91 2.39 5.28
CA LEU A 67 -4.45 1.11 5.78
C LEU A 67 -4.78 0.94 7.25
N GLN A 68 -5.06 -0.30 7.64
CA GLN A 68 -5.41 -0.60 9.03
C GLN A 68 -4.16 -0.63 9.91
N ASP A 69 -4.33 -0.28 11.18
CA ASP A 69 -3.22 -0.26 12.12
C ASP A 69 -2.58 -1.65 12.24
N CYS A 70 -3.38 -2.68 12.02
CA CYS A 70 -2.88 -4.06 12.10
C CYS A 70 -2.17 -4.46 10.82
N MET A 71 -2.78 -4.12 9.68
CA MET A 71 -2.19 -4.46 8.38
C MET A 71 -0.81 -3.85 8.23
N TYR A 72 -0.55 -2.76 8.93
CA TYR A 72 0.75 -2.09 8.88
C TYR A 72 1.87 -3.05 9.24
N LYS A 73 1.57 -4.02 10.10
CA LYS A 73 2.56 -5.00 10.53
C LYS A 73 3.01 -5.86 9.34
N ASP A 74 2.06 -6.23 8.49
CA ASP A 74 2.36 -7.05 7.32
C ASP A 74 3.37 -6.37 6.42
N VAL A 75 3.37 -5.03 6.43
CA VAL A 75 4.29 -4.26 5.60
C VAL A 75 5.74 -4.62 5.90
N GLN A 76 6.60 -4.50 4.90
CA GLN A 76 8.01 -4.80 5.06
C GLN A 76 8.87 -3.54 4.91
N LYS A 77 10.12 -3.63 5.33
CA LYS A 77 11.04 -2.50 5.25
C LYS A 77 12.07 -2.73 4.15
N ASP A 78 11.67 -3.45 3.10
CA ASP A 78 12.56 -3.74 1.98
C ASP A 78 11.79 -3.74 0.66
N TRP A 79 10.72 -2.95 0.60
CA TRP A 79 9.91 -2.87 -0.61
C TRP A 79 10.66 -2.14 -1.72
N PRO A 80 11.01 -2.84 -2.81
CA PRO A 80 11.73 -2.25 -3.94
C PRO A 80 11.05 -1.00 -4.47
N GLY A 81 9.74 -0.91 -4.24
CA GLY A 81 8.98 0.24 -4.72
C GLY A 81 9.53 1.55 -4.20
N TYR A 82 9.78 1.63 -2.90
CA TYR A 82 10.31 2.84 -2.29
C TYR A 82 11.75 3.08 -2.73
N SER A 83 12.27 4.25 -2.39
CA SER A 83 13.64 4.61 -2.76
C SER A 83 14.33 5.36 -1.62
N GLU A 84 13.83 6.56 -1.33
CA GLU A 84 14.40 7.38 -0.26
C GLU A 84 13.30 8.06 0.54
N GLY A 85 12.57 8.96 -0.11
CA GLY A 85 11.50 9.67 0.57
C GLY A 85 10.44 8.74 1.12
N ASP A 86 10.00 7.80 0.29
CA ASP A 86 8.98 6.84 0.70
C ASP A 86 9.47 5.99 1.87
N GLN A 87 10.72 5.58 1.81
CA GLN A 87 11.31 4.76 2.87
C GLN A 87 11.36 5.53 4.19
N GLN A 88 11.79 6.78 4.12
CA GLN A 88 11.89 7.62 5.31
C GLN A 88 10.51 7.87 5.91
N LEU A 89 9.57 8.27 5.06
CA LEU A 89 8.21 8.55 5.50
C LEU A 89 7.58 7.31 6.12
N LEU A 90 7.73 6.17 5.46
CA LEU A 90 7.18 4.92 5.94
C LEU A 90 7.65 4.61 7.36
N LYS A 91 8.86 5.05 7.67
CA LYS A 91 9.44 4.82 8.99
C LYS A 91 8.65 5.55 10.07
N ARG A 92 8.60 6.88 9.96
CA ARG A 92 7.89 7.70 10.93
C ARG A 92 6.42 7.28 11.03
N VAL A 93 5.83 6.94 9.88
CA VAL A 93 4.43 6.53 9.85
C VAL A 93 4.22 5.22 10.60
N LEU A 94 5.06 4.24 10.32
CA LEU A 94 4.96 2.94 10.97
C LEU A 94 5.01 3.07 12.49
N VAL A 95 6.08 3.68 12.99
CA VAL A 95 6.24 3.88 14.43
C VAL A 95 5.07 4.64 15.03
N ARG A 96 4.42 5.46 14.21
CA ARG A 96 3.27 6.24 14.67
C ARG A 96 2.03 5.36 14.81
N LYS A 97 1.92 4.37 13.93
CA LYS A 97 0.79 3.45 13.98
C LYS A 97 0.98 2.37 15.03
N LEU A 98 2.19 1.82 15.09
CA LEU A 98 2.51 0.77 16.06
C LEU A 98 2.70 1.36 17.45
N SER A 99 3.68 2.25 17.58
CA SER A 99 3.97 2.89 18.85
C SER A 99 3.32 4.27 18.94
N GLY A 100 3.24 4.81 20.15
CA GLY A 100 2.64 6.12 20.34
C GLY A 100 1.16 6.04 20.67
N PRO A 101 0.82 5.69 21.92
CA PRO A 101 -0.58 5.58 22.36
C PRO A 101 -1.38 6.83 22.05
N SER A 102 -0.80 8.00 22.35
CA SER A 102 -1.46 9.27 22.10
C SER A 102 -0.52 10.24 21.40
N SER A 103 -1.07 11.37 20.95
CA SER A 103 -0.27 12.38 20.26
C SER A 103 -0.51 13.76 20.86
N GLY A 104 -1.76 14.23 20.79
CA GLY A 104 -2.09 15.54 21.33
C GLY A 104 -3.17 16.24 20.53
N GLY A 1 7.31 5.14 -12.00
CA GLY A 1 8.70 5.45 -12.43
C GLY A 1 8.85 5.52 -13.94
N SER A 2 8.23 4.58 -14.64
CA SER A 2 8.29 4.55 -16.09
C SER A 2 9.73 4.39 -16.57
N SER A 3 10.55 3.70 -15.77
CA SER A 3 11.95 3.48 -16.12
C SER A 3 12.14 2.13 -16.79
N GLY A 4 11.43 1.12 -16.30
CA GLY A 4 11.54 -0.21 -16.87
C GLY A 4 11.02 -1.28 -15.94
N SER A 5 11.88 -1.77 -15.06
CA SER A 5 11.50 -2.81 -14.11
C SER A 5 12.32 -2.70 -12.83
N SER A 6 12.01 -3.56 -11.86
CA SER A 6 12.72 -3.57 -10.59
C SER A 6 12.48 -4.87 -9.83
N GLY A 7 11.22 -5.31 -9.81
CA GLY A 7 10.89 -6.54 -9.12
C GLY A 7 9.71 -6.37 -8.17
N VAL A 8 8.69 -5.65 -8.61
CA VAL A 8 7.51 -5.41 -7.80
C VAL A 8 6.34 -6.25 -8.27
N SER A 9 6.19 -6.37 -9.59
CA SER A 9 5.11 -7.14 -10.18
C SER A 9 5.24 -8.63 -9.80
N GLN A 10 6.48 -9.09 -9.66
CA GLN A 10 6.74 -10.48 -9.32
C GLN A 10 6.13 -10.82 -7.96
N ARG A 11 6.08 -9.83 -7.07
CA ARG A 11 5.52 -10.04 -5.74
C ARG A 11 3.99 -10.11 -5.79
N PRO A 12 3.37 -10.72 -4.77
CA PRO A 12 1.91 -10.85 -4.71
C PRO A 12 1.20 -9.53 -4.93
N PHE A 13 -0.05 -9.59 -5.39
CA PHE A 13 -0.84 -8.39 -5.64
C PHE A 13 -1.21 -7.70 -4.33
N ARG A 14 -1.39 -8.49 -3.27
CA ARG A 14 -1.75 -7.96 -1.97
C ARG A 14 -0.60 -7.14 -1.39
N ASP A 15 0.62 -7.62 -1.57
CA ASP A 15 1.80 -6.94 -1.06
C ASP A 15 2.02 -5.62 -1.79
N ARG A 16 1.65 -5.58 -3.07
CA ARG A 16 1.81 -4.38 -3.87
C ARG A 16 0.91 -3.26 -3.37
N VAL A 17 -0.40 -3.53 -3.34
CA VAL A 17 -1.37 -2.54 -2.89
C VAL A 17 -1.18 -2.23 -1.40
N LEU A 18 -0.75 -3.24 -0.64
CA LEU A 18 -0.53 -3.07 0.78
C LEU A 18 0.51 -1.99 1.06
N HIS A 19 1.66 -2.10 0.40
CA HIS A 19 2.74 -1.14 0.56
C HIS A 19 2.28 0.26 0.17
N LEU A 20 1.36 0.33 -0.79
CA LEU A 20 0.84 1.61 -1.26
C LEU A 20 0.08 2.33 -0.14
N LEU A 21 -0.86 1.62 0.48
CA LEU A 21 -1.66 2.18 1.56
C LEU A 21 -0.79 2.48 2.78
N ALA A 22 0.28 1.70 2.94
CA ALA A 22 1.18 1.88 4.07
C ALA A 22 1.77 3.29 4.08
N LEU A 23 2.25 3.74 2.93
CA LEU A 23 2.84 5.08 2.81
C LEU A 23 1.82 6.15 3.18
N ARG A 24 0.67 6.12 2.51
CA ARG A 24 -0.38 7.10 2.77
C ARG A 24 -1.70 6.64 2.14
N PRO A 25 -2.84 7.20 2.61
CA PRO A 25 -4.16 6.85 2.09
C PRO A 25 -4.24 6.97 0.57
N TYR A 26 -4.69 5.90 -0.07
CA TYR A 26 -4.82 5.87 -1.53
C TYR A 26 -6.25 5.55 -1.95
N ARG A 27 -6.90 6.51 -2.58
CA ARG A 27 -8.28 6.33 -3.04
C ARG A 27 -8.36 5.19 -4.05
N LYS A 28 -9.59 4.87 -4.46
CA LYS A 28 -9.81 3.80 -5.43
C LYS A 28 -9.28 4.19 -6.80
N ALA A 29 -9.54 5.42 -7.21
CA ALA A 29 -9.08 5.91 -8.51
C ALA A 29 -7.58 6.19 -8.49
N GLU A 30 -7.11 6.83 -7.43
CA GLU A 30 -5.70 7.15 -7.31
C GLU A 30 -4.85 5.88 -7.24
N LEU A 31 -5.36 4.88 -6.52
CA LEU A 31 -4.65 3.61 -6.37
C LEU A 31 -4.74 2.79 -7.65
N LEU A 32 -5.84 2.96 -8.39
CA LEU A 32 -6.05 2.23 -9.63
C LEU A 32 -5.05 2.69 -10.71
N LEU A 33 -4.77 3.98 -10.72
CA LEU A 33 -3.84 4.54 -11.70
C LEU A 33 -2.40 4.17 -11.35
N ARG A 34 -2.08 4.18 -10.06
CA ARG A 34 -0.74 3.86 -9.60
C ARG A 34 -0.36 2.44 -10.02
N LEU A 35 -1.20 1.47 -9.67
CA LEU A 35 -0.95 0.08 -10.01
C LEU A 35 -0.83 -0.10 -11.52
N GLN A 36 -1.53 0.73 -12.27
CA GLN A 36 -1.49 0.67 -13.73
C GLN A 36 -0.07 0.87 -14.25
N LYS A 37 0.72 1.64 -13.50
CA LYS A 37 2.10 1.91 -13.89
C LYS A 37 2.91 0.62 -14.02
N ASP A 38 2.72 -0.28 -13.06
CA ASP A 38 3.42 -1.56 -13.07
C ASP A 38 2.72 -2.56 -13.99
N GLY A 39 1.39 -2.47 -14.06
CA GLY A 39 0.63 -3.37 -14.90
C GLY A 39 -0.64 -3.85 -14.23
N LEU A 40 -1.68 -3.03 -14.28
CA LEU A 40 -2.96 -3.38 -13.68
C LEU A 40 -3.98 -3.78 -14.75
N THR A 41 -4.36 -5.05 -14.73
CA THR A 41 -5.33 -5.56 -15.69
C THR A 41 -6.75 -5.47 -15.14
N GLN A 42 -7.72 -5.94 -15.93
CA GLN A 42 -9.12 -5.92 -15.52
C GLN A 42 -9.33 -6.80 -14.29
N ALA A 43 -8.63 -7.92 -14.25
CA ALA A 43 -8.74 -8.86 -13.13
C ALA A 43 -8.31 -8.21 -11.82
N ASP A 44 -7.30 -7.36 -11.91
CA ASP A 44 -6.77 -6.67 -10.73
C ASP A 44 -7.59 -5.41 -10.43
N LYS A 45 -8.11 -4.79 -11.48
CA LYS A 45 -8.91 -3.58 -11.33
C LYS A 45 -10.13 -3.83 -10.45
N ASP A 46 -10.75 -5.01 -10.62
CA ASP A 46 -11.92 -5.37 -9.85
C ASP A 46 -11.53 -5.93 -8.48
N ALA A 47 -10.43 -6.68 -8.45
CA ALA A 47 -9.95 -7.28 -7.22
C ALA A 47 -9.53 -6.21 -6.21
N LEU A 48 -9.13 -5.05 -6.73
CA LEU A 48 -8.69 -3.94 -5.88
C LEU A 48 -9.79 -3.55 -4.89
N ASP A 49 -11.02 -3.47 -5.38
CA ASP A 49 -12.16 -3.10 -4.53
C ASP A 49 -12.31 -4.08 -3.37
N GLY A 50 -12.31 -5.37 -3.69
CA GLY A 50 -12.44 -6.38 -2.66
C GLY A 50 -11.23 -6.46 -1.76
N LEU A 51 -10.08 -6.07 -2.28
CA LEU A 51 -8.84 -6.10 -1.51
C LEU A 51 -8.78 -4.94 -0.52
N LEU A 52 -9.02 -3.73 -1.02
CA LEU A 52 -9.00 -2.54 -0.17
C LEU A 52 -10.04 -2.65 0.94
N GLN A 53 -11.15 -3.29 0.65
CA GLN A 53 -12.22 -3.46 1.62
C GLN A 53 -11.81 -4.43 2.73
N GLN A 54 -10.87 -5.32 2.41
CA GLN A 54 -10.40 -6.30 3.39
C GLN A 54 -9.12 -5.81 4.07
N VAL A 55 -8.15 -5.40 3.27
CA VAL A 55 -6.87 -4.91 3.79
C VAL A 55 -6.86 -3.39 3.86
N ALA A 56 -8.02 -2.80 4.08
CA ALA A 56 -8.13 -1.34 4.17
C ALA A 56 -9.56 -0.92 4.49
N ASN A 57 -9.73 0.35 4.85
CA ASN A 57 -11.04 0.88 5.18
C ASN A 57 -11.45 1.96 4.20
N MET A 58 -12.62 2.56 4.43
CA MET A 58 -13.12 3.61 3.56
C MET A 58 -13.70 4.77 4.37
N SER A 59 -13.67 5.97 3.80
CA SER A 59 -14.18 7.15 4.48
C SER A 59 -15.57 7.52 3.95
N ALA A 60 -16.25 8.40 4.67
CA ALA A 60 -17.59 8.83 4.28
C ALA A 60 -17.61 10.33 3.96
N LYS A 61 -16.57 10.79 3.29
CA LYS A 61 -16.46 12.21 2.92
C LYS A 61 -15.74 12.37 1.59
N ASP A 62 -14.56 11.75 1.47
CA ASP A 62 -13.78 11.83 0.25
C ASP A 62 -13.81 10.50 -0.50
N GLY A 63 -13.72 9.41 0.24
CA GLY A 63 -13.74 8.09 -0.37
C GLY A 63 -12.34 7.50 -0.51
N THR A 64 -11.44 7.89 0.39
CA THR A 64 -10.07 7.40 0.36
C THR A 64 -9.95 6.09 1.14
N CYS A 65 -8.94 5.30 0.81
CA CYS A 65 -8.71 4.03 1.48
C CYS A 65 -7.48 4.11 2.39
N THR A 66 -7.69 3.87 3.67
CA THR A 66 -6.62 3.92 4.65
C THR A 66 -6.24 2.51 5.12
N LEU A 67 -4.95 2.28 5.33
CA LEU A 67 -4.47 0.98 5.78
C LEU A 67 -4.71 0.80 7.27
N GLN A 68 -5.08 -0.42 7.66
CA GLN A 68 -5.34 -0.72 9.07
C GLN A 68 -4.04 -0.71 9.88
N ASP A 69 -4.14 -0.31 11.14
CA ASP A 69 -2.97 -0.26 12.02
C ASP A 69 -2.34 -1.64 12.17
N CYS A 70 -3.16 -2.67 12.08
CA CYS A 70 -2.69 -4.04 12.22
C CYS A 70 -2.09 -4.54 10.90
N MET A 71 -2.69 -4.13 9.79
CA MET A 71 -2.22 -4.53 8.47
C MET A 71 -0.77 -4.09 8.25
N TYR A 72 -0.38 -3.02 8.92
CA TYR A 72 0.98 -2.49 8.79
C TYR A 72 2.01 -3.57 9.13
N LYS A 73 1.61 -4.52 9.97
CA LYS A 73 2.51 -5.61 10.37
C LYS A 73 2.99 -6.40 9.17
N ASP A 74 2.25 -6.31 8.06
CA ASP A 74 2.61 -7.03 6.84
C ASP A 74 3.38 -6.13 5.88
N VAL A 75 4.16 -5.21 6.44
CA VAL A 75 4.95 -4.29 5.63
C VAL A 75 6.44 -4.61 5.73
N GLN A 76 6.93 -5.42 4.81
CA GLN A 76 8.34 -5.81 4.80
C GLN A 76 9.23 -4.58 4.65
N LYS A 77 10.43 -4.66 5.22
CA LYS A 77 11.39 -3.56 5.14
C LYS A 77 12.41 -3.79 4.03
N ASP A 78 12.00 -4.53 3.00
CA ASP A 78 12.88 -4.83 1.89
C ASP A 78 12.12 -4.77 0.56
N TRP A 79 11.07 -3.95 0.52
CA TRP A 79 10.27 -3.79 -0.69
C TRP A 79 11.08 -3.13 -1.80
N PRO A 80 11.03 -3.69 -3.02
CA PRO A 80 11.76 -3.13 -4.16
C PRO A 80 11.10 -1.89 -4.75
N GLY A 81 9.95 -1.52 -4.20
CA GLY A 81 9.24 -0.35 -4.69
C GLY A 81 9.80 0.94 -4.14
N TYR A 82 10.13 0.95 -2.85
CA TYR A 82 10.69 2.13 -2.21
C TYR A 82 12.11 2.40 -2.68
N SER A 83 12.76 3.39 -2.09
CA SER A 83 14.13 3.74 -2.44
C SER A 83 14.83 4.46 -1.30
N GLU A 84 14.45 5.71 -1.06
CA GLU A 84 15.04 6.50 0.01
C GLU A 84 14.02 7.48 0.58
N GLY A 85 13.45 8.31 -0.29
CA GLY A 85 12.48 9.29 0.15
C GLY A 85 11.24 8.65 0.73
N ASP A 86 10.87 7.48 0.20
CA ASP A 86 9.70 6.76 0.68
C ASP A 86 10.04 5.88 1.89
N GLN A 87 11.27 5.39 1.91
CA GLN A 87 11.74 4.54 3.01
C GLN A 87 11.68 5.28 4.34
N GLN A 88 12.12 6.54 4.33
CA GLN A 88 12.12 7.36 5.53
C GLN A 88 10.70 7.69 5.96
N LEU A 89 9.85 8.00 4.98
CA LEU A 89 8.47 8.35 5.26
C LEU A 89 7.69 7.14 5.79
N LEU A 90 8.11 5.95 5.37
CA LEU A 90 7.46 4.71 5.79
C LEU A 90 7.67 4.47 7.29
N LYS A 91 8.79 4.97 7.81
CA LYS A 91 9.11 4.81 9.23
C LYS A 91 8.18 5.64 10.10
N ARG A 92 8.06 6.93 9.77
CA ARG A 92 7.21 7.84 10.52
C ARG A 92 5.76 7.35 10.53
N VAL A 93 5.38 6.61 9.50
CA VAL A 93 4.02 6.09 9.39
C VAL A 93 3.79 4.94 10.34
N LEU A 94 4.75 4.00 10.38
CA LEU A 94 4.65 2.84 11.26
C LEU A 94 4.57 3.27 12.72
N VAL A 95 5.19 4.40 13.04
CA VAL A 95 5.18 4.92 14.40
C VAL A 95 3.97 5.81 14.64
N ARG A 96 3.69 6.69 13.70
CA ARG A 96 2.55 7.60 13.81
C ARG A 96 1.24 6.83 13.91
N LYS A 97 1.18 5.69 13.24
CA LYS A 97 0.00 4.85 13.25
C LYS A 97 -0.07 4.01 14.52
N LEU A 98 1.00 3.25 14.77
CA LEU A 98 1.06 2.40 15.95
C LEU A 98 1.35 3.23 17.20
N SER A 99 0.34 3.38 18.05
CA SER A 99 0.49 4.14 19.29
C SER A 99 0.85 5.59 18.98
N GLY A 100 -0.11 6.49 19.20
CA GLY A 100 0.13 7.90 18.94
C GLY A 100 0.43 8.68 20.20
N PRO A 101 -0.60 9.11 20.95
CA PRO A 101 -0.42 9.86 22.19
C PRO A 101 0.18 9.01 23.31
N SER A 102 0.39 9.63 24.47
CA SER A 102 0.95 8.93 25.61
C SER A 102 0.00 7.85 26.12
N SER A 103 -1.29 8.19 26.17
CA SER A 103 -2.30 7.25 26.64
C SER A 103 -2.04 6.83 28.08
N GLY A 104 -2.84 5.88 28.57
CA GLY A 104 -2.68 5.41 29.93
C GLY A 104 -2.72 3.91 30.04
#